data_1V9L
#
_entry.id   1V9L
#
_cell.length_a   104.210
_cell.length_b   165.880
_cell.length_c   181.350
_cell.angle_alpha   90.00
_cell.angle_beta   90.00
_cell.angle_gamma   90.00
#
_symmetry.space_group_name_H-M   'P 21 21 21'
#
loop_
_entity.id
_entity.type
_entity.pdbx_description
1 polymer 'glutamate dehydrogenase'
2 non-polymer NICOTINAMIDE-ADENINE-DINUCLEOTIDE
3 water water
#
_entity_poly.entity_id   1
_entity_poly.type   'polypeptide(L)'
_entity_poly.pdbx_seq_one_letter_code
;MERTGFLEYVLNYVKKGVELGGFPEDFYKILSRPRRVLIVNIPVRLDGGGFEVFEGYRVQHCDVLGPYKGGVRFHPEVTL
ADDVALAILMTLKNSLAGLPYGGAKGAVRVDPKKLSQRELEELSRGYARAIAPLIGDVVDIPAPDVGTNAQIMAWMVDEY
SKIKGYNVPGVFTSKPPELWGNPVREYATGFGVAVATREMAKKLWGGIEGKTVAIQGMGNVGRWTAYWLEKMGAKVIAVS
DINGVAYRKEGLNVELIQKNKGLTGPALVELFTTKDNAEFVKNPDAIFKLDVDIFVPAAIENVIRGDNAGLVKARLVVEG
ANGPTTPEAERILYERGVVVVPDILANAGGVIMSYLEWVENLQWYIWDEEETRKRLENIMVNNVERVYKRWQREKGWTMR
DAAIVTALERIYNAMKIRGWI
;
_entity_poly.pdbx_strand_id   A,B,C,D,E,F
#
# COMPACT_ATOMS: atom_id res chain seq x y z
N THR A 4 32.43 -18.16 -14.24
CA THR A 4 33.21 -17.15 -13.48
C THR A 4 34.46 -16.78 -14.27
N GLY A 5 34.61 -17.34 -15.47
CA GLY A 5 35.78 -17.03 -16.29
C GLY A 5 35.63 -15.63 -16.86
N PHE A 6 34.42 -15.32 -17.32
CA PHE A 6 34.10 -14.02 -17.88
C PHE A 6 34.00 -13.02 -16.73
N LEU A 7 33.53 -13.48 -15.57
CA LEU A 7 33.38 -12.61 -14.41
C LEU A 7 34.76 -12.09 -13.99
N GLU A 8 35.67 -13.01 -13.70
CA GLU A 8 37.03 -12.66 -13.29
C GLU A 8 37.64 -11.68 -14.27
N TYR A 9 37.17 -11.76 -15.51
CA TYR A 9 37.64 -10.89 -16.57
C TYR A 9 37.06 -9.50 -16.33
N VAL A 10 35.74 -9.43 -16.20
CA VAL A 10 35.05 -8.18 -15.97
C VAL A 10 35.52 -7.53 -14.67
N LEU A 11 35.76 -8.32 -13.63
CA LEU A 11 36.21 -7.77 -12.35
C LEU A 11 37.59 -7.13 -12.46
N ASN A 12 38.54 -7.87 -13.06
CA ASN A 12 39.88 -7.36 -13.23
C ASN A 12 39.81 -6.12 -14.10
N TYR A 13 38.94 -6.18 -15.10
CA TYR A 13 38.75 -5.08 -16.03
C TYR A 13 38.31 -3.82 -15.30
N VAL A 14 37.49 -4.02 -14.28
CA VAL A 14 36.97 -2.95 -13.45
C VAL A 14 38.07 -2.48 -12.48
N LYS A 15 38.76 -3.44 -11.86
CA LYS A 15 39.83 -3.14 -10.91
C LYS A 15 40.82 -2.15 -11.49
N LYS A 16 41.21 -2.37 -12.76
CA LYS A 16 42.14 -1.50 -13.43
C LYS A 16 41.63 -0.07 -13.40
N GLY A 17 40.34 0.11 -13.70
CA GLY A 17 39.76 1.44 -13.69
C GLY A 17 39.76 2.07 -12.31
N VAL A 18 39.58 1.25 -11.28
CA VAL A 18 39.56 1.74 -9.92
C VAL A 18 40.94 2.23 -9.51
N GLU A 19 41.97 1.63 -10.12
CA GLU A 19 43.34 2.01 -9.83
C GLU A 19 43.82 3.23 -10.64
N LEU A 20 43.33 3.36 -11.87
CA LEU A 20 43.70 4.48 -12.73
C LEU A 20 43.03 5.75 -12.26
N GLY A 21 41.86 5.60 -11.67
CA GLY A 21 41.11 6.76 -11.19
C GLY A 21 41.49 7.21 -9.80
N GLY A 22 42.38 6.47 -9.16
CA GLY A 22 42.83 6.81 -7.82
C GLY A 22 41.70 6.67 -6.83
N PHE A 23 40.99 5.54 -6.87
CA PHE A 23 39.88 5.33 -5.97
C PHE A 23 40.31 4.38 -4.87
N PRO A 24 39.61 4.41 -3.71
CA PRO A 24 39.91 3.56 -2.56
C PRO A 24 39.44 2.13 -2.82
N GLU A 25 40.10 1.16 -2.19
CA GLU A 25 39.73 -0.22 -2.42
C GLU A 25 38.29 -0.47 -1.99
N ASP A 26 37.79 0.35 -1.07
CA ASP A 26 36.42 0.19 -0.61
C ASP A 26 35.42 0.30 -1.75
N PHE A 27 35.61 1.28 -2.61
CA PHE A 27 34.73 1.49 -3.76
C PHE A 27 34.59 0.20 -4.57
N TYR A 28 35.73 -0.46 -4.76
CA TYR A 28 35.81 -1.71 -5.50
C TYR A 28 35.02 -2.80 -4.79
N LYS A 29 35.29 -3.00 -3.50
CA LYS A 29 34.58 -4.01 -2.74
C LYS A 29 33.10 -4.00 -3.00
N ILE A 30 32.50 -2.82 -2.93
CA ILE A 30 31.06 -2.66 -3.13
C ILE A 30 30.62 -2.92 -4.55
N LEU A 31 31.40 -2.44 -5.50
CA LEU A 31 31.04 -2.65 -6.89
C LEU A 31 31.23 -4.11 -7.30
N SER A 32 32.14 -4.80 -6.61
CA SER A 32 32.46 -6.20 -6.92
C SER A 32 31.29 -7.13 -6.83
N ARG A 33 30.55 -6.98 -5.74
CA ARG A 33 29.40 -7.80 -5.44
C ARG A 33 28.10 -7.02 -5.71
N PRO A 34 27.11 -7.65 -6.36
CA PRO A 34 25.81 -7.03 -6.67
C PRO A 34 24.95 -6.88 -5.41
N ARG A 35 24.07 -5.89 -5.38
CA ARG A 35 23.22 -5.68 -4.22
C ARG A 35 22.24 -6.81 -3.99
N ARG A 36 21.51 -7.18 -5.00
CA ARG A 36 20.52 -8.18 -4.76
C ARG A 36 20.36 -9.14 -5.94
N VAL A 37 20.10 -10.42 -5.66
CA VAL A 37 19.94 -11.43 -6.71
C VAL A 37 18.75 -12.34 -6.43
N LEU A 38 17.73 -12.26 -7.29
CA LEU A 38 16.52 -13.06 -7.10
C LEU A 38 16.51 -14.23 -8.06
N ILE A 39 16.66 -15.42 -7.50
CA ILE A 39 16.65 -16.64 -8.28
C ILE A 39 15.27 -17.26 -8.14
N VAL A 40 14.66 -17.64 -9.25
CA VAL A 40 13.34 -18.24 -9.19
C VAL A 40 13.20 -19.43 -10.14
N ASN A 41 12.23 -20.29 -9.84
CA ASN A 41 11.95 -21.46 -10.66
C ASN A 41 10.50 -21.42 -11.15
N ILE A 42 10.35 -21.25 -12.46
CA ILE A 42 9.04 -21.17 -13.10
C ILE A 42 8.53 -22.53 -13.49
N PRO A 43 7.43 -22.97 -12.88
CA PRO A 43 6.81 -24.27 -13.15
C PRO A 43 5.83 -24.11 -14.32
N VAL A 44 6.30 -24.38 -15.53
CA VAL A 44 5.47 -24.25 -16.71
C VAL A 44 4.91 -25.60 -17.14
N ARG A 45 3.68 -25.62 -17.63
CA ARG A 45 3.11 -26.88 -18.08
C ARG A 45 3.26 -26.97 -19.61
N LEU A 46 4.06 -27.93 -20.08
CA LEU A 46 4.29 -28.12 -21.52
C LEU A 46 2.99 -28.41 -22.26
N ASP A 47 3.03 -28.42 -23.58
CA ASP A 47 1.82 -28.70 -24.37
C ASP A 47 1.36 -30.13 -24.18
N GLY A 48 1.46 -30.93 -25.23
CA GLY A 48 1.04 -32.31 -25.12
C GLY A 48 1.72 -32.97 -23.93
N GLY A 49 2.89 -32.46 -23.55
CA GLY A 49 3.63 -33.04 -22.43
C GLY A 49 3.05 -32.78 -21.05
N GLY A 50 3.90 -32.77 -20.04
CA GLY A 50 3.43 -32.53 -18.68
C GLY A 50 4.03 -31.30 -18.05
N PHE A 51 4.79 -31.52 -16.99
CA PHE A 51 5.39 -30.40 -16.28
C PHE A 51 6.88 -30.23 -16.51
N GLU A 52 7.33 -28.99 -16.36
CA GLU A 52 8.75 -28.66 -16.48
C GLU A 52 9.00 -27.39 -15.66
N VAL A 53 10.06 -27.40 -14.85
CA VAL A 53 10.39 -26.24 -14.01
C VAL A 53 11.62 -25.54 -14.54
N PHE A 54 11.47 -24.34 -15.07
CA PHE A 54 12.61 -23.61 -15.60
C PHE A 54 13.23 -22.71 -14.54
N GLU A 55 14.57 -22.73 -14.46
CA GLU A 55 15.28 -21.90 -13.50
C GLU A 55 15.56 -20.56 -14.16
N GLY A 56 15.35 -19.49 -13.42
CA GLY A 56 15.58 -18.16 -13.96
C GLY A 56 15.99 -17.20 -12.84
N TYR A 57 16.23 -15.95 -13.18
CA TYR A 57 16.65 -15.05 -12.14
C TYR A 57 16.80 -13.66 -12.70
N ARG A 58 17.07 -12.74 -11.79
CA ARG A 58 17.28 -11.34 -12.13
C ARG A 58 18.46 -10.85 -11.26
N VAL A 59 19.41 -10.18 -11.87
CA VAL A 59 20.53 -9.67 -11.10
C VAL A 59 20.38 -8.16 -11.00
N GLN A 60 20.51 -7.64 -9.78
CA GLN A 60 20.38 -6.22 -9.56
C GLN A 60 21.69 -5.80 -8.89
N HIS A 61 22.55 -5.20 -9.69
CA HIS A 61 23.88 -4.76 -9.28
C HIS A 61 24.04 -3.49 -8.43
N CYS A 62 23.74 -2.30 -9.00
CA CYS A 62 23.86 -1.01 -8.32
C CYS A 62 22.72 -0.02 -8.60
N ASP A 63 22.21 0.55 -7.52
CA ASP A 63 21.08 1.49 -7.48
C ASP A 63 21.50 2.85 -6.97
N VAL A 64 22.56 3.45 -7.49
CA VAL A 64 22.95 4.74 -6.93
C VAL A 64 22.56 5.90 -7.76
N LEU A 65 22.69 5.70 -9.06
CA LEU A 65 22.40 6.71 -10.05
C LEU A 65 20.91 6.78 -10.36
N GLY A 66 20.18 5.72 -10.02
CA GLY A 66 18.75 5.70 -10.28
C GLY A 66 18.28 4.26 -10.31
N PRO A 67 17.08 3.98 -10.88
CA PRO A 67 16.57 2.60 -10.94
C PRO A 67 17.38 1.62 -11.80
N TYR A 68 17.40 0.34 -11.40
CA TYR A 68 18.11 -0.72 -12.12
C TYR A 68 17.61 -0.74 -13.57
N LYS A 69 18.46 -1.16 -14.49
CA LYS A 69 18.12 -1.19 -15.92
C LYS A 69 18.93 -2.32 -16.55
N GLY A 70 18.24 -3.21 -17.26
CA GLY A 70 18.92 -4.33 -17.88
C GLY A 70 18.02 -5.32 -18.60
N GLY A 71 18.63 -6.10 -19.50
CA GLY A 71 17.88 -7.08 -20.26
C GLY A 71 17.83 -8.48 -19.67
N VAL A 72 16.97 -9.31 -20.26
CA VAL A 72 16.79 -10.70 -19.86
C VAL A 72 17.14 -11.63 -21.01
N ARG A 73 18.01 -12.60 -20.75
CA ARG A 73 18.40 -13.55 -21.79
C ARG A 73 17.62 -14.85 -21.68
N PHE A 74 17.31 -15.44 -22.82
CA PHE A 74 16.66 -16.76 -22.87
C PHE A 74 17.65 -17.64 -23.61
N HIS A 75 18.67 -18.12 -22.92
CA HIS A 75 19.65 -18.96 -23.56
C HIS A 75 19.87 -20.18 -22.68
N PRO A 76 20.06 -21.36 -23.30
CA PRO A 76 20.27 -22.59 -22.53
C PRO A 76 21.62 -22.73 -21.83
N GLU A 77 22.61 -22.01 -22.32
CA GLU A 77 23.94 -22.07 -21.72
C GLU A 77 24.20 -20.86 -20.87
N VAL A 78 23.18 -20.41 -20.16
CA VAL A 78 23.32 -19.25 -19.30
C VAL A 78 23.72 -19.62 -17.88
N THR A 79 24.64 -18.86 -17.31
CA THR A 79 25.11 -19.08 -15.95
C THR A 79 24.99 -17.79 -15.13
N LEU A 80 24.81 -17.94 -13.82
CA LEU A 80 24.64 -16.79 -12.94
C LEU A 80 25.82 -15.84 -12.92
N ALA A 81 27.01 -16.40 -12.86
CA ALA A 81 28.21 -15.58 -12.83
C ALA A 81 28.30 -14.71 -14.09
N ASP A 82 28.03 -15.25 -15.28
CA ASP A 82 28.12 -14.41 -16.46
C ASP A 82 27.17 -13.22 -16.38
N ASP A 83 25.94 -13.45 -15.94
CA ASP A 83 24.99 -12.36 -15.84
C ASP A 83 25.41 -11.34 -14.78
N VAL A 84 26.12 -11.79 -13.75
CA VAL A 84 26.55 -10.82 -12.76
C VAL A 84 27.51 -9.85 -13.46
N ALA A 85 28.46 -10.43 -14.20
CA ALA A 85 29.45 -9.69 -14.95
C ALA A 85 28.79 -8.76 -15.95
N LEU A 86 27.72 -9.23 -16.57
CA LEU A 86 27.02 -8.40 -17.53
C LEU A 86 26.28 -7.28 -16.84
N ALA A 87 25.77 -7.54 -15.65
CA ALA A 87 25.06 -6.49 -14.93
C ALA A 87 26.09 -5.47 -14.49
N ILE A 88 27.24 -5.92 -14.02
CA ILE A 88 28.27 -4.98 -13.61
C ILE A 88 28.63 -4.05 -14.78
N LEU A 89 28.60 -4.57 -16.00
CA LEU A 89 28.91 -3.76 -17.17
C LEU A 89 27.80 -2.77 -17.54
N MET A 90 26.58 -3.10 -17.12
CA MET A 90 25.40 -2.29 -17.37
C MET A 90 25.39 -1.07 -16.43
N THR A 91 26.12 -1.16 -15.32
CA THR A 91 26.25 -0.08 -14.34
C THR A 91 27.29 0.93 -14.77
N LEU A 92 28.28 0.43 -15.51
CA LEU A 92 29.34 1.27 -16.01
C LEU A 92 28.88 1.92 -17.29
N LYS A 93 28.19 1.15 -18.13
CA LYS A 93 27.71 1.69 -19.39
C LYS A 93 26.70 2.79 -19.19
N ASN A 94 25.78 2.58 -18.26
CA ASN A 94 24.73 3.55 -17.97
C ASN A 94 25.27 4.77 -17.27
N SER A 95 26.34 4.59 -16.52
CA SER A 95 26.95 5.71 -15.82
C SER A 95 27.68 6.59 -16.82
N LEU A 96 28.18 5.98 -17.89
CA LEU A 96 28.91 6.71 -18.90
C LEU A 96 27.96 7.37 -19.88
N ALA A 97 26.79 6.77 -20.08
CA ALA A 97 25.79 7.30 -21.01
C ALA A 97 25.01 8.46 -20.41
N GLY A 98 25.41 8.86 -19.20
CA GLY A 98 24.77 9.96 -18.50
C GLY A 98 23.30 9.69 -18.27
N LEU A 99 22.97 8.48 -17.85
CA LEU A 99 21.58 8.10 -17.58
C LEU A 99 21.40 7.86 -16.08
N PRO A 100 20.17 8.07 -15.56
CA PRO A 100 19.84 7.88 -14.14
C PRO A 100 19.48 6.41 -13.91
N TYR A 101 20.24 5.53 -14.55
CA TYR A 101 20.01 4.11 -14.49
C TYR A 101 21.10 3.36 -13.71
N GLY A 102 20.76 2.15 -13.27
CA GLY A 102 21.69 1.31 -12.55
C GLY A 102 22.03 0.10 -13.39
N GLY A 103 22.57 -0.94 -12.79
CA GLY A 103 22.90 -2.11 -13.55
C GLY A 103 22.08 -3.30 -13.10
N ALA A 104 21.52 -4.01 -14.08
CA ALA A 104 20.70 -5.21 -13.84
C ALA A 104 20.83 -6.11 -15.05
N LYS A 105 20.43 -7.36 -14.90
CA LYS A 105 20.49 -8.31 -16.00
C LYS A 105 19.70 -9.53 -15.58
N GLY A 106 18.84 -10.02 -16.47
CA GLY A 106 18.04 -11.20 -16.18
C GLY A 106 18.36 -12.33 -17.14
N ALA A 107 17.79 -13.51 -16.91
CA ALA A 107 18.01 -14.69 -17.75
C ALA A 107 17.15 -15.88 -17.38
N VAL A 108 16.86 -16.73 -18.36
CA VAL A 108 16.09 -17.94 -18.07
C VAL A 108 16.71 -19.06 -18.87
N ARG A 109 17.24 -20.06 -18.20
CA ARG A 109 17.86 -21.18 -18.90
C ARG A 109 16.80 -21.98 -19.64
N VAL A 110 16.69 -21.73 -20.94
CA VAL A 110 15.74 -22.42 -21.80
C VAL A 110 16.04 -22.12 -23.26
N ASP A 111 15.58 -23.00 -24.14
CA ASP A 111 15.78 -22.79 -25.55
C ASP A 111 14.49 -22.25 -26.16
N PRO A 112 14.40 -20.93 -26.34
CA PRO A 112 13.19 -20.36 -26.92
C PRO A 112 12.70 -21.08 -28.17
N LYS A 113 13.59 -21.30 -29.12
CA LYS A 113 13.23 -21.99 -30.36
C LYS A 113 13.16 -23.51 -30.13
N LYS A 114 12.38 -23.91 -29.14
CA LYS A 114 12.24 -25.31 -28.79
C LYS A 114 10.91 -25.51 -28.11
N LEU A 115 10.30 -24.38 -27.75
CA LEU A 115 9.00 -24.32 -27.07
C LEU A 115 7.98 -23.69 -28.00
N SER A 116 6.73 -24.08 -27.86
CA SER A 116 5.72 -23.51 -28.71
C SER A 116 5.37 -22.12 -28.25
N GLN A 117 4.62 -21.40 -29.08
CA GLN A 117 4.20 -20.07 -28.74
C GLN A 117 3.47 -20.07 -27.40
N ARG A 118 2.58 -21.04 -27.22
CA ARG A 118 1.82 -21.11 -25.99
C ARG A 118 2.76 -21.33 -24.82
N GLU A 119 3.79 -22.11 -25.03
CA GLU A 119 4.75 -22.37 -23.96
C GLU A 119 5.62 -21.16 -23.70
N LEU A 120 6.00 -20.45 -24.76
CA LEU A 120 6.82 -19.27 -24.62
C LEU A 120 6.10 -18.14 -23.88
N GLU A 121 4.78 -18.03 -24.09
CA GLU A 121 4.02 -16.99 -23.43
C GLU A 121 3.87 -17.34 -21.95
N GLU A 122 3.76 -18.64 -21.68
CA GLU A 122 3.59 -19.08 -20.30
C GLU A 122 4.87 -18.81 -19.50
N LEU A 123 6.01 -19.16 -20.06
CA LEU A 123 7.29 -18.94 -19.39
C LEU A 123 7.51 -17.45 -19.12
N SER A 124 7.26 -16.60 -20.13
CA SER A 124 7.43 -15.15 -19.99
C SER A 124 6.59 -14.59 -18.84
N ARG A 125 5.29 -14.88 -18.90
CA ARG A 125 4.36 -14.43 -17.88
C ARG A 125 4.78 -14.98 -16.54
N GLY A 126 5.25 -16.21 -16.55
CA GLY A 126 5.68 -16.81 -15.31
C GLY A 126 6.86 -16.05 -14.74
N TYR A 127 7.84 -15.79 -15.60
CA TYR A 127 9.01 -15.08 -15.16
C TYR A 127 8.65 -13.72 -14.56
N ALA A 128 7.95 -12.93 -15.36
CA ALA A 128 7.52 -11.59 -14.97
C ALA A 128 6.80 -11.61 -13.64
N ARG A 129 5.98 -12.62 -13.44
CA ARG A 129 5.21 -12.72 -12.23
C ARG A 129 6.02 -13.16 -11.02
N ALA A 130 7.05 -13.95 -11.27
CA ALA A 130 7.90 -14.48 -10.21
C ALA A 130 8.82 -13.40 -9.66
N ILE A 131 9.29 -12.53 -10.54
CA ILE A 131 10.17 -11.47 -10.08
C ILE A 131 9.42 -10.19 -9.74
N ALA A 132 8.13 -10.12 -10.08
CA ALA A 132 7.30 -8.94 -9.82
C ALA A 132 7.60 -8.21 -8.53
N PRO A 133 7.68 -8.94 -7.41
CA PRO A 133 7.96 -8.22 -6.16
C PRO A 133 9.22 -7.35 -6.08
N LEU A 134 10.15 -7.50 -7.02
CA LEU A 134 11.37 -6.69 -6.99
C LEU A 134 11.61 -5.81 -8.21
N ILE A 135 10.58 -5.52 -9.00
CA ILE A 135 10.76 -4.66 -10.16
C ILE A 135 9.63 -3.67 -10.26
N GLY A 136 9.85 -2.60 -10.98
CA GLY A 136 8.78 -1.62 -11.13
C GLY A 136 9.24 -0.51 -12.04
N ASP A 137 8.33 0.38 -12.42
CA ASP A 137 8.76 1.44 -13.31
C ASP A 137 9.74 2.39 -12.61
N VAL A 138 9.98 2.21 -11.32
CA VAL A 138 10.95 3.08 -10.64
C VAL A 138 11.91 2.29 -9.78
N VAL A 139 11.88 0.96 -9.87
CA VAL A 139 12.81 0.17 -9.10
C VAL A 139 13.70 -0.63 -10.06
N ASP A 140 13.11 -1.29 -11.06
CA ASP A 140 13.92 -2.06 -12.01
C ASP A 140 13.08 -2.34 -13.25
N ILE A 141 13.58 -1.87 -14.40
CA ILE A 141 12.94 -2.02 -15.71
C ILE A 141 13.76 -2.89 -16.67
N PRO A 142 13.30 -4.11 -16.94
CA PRO A 142 14.02 -5.02 -17.84
C PRO A 142 13.83 -4.66 -19.30
N ALA A 143 14.53 -5.39 -20.15
CA ALA A 143 14.49 -5.16 -21.57
C ALA A 143 14.82 -6.46 -22.29
N PRO A 144 14.66 -6.48 -23.62
CA PRO A 144 14.96 -7.69 -24.39
C PRO A 144 16.46 -7.95 -24.48
N ASP A 145 16.82 -9.21 -24.76
CA ASP A 145 18.21 -9.61 -24.95
C ASP A 145 18.35 -10.85 -25.84
N VAL A 146 19.49 -11.53 -25.79
CA VAL A 146 19.70 -12.68 -26.67
C VAL A 146 18.53 -13.60 -26.98
N GLY A 147 17.76 -14.02 -25.99
CA GLY A 147 16.70 -14.93 -26.35
C GLY A 147 15.32 -14.33 -26.35
N THR A 148 15.20 -13.13 -25.82
CA THR A 148 13.92 -12.44 -25.73
C THR A 148 13.84 -11.39 -26.83
N ASN A 149 12.66 -10.79 -26.98
CA ASN A 149 12.38 -9.76 -27.99
C ASN A 149 11.18 -8.89 -27.59
N ALA A 150 10.77 -8.00 -28.50
CA ALA A 150 9.65 -7.06 -28.26
C ALA A 150 8.35 -7.76 -27.89
N GLN A 151 8.09 -8.89 -28.54
CA GLN A 151 6.88 -9.66 -28.28
C GLN A 151 6.84 -10.20 -26.86
N ILE A 152 7.99 -10.64 -26.37
CA ILE A 152 8.07 -11.17 -25.01
C ILE A 152 7.92 -10.01 -24.01
N MET A 153 8.32 -8.81 -24.40
CA MET A 153 8.19 -7.67 -23.50
C MET A 153 6.69 -7.34 -23.38
N ALA A 154 5.94 -7.54 -24.46
CA ALA A 154 4.51 -7.26 -24.45
C ALA A 154 3.75 -8.19 -23.52
N TRP A 155 4.20 -9.43 -23.45
CA TRP A 155 3.53 -10.38 -22.58
C TRP A 155 3.78 -10.07 -21.11
N MET A 156 5.02 -9.74 -20.80
CA MET A 156 5.44 -9.43 -19.42
C MET A 156 4.78 -8.16 -18.91
N VAL A 157 4.72 -7.13 -19.76
CA VAL A 157 4.12 -5.84 -19.41
C VAL A 157 2.66 -6.13 -19.11
N ASP A 158 2.04 -6.94 -19.95
CA ASP A 158 0.64 -7.30 -19.75
C ASP A 158 0.46 -8.07 -18.46
N GLU A 159 1.33 -9.04 -18.22
CA GLU A 159 1.26 -9.85 -17.03
C GLU A 159 1.42 -9.00 -15.78
N TYR A 160 2.50 -8.24 -15.73
CA TYR A 160 2.78 -7.40 -14.59
C TYR A 160 1.62 -6.44 -14.40
N SER A 161 0.98 -6.07 -15.50
CA SER A 161 -0.12 -5.13 -15.43
C SER A 161 -1.39 -5.76 -14.86
N LYS A 162 -1.62 -7.01 -15.16
CA LYS A 162 -2.81 -7.65 -14.66
C LYS A 162 -2.69 -7.88 -13.16
N ILE A 163 -1.46 -7.87 -12.65
CA ILE A 163 -1.23 -8.07 -11.24
C ILE A 163 -1.46 -6.78 -10.48
N LYS A 164 -0.95 -5.68 -11.02
CA LYS A 164 -1.11 -4.40 -10.37
C LYS A 164 -2.56 -3.93 -10.43
N GLY A 165 -3.27 -4.29 -11.49
CA GLY A 165 -4.65 -3.85 -11.58
C GLY A 165 -4.84 -2.72 -12.56
N TYR A 166 -3.75 -2.19 -13.09
CA TYR A 166 -3.82 -1.09 -14.07
C TYR A 166 -2.59 -1.19 -14.98
N ASN A 167 -2.60 -0.41 -16.08
CA ASN A 167 -1.50 -0.38 -17.04
C ASN A 167 -0.24 0.29 -16.48
N VAL A 168 0.91 -0.38 -16.61
CA VAL A 168 2.19 0.14 -16.12
C VAL A 168 3.19 -0.04 -17.28
N PRO A 169 3.27 0.92 -18.21
CA PRO A 169 4.16 0.87 -19.38
C PRO A 169 5.65 0.98 -19.17
N GLY A 170 6.06 1.82 -18.23
CA GLY A 170 7.49 1.96 -18.03
C GLY A 170 8.16 0.86 -17.23
N VAL A 171 7.53 -0.32 -17.14
CA VAL A 171 8.16 -1.39 -16.36
C VAL A 171 9.01 -2.28 -17.28
N PHE A 172 8.84 -2.09 -18.58
CA PHE A 172 9.59 -2.81 -19.60
C PHE A 172 9.79 -1.93 -20.83
N THR A 173 11.04 -1.83 -21.28
CA THR A 173 11.32 -1.01 -22.46
C THR A 173 11.51 -1.88 -23.69
N SER A 174 11.61 -1.21 -24.84
CA SER A 174 11.78 -1.87 -26.11
C SER A 174 10.53 -2.67 -26.51
N LYS A 175 9.35 -2.14 -26.21
CA LYS A 175 8.10 -2.84 -26.56
C LYS A 175 7.48 -2.34 -27.87
N PRO A 176 6.66 -3.19 -28.52
CA PRO A 176 6.02 -2.83 -29.79
C PRO A 176 5.56 -1.37 -29.79
N PRO A 177 5.46 -0.76 -30.98
CA PRO A 177 5.03 0.63 -31.22
C PRO A 177 3.59 0.84 -30.76
N GLU A 178 2.82 -0.23 -30.85
CA GLU A 178 1.42 -0.23 -30.43
C GLU A 178 1.37 -0.16 -28.91
N LEU A 179 2.07 -1.06 -28.21
CA LEU A 179 2.06 -1.02 -26.75
C LEU A 179 2.95 0.07 -26.16
N TRP A 180 2.63 1.32 -26.46
CA TRP A 180 3.35 2.46 -25.92
C TRP A 180 4.85 2.38 -26.18
N GLY A 181 5.22 1.94 -27.38
CA GLY A 181 6.63 1.85 -27.72
C GLY A 181 7.09 3.09 -28.46
N ASN A 182 8.25 2.98 -29.11
CA ASN A 182 8.85 4.07 -29.88
C ASN A 182 9.65 3.57 -31.10
N PRO A 183 9.23 3.97 -32.30
CA PRO A 183 9.83 3.61 -33.58
C PRO A 183 11.36 3.76 -33.70
N VAL A 184 11.91 4.76 -33.04
CA VAL A 184 13.34 5.00 -33.13
C VAL A 184 14.22 3.90 -32.54
N ARG A 185 13.62 3.05 -31.71
CA ARG A 185 14.35 1.96 -31.09
C ARG A 185 14.90 0.97 -32.13
N GLU A 186 14.31 0.99 -33.31
CA GLU A 186 14.71 0.12 -34.40
C GLU A 186 16.10 0.45 -34.91
N TYR A 187 16.42 1.73 -35.00
CA TYR A 187 17.72 2.14 -35.48
C TYR A 187 18.48 3.00 -34.49
N ALA A 188 18.32 2.69 -33.20
CA ALA A 188 18.99 3.46 -32.14
C ALA A 188 20.50 3.22 -32.06
N THR A 189 20.91 1.96 -31.90
CA THR A 189 22.32 1.67 -31.77
C THR A 189 23.14 2.22 -32.94
N GLY A 190 22.69 1.95 -34.17
CA GLY A 190 23.38 2.42 -35.35
C GLY A 190 23.49 3.93 -35.35
N PHE A 191 22.34 4.59 -35.20
CA PHE A 191 22.31 6.06 -35.17
C PHE A 191 23.35 6.56 -34.16
N GLY A 192 23.40 5.92 -33.00
CA GLY A 192 24.35 6.31 -31.98
C GLY A 192 25.79 6.07 -32.37
N VAL A 193 26.02 5.06 -33.21
CA VAL A 193 27.37 4.73 -33.64
C VAL A 193 27.88 5.74 -34.65
N ALA A 194 26.95 6.23 -35.46
CA ALA A 194 27.28 7.23 -36.46
C ALA A 194 27.63 8.53 -35.75
N VAL A 195 26.69 9.03 -34.95
CA VAL A 195 26.91 10.28 -34.24
C VAL A 195 28.25 10.26 -33.51
N ALA A 196 28.57 9.12 -32.92
CA ALA A 196 29.80 9.00 -32.17
C ALA A 196 31.02 9.09 -33.06
N THR A 197 31.01 8.34 -34.16
CA THR A 197 32.13 8.33 -35.08
C THR A 197 32.27 9.72 -35.67
N ARG A 198 31.14 10.37 -35.94
CA ARG A 198 31.15 11.73 -36.50
C ARG A 198 31.86 12.71 -35.58
N GLU A 199 31.44 12.74 -34.33
CA GLU A 199 32.01 13.62 -33.33
C GLU A 199 33.50 13.38 -33.17
N MET A 200 33.91 12.14 -33.36
CA MET A 200 35.30 11.79 -33.18
C MET A 200 36.13 12.15 -34.41
N ALA A 201 35.47 12.28 -35.55
CA ALA A 201 36.14 12.65 -36.79
C ALA A 201 36.29 14.17 -36.87
N LYS A 202 35.54 14.88 -36.02
CA LYS A 202 35.63 16.33 -36.02
C LYS A 202 36.78 16.76 -35.12
N LYS A 203 37.05 15.97 -34.09
CA LYS A 203 38.10 16.29 -33.13
C LYS A 203 39.44 15.70 -33.53
N LEU A 204 39.45 14.94 -34.62
CA LEU A 204 40.67 14.32 -35.07
C LEU A 204 41.11 14.79 -36.46
N TRP A 205 40.13 15.15 -37.28
CA TRP A 205 40.42 15.61 -38.64
C TRP A 205 39.65 16.89 -38.95
N GLY A 206 39.17 17.57 -37.91
CA GLY A 206 38.40 18.79 -38.13
C GLY A 206 37.10 18.55 -38.88
N GLY A 207 36.88 17.32 -39.33
CA GLY A 207 35.66 17.02 -40.05
C GLY A 207 35.61 15.57 -40.47
N ILE A 208 34.43 15.10 -40.85
CA ILE A 208 34.26 13.72 -41.27
C ILE A 208 33.91 13.60 -42.74
N GLU A 209 33.53 14.73 -43.34
CA GLU A 209 33.13 14.78 -44.74
C GLU A 209 34.26 14.25 -45.64
N GLY A 210 33.86 13.41 -46.58
CA GLY A 210 34.80 12.84 -47.53
C GLY A 210 35.41 11.55 -47.03
N LYS A 211 35.47 11.38 -45.71
CA LYS A 211 36.07 10.18 -45.13
C LYS A 211 35.35 8.88 -45.50
N THR A 212 36.13 7.81 -45.71
CA THR A 212 35.57 6.51 -46.08
C THR A 212 35.39 5.59 -44.87
N VAL A 213 34.42 4.69 -44.97
CA VAL A 213 34.12 3.80 -43.89
C VAL A 213 33.82 2.39 -44.36
N ALA A 214 34.13 1.42 -43.51
CA ALA A 214 33.88 0.03 -43.83
C ALA A 214 33.25 -0.63 -42.61
N ILE A 215 32.01 -1.12 -42.75
CA ILE A 215 31.32 -1.76 -41.64
C ILE A 215 31.35 -3.28 -41.75
N GLN A 216 31.66 -3.95 -40.65
CA GLN A 216 31.72 -5.42 -40.60
C GLN A 216 30.42 -6.00 -40.03
N GLY A 217 29.58 -6.54 -40.91
CA GLY A 217 28.32 -7.12 -40.47
C GLY A 217 27.13 -6.22 -40.77
N MET A 218 26.14 -6.74 -41.50
CA MET A 218 24.96 -5.96 -41.86
C MET A 218 23.76 -6.32 -40.99
N GLY A 219 23.95 -6.15 -39.69
CA GLY A 219 22.91 -6.44 -38.74
C GLY A 219 22.14 -5.21 -38.35
N ASN A 220 21.42 -5.29 -37.23
CA ASN A 220 20.65 -4.17 -36.78
C ASN A 220 21.59 -3.00 -36.54
N VAL A 221 22.80 -3.28 -36.09
CA VAL A 221 23.78 -2.22 -35.80
C VAL A 221 24.46 -1.72 -37.07
N GLY A 222 25.14 -2.63 -37.75
CA GLY A 222 25.83 -2.28 -38.98
C GLY A 222 24.99 -1.67 -40.09
N ARG A 223 23.81 -2.24 -40.36
CA ARG A 223 22.98 -1.69 -41.43
C ARG A 223 22.57 -0.24 -41.19
N TRP A 224 22.41 0.15 -39.93
CA TRP A 224 22.01 1.53 -39.68
C TRP A 224 23.19 2.44 -39.45
N THR A 225 24.31 1.86 -39.02
CA THR A 225 25.50 2.66 -38.80
C THR A 225 25.96 3.20 -40.14
N ALA A 226 25.72 2.43 -41.20
CA ALA A 226 26.12 2.82 -42.54
C ALA A 226 25.16 3.83 -43.13
N TYR A 227 23.87 3.59 -42.92
CA TYR A 227 22.87 4.50 -43.43
C TYR A 227 23.06 5.92 -42.90
N TRP A 228 23.05 6.09 -41.58
CA TRP A 228 23.21 7.41 -40.97
C TRP A 228 24.60 7.99 -41.09
N LEU A 229 25.55 7.14 -41.37
CA LEU A 229 26.91 7.60 -41.50
C LEU A 229 26.99 8.32 -42.82
N GLU A 230 26.17 7.89 -43.78
CA GLU A 230 26.16 8.54 -45.08
C GLU A 230 25.48 9.91 -44.97
N LYS A 231 24.33 9.94 -44.29
CA LYS A 231 23.55 11.16 -44.08
C LYS A 231 24.33 12.28 -43.41
N MET A 232 25.49 11.95 -42.85
CA MET A 232 26.30 12.95 -42.15
C MET A 232 27.46 13.48 -42.97
N GLY A 233 27.79 12.78 -44.05
CA GLY A 233 28.88 13.22 -44.91
C GLY A 233 29.96 12.18 -45.17
N ALA A 234 29.86 11.05 -44.48
CA ALA A 234 30.85 9.99 -44.63
C ALA A 234 30.52 9.18 -45.87
N LYS A 235 31.49 8.39 -46.33
CA LYS A 235 31.29 7.56 -47.51
C LYS A 235 31.57 6.10 -47.22
N VAL A 236 30.51 5.30 -47.22
CA VAL A 236 30.62 3.87 -46.97
C VAL A 236 31.06 3.16 -48.23
N ILE A 237 32.26 2.60 -48.20
CA ILE A 237 32.79 1.90 -49.37
C ILE A 237 32.96 0.41 -49.18
N ALA A 238 32.43 -0.13 -48.08
CA ALA A 238 32.56 -1.57 -47.82
C ALA A 238 31.64 -2.03 -46.70
N VAL A 239 30.90 -3.12 -46.95
CA VAL A 239 30.00 -3.68 -45.96
C VAL A 239 30.04 -5.19 -46.07
N SER A 240 30.58 -5.84 -45.05
CA SER A 240 30.67 -7.28 -45.07
C SER A 240 29.59 -7.99 -44.24
N ASP A 241 29.65 -9.32 -44.26
CA ASP A 241 28.73 -10.17 -43.53
C ASP A 241 29.27 -11.58 -43.66
N ILE A 242 28.60 -12.54 -43.02
CA ILE A 242 29.05 -13.93 -43.09
C ILE A 242 29.39 -14.35 -44.51
N ASN A 243 28.47 -14.11 -45.45
CA ASN A 243 28.70 -14.47 -46.85
C ASN A 243 29.93 -13.77 -47.45
N GLY A 244 29.73 -12.58 -48.01
CA GLY A 244 30.85 -11.89 -48.62
C GLY A 244 30.98 -10.43 -48.23
N VAL A 245 31.69 -9.66 -49.05
CA VAL A 245 31.91 -8.25 -48.79
C VAL A 245 31.66 -7.42 -50.03
N ALA A 246 30.59 -6.63 -50.03
CA ALA A 246 30.25 -5.77 -51.16
C ALA A 246 31.17 -4.54 -51.16
N TYR A 247 31.61 -4.11 -52.34
CA TYR A 247 32.50 -2.94 -52.46
C TYR A 247 32.09 -1.93 -53.53
N ARG A 248 32.57 -0.69 -53.42
CA ARG A 248 32.25 0.34 -54.41
C ARG A 248 32.88 1.64 -53.93
N LYS A 249 34.00 1.99 -54.55
CA LYS A 249 34.74 3.20 -54.19
C LYS A 249 33.98 4.50 -54.41
N GLU A 250 33.08 4.51 -55.39
CA GLU A 250 32.27 5.69 -55.70
C GLU A 250 31.38 6.01 -54.52
N GLY A 251 31.04 4.97 -53.76
CA GLY A 251 30.18 5.14 -52.59
C GLY A 251 28.85 4.41 -52.66
N LEU A 252 28.71 3.33 -51.89
CA LEU A 252 27.48 2.56 -51.88
C LEU A 252 26.27 3.43 -51.59
N ASN A 253 25.14 2.99 -52.11
CA ASN A 253 23.91 3.72 -51.92
C ASN A 253 23.17 3.10 -50.76
N VAL A 254 23.59 3.48 -49.56
CA VAL A 254 23.03 2.98 -48.30
C VAL A 254 21.52 3.15 -48.20
N GLU A 255 20.98 4.00 -49.06
CA GLU A 255 19.56 4.27 -49.11
C GLU A 255 18.78 2.98 -49.37
N LEU A 256 19.49 1.95 -49.83
CA LEU A 256 18.89 0.65 -50.13
C LEU A 256 18.36 -0.07 -48.90
N ILE A 257 19.19 -0.10 -47.86
CA ILE A 257 18.88 -0.74 -46.60
C ILE A 257 17.59 -0.21 -46.00
N GLN A 258 17.28 1.04 -46.30
CA GLN A 258 16.06 1.64 -45.78
C GLN A 258 14.82 1.05 -46.44
N LYS A 259 14.87 0.91 -47.77
CA LYS A 259 13.75 0.34 -48.51
C LYS A 259 13.62 -1.16 -48.26
N ASN A 260 14.73 -1.83 -47.97
CA ASN A 260 14.71 -3.27 -47.72
C ASN A 260 14.95 -3.63 -46.27
N LYS A 261 14.55 -2.75 -45.36
CA LYS A 261 14.73 -3.01 -43.93
C LYS A 261 14.14 -4.38 -43.63
N GLY A 262 14.92 -5.23 -42.95
CA GLY A 262 14.47 -6.57 -42.63
C GLY A 262 14.80 -7.55 -43.74
N LEU A 263 15.68 -7.15 -44.63
CA LEU A 263 16.08 -8.00 -45.74
C LEU A 263 17.27 -8.86 -45.33
N THR A 264 17.26 -9.38 -44.00
CA THR A 264 18.35 -10.16 -43.40
C THR A 264 19.71 -9.46 -43.50
N GLY A 265 20.93 -9.80 -43.14
CA GLY A 265 22.26 -9.28 -43.41
C GLY A 265 22.90 -9.77 -44.68
N PRO A 266 23.04 -11.09 -44.81
CA PRO A 266 23.64 -11.69 -45.99
C PRO A 266 22.95 -11.29 -47.30
N ALA A 267 21.64 -11.07 -47.26
CA ALA A 267 20.91 -10.68 -48.48
C ALA A 267 21.24 -9.25 -48.87
N LEU A 268 21.38 -8.38 -47.88
CA LEU A 268 21.74 -7.00 -48.15
C LEU A 268 23.09 -6.93 -48.84
N VAL A 269 24.04 -7.74 -48.37
CA VAL A 269 25.39 -7.77 -48.95
C VAL A 269 25.36 -8.09 -50.44
N GLU A 270 24.60 -9.12 -50.81
CA GLU A 270 24.47 -9.54 -52.21
C GLU A 270 23.53 -8.60 -52.96
N LEU A 271 22.66 -7.92 -52.24
CA LEU A 271 21.71 -6.97 -52.82
C LEU A 271 22.51 -5.77 -53.31
N PHE A 272 23.64 -5.51 -52.67
CA PHE A 272 24.51 -4.41 -53.06
C PHE A 272 25.25 -4.75 -54.33
N THR A 273 25.26 -6.03 -54.69
CA THR A 273 25.93 -6.48 -55.89
C THR A 273 24.94 -6.51 -57.07
N THR A 274 23.66 -6.68 -56.77
CA THR A 274 22.58 -6.74 -57.77
C THR A 274 22.11 -5.35 -58.24
N LYS A 275 21.34 -4.66 -57.39
CA LYS A 275 20.82 -3.35 -57.72
C LYS A 275 21.92 -2.29 -57.73
N ASP A 276 23.07 -2.65 -57.16
CA ASP A 276 24.24 -1.79 -57.09
C ASP A 276 25.43 -2.55 -57.67
N ASN A 277 26.19 -1.90 -58.55
CA ASN A 277 27.34 -2.54 -59.20
C ASN A 277 28.55 -2.67 -58.27
N ALA A 278 28.35 -3.42 -57.19
CA ALA A 278 29.39 -3.64 -56.19
C ALA A 278 30.32 -4.77 -56.63
N GLU A 279 31.56 -4.71 -56.14
CA GLU A 279 32.55 -5.71 -56.49
C GLU A 279 32.60 -6.80 -55.42
N PHE A 280 31.55 -7.60 -55.35
CA PHE A 280 31.47 -8.67 -54.36
C PHE A 280 32.75 -9.49 -54.21
N VAL A 281 32.97 -10.03 -53.02
CA VAL A 281 34.16 -10.83 -52.77
C VAL A 281 33.75 -12.16 -52.20
N LYS A 282 34.48 -13.21 -52.54
CA LYS A 282 34.15 -14.52 -52.04
C LYS A 282 34.95 -14.87 -50.78
N ASN A 283 35.06 -13.94 -49.85
CA ASN A 283 35.81 -14.19 -48.62
C ASN A 283 35.59 -13.05 -47.66
N PRO A 284 34.84 -13.29 -46.57
CA PRO A 284 34.56 -12.23 -45.58
C PRO A 284 35.72 -11.96 -44.60
N ASP A 285 36.71 -11.18 -45.02
CA ASP A 285 37.85 -10.86 -44.16
C ASP A 285 38.71 -9.78 -44.82
N ALA A 286 38.31 -9.36 -46.00
CA ALA A 286 39.08 -8.34 -46.69
C ALA A 286 38.95 -6.99 -46.00
N ILE A 287 37.75 -6.68 -45.51
CA ILE A 287 37.52 -5.40 -44.84
C ILE A 287 38.68 -5.01 -43.95
N PHE A 288 39.27 -5.98 -43.26
CA PHE A 288 40.37 -5.70 -42.35
C PHE A 288 41.57 -5.05 -43.01
N LYS A 289 41.84 -5.48 -44.24
CA LYS A 289 42.98 -4.97 -44.98
C LYS A 289 42.64 -3.80 -45.91
N LEU A 290 41.38 -3.39 -45.92
CA LEU A 290 40.96 -2.26 -46.76
C LEU A 290 41.56 -0.95 -46.30
N ASP A 291 41.79 -0.07 -47.27
CA ASP A 291 42.36 1.24 -47.01
C ASP A 291 41.24 2.25 -46.78
N VAL A 292 40.62 2.19 -45.61
CA VAL A 292 39.53 3.11 -45.29
C VAL A 292 39.90 3.91 -44.05
N ASP A 293 39.44 5.15 -43.98
CA ASP A 293 39.72 5.99 -42.83
C ASP A 293 39.18 5.40 -41.54
N ILE A 294 37.91 5.03 -41.57
CA ILE A 294 37.25 4.48 -40.40
C ILE A 294 36.79 3.06 -40.58
N PHE A 295 37.05 2.23 -39.58
CA PHE A 295 36.64 0.83 -39.58
C PHE A 295 35.63 0.66 -38.44
N VAL A 296 34.53 -0.04 -38.74
CA VAL A 296 33.48 -0.25 -37.75
C VAL A 296 32.99 -1.69 -37.64
N PRO A 297 33.59 -2.46 -36.72
CA PRO A 297 33.14 -3.86 -36.57
C PRO A 297 31.81 -3.90 -35.82
N ALA A 298 30.72 -4.18 -36.54
CA ALA A 298 29.36 -4.24 -35.96
C ALA A 298 28.69 -5.63 -36.07
N ALA A 299 29.42 -6.68 -35.69
CA ALA A 299 28.91 -8.06 -35.79
C ALA A 299 29.16 -9.00 -34.59
N ILE A 300 30.44 -9.24 -34.27
CA ILE A 300 30.79 -10.13 -33.16
C ILE A 300 32.05 -9.67 -32.47
N GLU A 301 32.43 -10.38 -31.42
CA GLU A 301 33.61 -10.04 -30.65
C GLU A 301 34.83 -10.82 -31.11
N ASN A 302 35.97 -10.58 -30.47
CA ASN A 302 37.22 -11.26 -30.82
C ASN A 302 37.39 -11.24 -32.31
N VAL A 303 37.15 -10.09 -32.91
CA VAL A 303 37.25 -9.98 -34.33
C VAL A 303 38.57 -9.33 -34.76
N ILE A 304 39.28 -8.75 -33.79
CA ILE A 304 40.55 -8.08 -34.02
C ILE A 304 41.56 -8.40 -32.90
N ARG A 305 42.39 -9.43 -33.11
CA ARG A 305 43.37 -9.82 -32.09
C ARG A 305 44.84 -9.61 -32.52
N GLY A 306 45.75 -10.23 -31.78
CA GLY A 306 47.18 -10.10 -32.07
C GLY A 306 47.64 -10.81 -33.32
N ASP A 307 46.71 -11.45 -34.02
CA ASP A 307 47.08 -12.14 -35.24
C ASP A 307 46.67 -11.40 -36.50
N ASN A 308 45.94 -10.29 -36.37
CA ASN A 308 45.52 -9.53 -37.55
C ASN A 308 45.44 -8.05 -37.23
N ALA A 309 45.97 -7.69 -36.06
CA ALA A 309 45.93 -6.31 -35.61
C ALA A 309 46.78 -5.41 -36.50
N GLY A 310 47.93 -5.93 -36.91
CA GLY A 310 48.81 -5.17 -37.75
C GLY A 310 48.29 -5.03 -39.16
N LEU A 311 47.34 -5.88 -39.57
CA LEU A 311 46.84 -5.80 -40.92
C LEU A 311 45.79 -4.71 -41.14
N VAL A 312 45.25 -4.19 -40.05
CA VAL A 312 44.25 -3.13 -40.05
C VAL A 312 44.81 -1.85 -40.66
N LYS A 313 44.15 -1.30 -41.67
CA LYS A 313 44.65 -0.08 -42.28
C LYS A 313 43.97 1.17 -41.74
N ALA A 314 42.77 1.00 -41.21
CA ALA A 314 42.00 2.12 -40.66
C ALA A 314 42.84 3.02 -39.76
N ARG A 315 42.43 4.28 -39.66
CA ARG A 315 43.14 5.23 -38.82
C ARG A 315 42.23 5.57 -37.63
N LEU A 316 41.01 5.04 -37.69
CA LEU A 316 39.99 5.21 -36.64
C LEU A 316 39.06 3.98 -36.62
N VAL A 317 38.91 3.36 -35.44
CA VAL A 317 38.02 2.20 -35.29
C VAL A 317 36.92 2.50 -34.27
N VAL A 318 35.67 2.30 -34.68
CA VAL A 318 34.53 2.55 -33.82
C VAL A 318 33.82 1.24 -33.55
N GLU A 319 33.91 0.76 -32.31
CA GLU A 319 33.30 -0.50 -31.91
C GLU A 319 31.80 -0.48 -31.84
N GLY A 320 31.15 -0.99 -32.87
CA GLY A 320 29.71 -1.02 -32.84
C GLY A 320 29.25 -2.31 -32.18
N ALA A 321 30.19 -3.23 -31.98
CA ALA A 321 29.90 -4.52 -31.38
C ALA A 321 30.57 -4.62 -30.03
N ASN A 322 30.18 -5.62 -29.25
CA ASN A 322 30.78 -5.78 -27.93
C ASN A 322 32.09 -6.55 -27.94
N GLY A 323 33.14 -5.89 -27.46
CA GLY A 323 34.45 -6.51 -27.39
C GLY A 323 34.98 -7.08 -28.70
N PRO A 324 34.97 -6.29 -29.79
CA PRO A 324 35.47 -6.77 -31.08
C PRO A 324 37.00 -6.69 -31.13
N THR A 325 37.56 -5.82 -30.30
CA THR A 325 39.00 -5.59 -30.21
C THR A 325 39.58 -6.22 -28.98
N THR A 326 40.51 -7.14 -29.18
CA THR A 326 41.18 -7.85 -28.12
C THR A 326 42.13 -6.90 -27.36
N PRO A 327 42.42 -7.18 -26.08
CA PRO A 327 43.31 -6.30 -25.32
C PRO A 327 44.71 -6.14 -25.97
N GLU A 328 45.25 -7.23 -26.51
CA GLU A 328 46.56 -7.21 -27.16
C GLU A 328 46.49 -6.42 -28.46
N ALA A 329 45.38 -6.57 -29.16
CA ALA A 329 45.21 -5.85 -30.40
C ALA A 329 45.00 -4.36 -30.11
N GLU A 330 44.24 -4.09 -29.02
CA GLU A 330 44.01 -2.72 -28.58
C GLU A 330 45.33 -1.95 -28.46
N ARG A 331 46.36 -2.68 -27.96
CA ARG A 331 47.70 -2.13 -27.81
C ARG A 331 48.38 -1.94 -29.17
N ILE A 332 48.38 -2.99 -29.97
CA ILE A 332 49.00 -2.91 -31.27
C ILE A 332 48.45 -1.74 -32.06
N LEU A 333 47.13 -1.59 -32.06
CA LEU A 333 46.50 -0.51 -32.80
C LEU A 333 46.84 0.88 -32.24
N TYR A 334 46.95 0.96 -30.92
CA TYR A 334 47.23 2.23 -30.28
C TYR A 334 48.68 2.67 -30.42
N GLU A 335 49.59 1.73 -30.57
CA GLU A 335 50.98 2.13 -30.72
C GLU A 335 51.29 2.29 -32.20
N ARG A 336 50.25 2.44 -33.01
CA ARG A 336 50.45 2.63 -34.44
C ARG A 336 49.71 3.87 -34.89
N GLY A 337 49.23 4.63 -33.92
CA GLY A 337 48.50 5.86 -34.21
C GLY A 337 47.02 5.66 -34.38
N VAL A 338 46.57 4.42 -34.30
CA VAL A 338 45.16 4.17 -34.46
C VAL A 338 44.44 4.42 -33.15
N VAL A 339 43.19 4.88 -33.23
CA VAL A 339 42.39 5.13 -32.03
C VAL A 339 41.10 4.29 -32.04
N VAL A 340 40.92 3.53 -30.97
CA VAL A 340 39.76 2.67 -30.84
C VAL A 340 38.72 3.32 -29.92
N VAL A 341 37.51 3.51 -30.43
CA VAL A 341 36.42 4.09 -29.65
C VAL A 341 35.73 2.96 -28.91
N PRO A 342 35.74 3.00 -27.56
CA PRO A 342 35.15 1.99 -26.69
C PRO A 342 33.69 1.65 -26.97
N ASP A 343 33.41 0.36 -26.99
CA ASP A 343 32.05 -0.11 -27.23
C ASP A 343 31.08 0.43 -26.19
N ILE A 344 31.53 0.57 -24.93
CA ILE A 344 30.68 1.09 -23.87
C ILE A 344 30.32 2.53 -24.10
N LEU A 345 30.71 3.07 -25.24
CA LEU A 345 30.42 4.45 -25.58
C LEU A 345 29.67 4.57 -26.91
N ALA A 346 30.16 3.89 -27.95
CA ALA A 346 29.55 3.95 -29.27
C ALA A 346 28.22 3.20 -29.46
N ASN A 347 28.07 2.02 -28.85
CA ASN A 347 26.84 1.26 -29.00
C ASN A 347 25.83 1.48 -27.87
N ALA A 348 26.09 2.47 -27.02
CA ALA A 348 25.22 2.80 -25.90
C ALA A 348 23.94 3.51 -26.35
N GLY A 349 23.77 3.60 -27.67
CA GLY A 349 22.59 4.25 -28.24
C GLY A 349 21.31 3.50 -27.91
N GLY A 350 21.36 2.17 -27.91
CA GLY A 350 20.19 1.41 -27.57
C GLY A 350 19.76 1.68 -26.13
N VAL A 351 20.73 1.85 -25.22
CA VAL A 351 20.40 2.11 -23.82
C VAL A 351 19.75 3.48 -23.72
N ILE A 352 20.35 4.46 -24.36
CA ILE A 352 19.80 5.80 -24.36
C ILE A 352 18.33 5.73 -24.82
N MET A 353 18.08 5.02 -25.92
CA MET A 353 16.70 4.91 -26.41
C MET A 353 15.73 4.37 -25.37
N SER A 354 16.12 3.25 -24.73
CA SER A 354 15.29 2.62 -23.71
C SER A 354 14.94 3.64 -22.63
N TYR A 355 15.87 4.54 -22.36
CA TYR A 355 15.65 5.57 -21.38
C TYR A 355 14.57 6.52 -21.93
N LEU A 356 14.79 7.04 -23.15
CA LEU A 356 13.85 7.95 -23.79
C LEU A 356 12.47 7.34 -23.83
N GLU A 357 12.40 6.03 -24.03
CA GLU A 357 11.13 5.30 -24.08
C GLU A 357 10.44 5.30 -22.72
N TRP A 358 11.23 5.01 -21.69
CA TRP A 358 10.80 4.96 -20.29
C TRP A 358 10.28 6.34 -19.85
N VAL A 359 11.07 7.38 -20.11
CA VAL A 359 10.64 8.73 -19.73
C VAL A 359 9.25 8.99 -20.31
N GLU A 360 9.10 8.74 -21.61
CA GLU A 360 7.83 8.93 -22.31
C GLU A 360 6.69 8.11 -21.71
N ASN A 361 7.04 6.99 -21.09
CA ASN A 361 6.04 6.12 -20.44
C ASN A 361 5.58 6.67 -19.09
N LEU A 362 6.46 7.39 -18.39
CA LEU A 362 6.12 7.95 -17.08
C LEU A 362 5.14 9.13 -17.15
N GLN A 363 5.02 9.75 -18.33
CA GLN A 363 4.12 10.88 -18.50
C GLN A 363 3.10 10.59 -19.59
N TRP A 364 2.96 9.31 -19.94
CA TRP A 364 2.04 8.86 -20.97
C TRP A 364 2.03 9.75 -22.23
N TYR A 365 3.19 10.22 -22.63
CA TYR A 365 3.26 11.08 -23.81
C TYR A 365 4.36 10.66 -24.79
N ILE A 366 3.98 10.12 -25.95
CA ILE A 366 5.00 9.72 -26.92
C ILE A 366 5.41 10.85 -27.86
N TRP A 367 6.72 11.06 -28.01
CA TRP A 367 7.21 12.12 -28.89
C TRP A 367 7.35 11.60 -30.31
N ASP A 368 7.56 12.51 -31.26
CA ASP A 368 7.72 12.16 -32.68
C ASP A 368 9.18 11.74 -32.90
N GLU A 369 9.47 11.17 -34.06
CA GLU A 369 10.83 10.71 -34.35
C GLU A 369 11.91 11.77 -34.31
N GLU A 370 11.66 12.88 -34.98
CA GLU A 370 12.63 13.97 -35.01
C GLU A 370 12.98 14.39 -33.59
N GLU A 371 11.96 14.51 -32.75
CA GLU A 371 12.20 14.89 -31.35
C GLU A 371 13.02 13.83 -30.65
N THR A 372 12.63 12.57 -30.84
CA THR A 372 13.28 11.42 -30.23
C THR A 372 14.74 11.31 -30.64
N ARG A 373 15.02 11.52 -31.93
CA ARG A 373 16.39 11.46 -32.45
C ARG A 373 17.24 12.64 -31.96
N LYS A 374 16.63 13.81 -31.81
CA LYS A 374 17.37 14.97 -31.37
C LYS A 374 17.93 14.81 -29.95
N ARG A 375 17.08 14.35 -29.03
CA ARG A 375 17.49 14.14 -27.64
C ARG A 375 18.54 13.04 -27.59
N LEU A 376 18.27 11.95 -28.29
CA LEU A 376 19.18 10.83 -28.36
C LEU A 376 20.53 11.34 -28.84
N GLU A 377 20.56 12.03 -29.97
CA GLU A 377 21.81 12.56 -30.51
C GLU A 377 22.48 13.55 -29.56
N ASN A 378 21.71 14.45 -28.97
CA ASN A 378 22.29 15.40 -28.04
C ASN A 378 23.02 14.72 -26.89
N ILE A 379 22.43 13.65 -26.36
CA ILE A 379 23.02 12.92 -25.25
C ILE A 379 24.34 12.30 -25.68
N MET A 380 24.32 11.46 -26.71
CA MET A 380 25.52 10.79 -27.21
C MET A 380 26.64 11.77 -27.49
N VAL A 381 26.26 12.96 -27.95
CA VAL A 381 27.24 13.98 -28.25
C VAL A 381 27.94 14.45 -26.99
N ASN A 382 27.17 14.61 -25.92
CA ASN A 382 27.70 15.06 -24.67
C ASN A 382 28.57 13.99 -24.01
N ASN A 383 28.24 12.72 -24.27
CA ASN A 383 29.00 11.62 -23.71
C ASN A 383 30.40 11.53 -24.30
N VAL A 384 30.49 11.67 -25.62
CA VAL A 384 31.78 11.62 -26.32
C VAL A 384 32.68 12.74 -25.84
N GLU A 385 32.10 13.93 -25.68
CA GLU A 385 32.84 15.12 -25.22
C GLU A 385 33.47 14.90 -23.85
N ARG A 386 32.69 14.39 -22.90
CA ARG A 386 33.17 14.14 -21.53
C ARG A 386 34.35 13.18 -21.53
N VAL A 387 34.24 12.12 -22.34
CA VAL A 387 35.29 11.11 -22.43
C VAL A 387 36.54 11.70 -23.07
N TYR A 388 36.35 12.49 -24.13
CA TYR A 388 37.46 13.11 -24.84
C TYR A 388 38.30 14.00 -23.94
N LYS A 389 37.67 14.98 -23.29
CA LYS A 389 38.40 15.91 -22.39
C LYS A 389 39.23 15.20 -21.32
N ARG A 390 38.73 14.08 -20.81
CA ARG A 390 39.47 13.34 -19.79
C ARG A 390 40.62 12.56 -20.43
N TRP A 391 40.35 11.95 -21.58
CA TRP A 391 41.35 11.18 -22.28
C TRP A 391 42.58 12.01 -22.61
N GLN A 392 42.33 13.23 -23.08
CA GLN A 392 43.39 14.14 -23.46
C GLN A 392 44.03 14.84 -22.27
N ARG A 393 43.64 14.43 -21.07
CA ARG A 393 44.19 15.01 -19.84
C ARG A 393 45.40 14.20 -19.38
N GLU A 394 45.24 12.90 -19.19
CA GLU A 394 46.37 12.06 -18.75
C GLU A 394 47.13 11.56 -19.95
N LYS A 395 48.23 10.86 -19.69
CA LYS A 395 49.04 10.28 -20.76
C LYS A 395 49.07 8.77 -20.65
N GLY A 396 49.41 8.11 -21.76
CA GLY A 396 49.50 6.66 -21.79
C GLY A 396 48.15 6.00 -21.61
N TRP A 397 47.12 6.82 -21.66
CA TRP A 397 45.74 6.37 -21.49
C TRP A 397 45.05 6.24 -22.82
N THR A 398 44.13 5.29 -22.93
CA THR A 398 43.40 5.11 -24.17
C THR A 398 41.96 5.57 -23.95
N MET A 399 41.20 5.67 -25.04
CA MET A 399 39.78 6.03 -24.94
C MET A 399 39.13 5.08 -23.92
N ARG A 400 39.34 3.77 -24.10
CA ARG A 400 38.81 2.74 -23.21
C ARG A 400 39.12 3.17 -21.79
N ASP A 401 40.40 3.37 -21.50
CA ASP A 401 40.81 3.79 -20.17
C ASP A 401 40.04 5.01 -19.67
N ALA A 402 39.89 6.03 -20.50
CA ALA A 402 39.17 7.22 -20.05
C ALA A 402 37.71 6.89 -19.82
N ALA A 403 37.11 6.21 -20.79
CA ALA A 403 35.71 5.81 -20.71
C ALA A 403 35.41 5.08 -19.41
N ILE A 404 36.36 4.28 -18.92
CA ILE A 404 36.16 3.53 -17.69
C ILE A 404 36.33 4.43 -16.49
N VAL A 405 37.44 5.16 -16.42
CA VAL A 405 37.62 6.03 -15.28
C VAL A 405 36.50 7.08 -15.20
N THR A 406 35.92 7.46 -16.33
CA THR A 406 34.85 8.45 -16.33
C THR A 406 33.54 7.90 -15.76
N ALA A 407 33.26 6.63 -16.02
CA ALA A 407 32.04 6.00 -15.52
C ALA A 407 32.17 5.70 -14.03
N LEU A 408 33.33 5.22 -13.62
CA LEU A 408 33.60 4.89 -12.22
C LEU A 408 33.56 6.14 -11.32
N GLU A 409 33.81 7.31 -11.92
CA GLU A 409 33.84 8.55 -11.15
C GLU A 409 32.46 9.04 -10.75
N ARG A 410 31.50 8.81 -11.64
CA ARG A 410 30.13 9.23 -11.42
C ARG A 410 29.56 8.39 -10.29
N ILE A 411 29.66 7.07 -10.42
CA ILE A 411 29.16 6.16 -9.40
C ILE A 411 29.78 6.50 -8.04
N TYR A 412 31.11 6.64 -8.03
CA TYR A 412 31.85 6.97 -6.82
C TYR A 412 31.28 8.22 -6.17
N ASN A 413 31.18 9.32 -6.90
CA ASN A 413 30.65 10.55 -6.32
C ASN A 413 29.26 10.37 -5.77
N ALA A 414 28.44 9.59 -6.45
CA ALA A 414 27.09 9.39 -5.96
C ALA A 414 27.11 8.68 -4.61
N MET A 415 27.88 7.60 -4.51
CA MET A 415 27.99 6.83 -3.28
C MET A 415 28.55 7.59 -2.08
N LYS A 416 29.33 8.66 -2.33
CA LYS A 416 29.89 9.46 -1.23
C LYS A 416 28.80 10.37 -0.72
N ILE A 417 28.24 11.16 -1.64
CA ILE A 417 27.18 12.10 -1.29
C ILE A 417 26.09 11.37 -0.51
N ARG A 418 25.77 10.16 -0.95
CA ARG A 418 24.75 9.32 -0.32
C ARG A 418 25.20 8.75 1.01
N GLY A 419 26.50 8.68 1.23
CA GLY A 419 26.97 8.15 2.49
C GLY A 419 27.07 6.64 2.49
N TRP A 420 27.24 6.06 1.32
CA TRP A 420 27.40 4.63 1.13
C TRP A 420 28.86 4.25 1.37
N ILE A 421 29.73 5.25 1.30
CA ILE A 421 31.14 5.04 1.54
C ILE A 421 31.77 6.33 2.02
N THR B 4 -31.43 -0.19 -24.41
CA THR B 4 -31.09 -1.25 -25.36
C THR B 4 -31.41 -0.70 -26.75
N GLY B 5 -32.02 0.47 -26.79
CA GLY B 5 -32.34 1.07 -28.07
C GLY B 5 -31.05 1.56 -28.70
N PHE B 6 -30.53 2.65 -28.15
CA PHE B 6 -29.28 3.24 -28.62
C PHE B 6 -28.18 2.23 -28.65
N LEU B 7 -28.22 1.31 -27.68
CA LEU B 7 -27.22 0.28 -27.57
C LEU B 7 -27.12 -0.52 -28.87
N GLU B 8 -28.27 -0.99 -29.35
CA GLU B 8 -28.36 -1.75 -30.59
C GLU B 8 -27.61 -1.03 -31.70
N TYR B 9 -27.91 0.25 -31.87
CA TYR B 9 -27.27 1.08 -32.88
C TYR B 9 -25.76 0.93 -32.83
N VAL B 10 -25.19 1.16 -31.64
CA VAL B 10 -23.74 1.05 -31.44
C VAL B 10 -23.25 -0.36 -31.73
N LEU B 11 -23.97 -1.35 -31.20
CA LEU B 11 -23.62 -2.75 -31.42
C LEU B 11 -23.65 -3.03 -32.91
N ASN B 12 -24.37 -2.20 -33.66
CA ASN B 12 -24.45 -2.39 -35.11
C ASN B 12 -23.33 -1.61 -35.78
N TYR B 13 -23.03 -0.45 -35.21
CA TYR B 13 -21.97 0.40 -35.72
C TYR B 13 -20.64 -0.34 -35.63
N VAL B 14 -20.37 -0.96 -34.48
CA VAL B 14 -19.13 -1.67 -34.30
C VAL B 14 -19.14 -2.98 -35.08
N LYS B 15 -20.26 -3.71 -35.01
CA LYS B 15 -20.37 -4.98 -35.71
C LYS B 15 -20.18 -4.75 -37.20
N LYS B 16 -20.68 -3.63 -37.70
CA LYS B 16 -20.56 -3.30 -39.13
C LYS B 16 -19.08 -3.12 -39.48
N GLY B 17 -18.38 -2.36 -38.64
CA GLY B 17 -16.97 -2.10 -38.87
C GLY B 17 -16.16 -3.38 -38.93
N VAL B 18 -16.44 -4.29 -38.02
CA VAL B 18 -15.75 -5.57 -37.95
C VAL B 18 -15.78 -6.30 -39.29
N GLU B 19 -16.98 -6.46 -39.86
CA GLU B 19 -17.16 -7.13 -41.14
C GLU B 19 -16.31 -6.46 -42.22
N LEU B 20 -16.19 -5.13 -42.14
CA LEU B 20 -15.42 -4.37 -43.12
C LEU B 20 -13.91 -4.55 -42.94
N GLY B 21 -13.48 -4.78 -41.70
CA GLY B 21 -12.07 -4.96 -41.45
C GLY B 21 -11.64 -6.41 -41.41
N GLY B 22 -12.60 -7.30 -41.69
CA GLY B 22 -12.30 -8.72 -41.67
C GLY B 22 -11.68 -9.11 -40.34
N PHE B 23 -12.45 -8.91 -39.28
CA PHE B 23 -11.99 -9.22 -37.93
C PHE B 23 -12.73 -10.43 -37.39
N PRO B 24 -12.03 -11.28 -36.62
CA PRO B 24 -12.62 -12.49 -36.04
C PRO B 24 -13.73 -12.17 -35.06
N GLU B 25 -14.76 -13.00 -35.08
CA GLU B 25 -15.92 -12.85 -34.22
C GLU B 25 -15.48 -12.73 -32.77
N ASP B 26 -14.34 -13.32 -32.43
CA ASP B 26 -13.85 -13.24 -31.06
C ASP B 26 -13.55 -11.80 -30.67
N PHE B 27 -13.07 -11.02 -31.63
CA PHE B 27 -12.76 -9.62 -31.40
C PHE B 27 -14.03 -8.89 -30.99
N TYR B 28 -15.11 -9.11 -31.75
CA TYR B 28 -16.39 -8.48 -31.47
C TYR B 28 -16.91 -8.89 -30.08
N LYS B 29 -16.64 -10.14 -29.70
CA LYS B 29 -17.06 -10.66 -28.39
C LYS B 29 -16.59 -9.77 -27.26
N ILE B 30 -15.27 -9.64 -27.12
CA ILE B 30 -14.64 -8.83 -26.08
C ILE B 30 -14.92 -7.33 -26.21
N LEU B 31 -15.64 -6.92 -27.24
CA LEU B 31 -15.96 -5.50 -27.41
C LEU B 31 -17.40 -5.19 -27.06
N SER B 32 -18.29 -6.16 -27.26
CA SER B 32 -19.70 -5.96 -27.01
C SER B 32 -20.07 -5.95 -25.53
N ARG B 33 -19.18 -6.47 -24.69
CA ARG B 33 -19.42 -6.52 -23.26
C ARG B 33 -18.37 -5.65 -22.56
N PRO B 34 -18.81 -4.80 -21.63
CA PRO B 34 -17.90 -3.93 -20.88
C PRO B 34 -17.04 -4.78 -19.95
N ARG B 35 -15.80 -4.38 -19.79
CA ARG B 35 -14.85 -5.13 -18.97
C ARG B 35 -15.30 -5.27 -17.55
N ARG B 36 -15.77 -4.17 -16.99
CA ARG B 36 -16.20 -4.14 -15.60
C ARG B 36 -17.18 -2.99 -15.36
N VAL B 37 -18.28 -3.26 -14.64
CA VAL B 37 -19.25 -2.20 -14.31
C VAL B 37 -19.56 -2.16 -12.81
N LEU B 38 -19.48 -0.96 -12.25
CA LEU B 38 -19.73 -0.73 -10.81
C LEU B 38 -21.01 0.10 -10.60
N ILE B 39 -22.03 -0.52 -9.98
CA ILE B 39 -23.32 0.13 -9.68
C ILE B 39 -23.37 0.50 -8.19
N VAL B 40 -23.83 1.71 -7.83
CA VAL B 40 -23.87 2.08 -6.43
C VAL B 40 -25.04 2.96 -6.06
N ASN B 41 -25.36 3.00 -4.78
CA ASN B 41 -26.45 3.82 -4.30
C ASN B 41 -25.93 4.81 -3.27
N ILE B 42 -25.84 6.07 -3.68
CA ILE B 42 -25.34 7.11 -2.82
C ILE B 42 -26.43 7.67 -1.92
N PRO B 43 -26.26 7.53 -0.59
CA PRO B 43 -27.25 8.05 0.36
C PRO B 43 -26.93 9.50 0.70
N VAL B 44 -27.92 10.36 0.52
CA VAL B 44 -27.75 11.78 0.80
C VAL B 44 -28.88 12.31 1.66
N ARG B 45 -28.52 13.15 2.64
CA ARG B 45 -29.52 13.72 3.53
C ARG B 45 -29.81 15.14 3.08
N LEU B 46 -30.94 15.32 2.40
CA LEU B 46 -31.37 16.62 1.89
C LEU B 46 -31.37 17.64 3.01
N ASP B 47 -30.81 18.81 2.74
CA ASP B 47 -30.76 19.87 3.74
C ASP B 47 -32.17 20.24 4.21
N GLY B 48 -33.12 20.09 3.28
CA GLY B 48 -34.51 20.39 3.58
C GLY B 48 -35.30 19.10 3.42
N GLY B 49 -35.41 18.35 4.50
CA GLY B 49 -36.15 17.10 4.44
C GLY B 49 -35.49 15.94 5.15
N GLY B 50 -35.67 14.75 4.61
CA GLY B 50 -35.11 13.58 5.25
C GLY B 50 -34.00 12.87 4.49
N PHE B 51 -34.32 11.68 4.00
CA PHE B 51 -33.35 10.87 3.28
C PHE B 51 -33.72 10.59 1.84
N GLU B 52 -32.69 10.27 1.07
CA GLU B 52 -32.79 9.95 -0.34
C GLU B 52 -31.50 9.26 -0.81
N VAL B 53 -31.65 8.13 -1.47
CA VAL B 53 -30.50 7.37 -1.96
C VAL B 53 -30.51 7.34 -3.48
N PHE B 54 -29.49 7.90 -4.09
CA PHE B 54 -29.42 7.92 -5.54
C PHE B 54 -28.65 6.78 -6.13
N GLU B 55 -29.12 6.26 -7.25
CA GLU B 55 -28.42 5.17 -7.90
C GLU B 55 -27.53 5.74 -8.98
N GLY B 56 -26.25 5.39 -8.93
CA GLY B 56 -25.30 5.85 -9.93
C GLY B 56 -24.47 4.67 -10.38
N TYR B 57 -23.49 4.88 -11.25
CA TYR B 57 -22.64 3.78 -11.72
C TYR B 57 -21.50 4.27 -12.57
N ARG B 58 -20.56 3.39 -12.84
CA ARG B 58 -19.41 3.72 -13.67
C ARG B 58 -19.23 2.56 -14.65
N VAL B 59 -19.08 2.88 -15.93
CA VAL B 59 -18.89 1.85 -16.94
C VAL B 59 -17.49 1.93 -17.49
N GLN B 60 -16.69 0.93 -17.12
CA GLN B 60 -15.31 0.82 -17.57
C GLN B 60 -15.36 -0.27 -18.65
N HIS B 61 -15.48 0.18 -19.90
CA HIS B 61 -15.57 -0.71 -21.08
C HIS B 61 -14.27 -1.43 -21.44
N CYS B 62 -13.31 -0.71 -22.02
CA CYS B 62 -12.02 -1.30 -22.43
C CYS B 62 -10.71 -0.61 -22.05
N ASP B 63 -9.74 -1.47 -21.77
CA ASP B 63 -8.38 -1.14 -21.39
C ASP B 63 -7.41 -1.82 -22.31
N VAL B 64 -6.53 -1.10 -22.96
CA VAL B 64 -5.59 -1.81 -23.80
C VAL B 64 -4.69 -0.76 -24.26
N LEU B 65 -5.29 0.35 -24.63
CA LEU B 65 -4.53 1.47 -25.10
C LEU B 65 -4.01 2.25 -23.90
N GLY B 66 -4.74 2.19 -22.79
CA GLY B 66 -4.30 2.91 -21.61
C GLY B 66 -5.41 2.96 -20.58
N PRO B 67 -5.37 3.93 -19.65
CA PRO B 67 -6.41 4.03 -18.61
C PRO B 67 -7.77 4.40 -19.19
N TYR B 68 -8.81 4.07 -18.43
CA TYR B 68 -10.19 4.33 -18.81
C TYR B 68 -10.44 5.83 -18.85
N LYS B 69 -11.13 6.31 -19.87
CA LYS B 69 -11.40 7.73 -19.96
C LYS B 69 -12.84 7.93 -20.39
N GLY B 70 -13.53 8.82 -19.69
CA GLY B 70 -14.93 9.10 -19.99
C GLY B 70 -15.64 9.93 -18.93
N GLY B 71 -16.57 10.75 -19.42
CA GLY B 71 -17.34 11.62 -18.54
C GLY B 71 -18.53 10.99 -17.84
N VAL B 72 -19.04 11.71 -16.85
CA VAL B 72 -20.18 11.24 -16.06
C VAL B 72 -21.38 12.18 -16.23
N ARG B 73 -22.55 11.57 -16.39
CA ARG B 73 -23.79 12.30 -16.61
C ARG B 73 -24.69 12.37 -15.38
N PHE B 74 -25.36 13.52 -15.22
CA PHE B 74 -26.29 13.79 -14.12
C PHE B 74 -27.63 14.13 -14.72
N HIS B 75 -28.36 13.12 -15.15
CA HIS B 75 -29.64 13.32 -15.79
C HIS B 75 -30.63 12.36 -15.16
N PRO B 76 -31.87 12.81 -14.98
CA PRO B 76 -32.94 12.02 -14.38
C PRO B 76 -33.44 10.81 -15.19
N GLU B 77 -33.16 10.78 -16.49
CA GLU B 77 -33.62 9.67 -17.33
C GLU B 77 -32.46 8.94 -17.96
N VAL B 78 -31.63 8.33 -17.14
CA VAL B 78 -30.48 7.62 -17.66
C VAL B 78 -30.61 6.16 -17.36
N THR B 79 -29.96 5.35 -18.20
CA THR B 79 -29.95 3.91 -18.05
C THR B 79 -28.58 3.30 -18.36
N LEU B 80 -28.31 2.12 -17.81
CA LEU B 80 -27.02 1.47 -18.04
C LEU B 80 -26.70 1.27 -19.51
N ALA B 81 -27.59 0.57 -20.21
CA ALA B 81 -27.44 0.27 -21.63
C ALA B 81 -26.97 1.45 -22.48
N ASP B 82 -27.50 2.63 -22.20
CA ASP B 82 -27.11 3.82 -22.94
C ASP B 82 -25.67 4.17 -22.67
N ASP B 83 -25.31 4.18 -21.39
CA ASP B 83 -23.94 4.50 -21.01
C ASP B 83 -22.96 3.43 -21.42
N VAL B 84 -23.38 2.18 -21.34
CA VAL B 84 -22.53 1.09 -21.76
C VAL B 84 -22.30 1.31 -23.26
N ALA B 85 -23.39 1.65 -23.96
CA ALA B 85 -23.31 1.93 -25.39
C ALA B 85 -22.42 3.15 -25.65
N LEU B 86 -22.60 4.17 -24.82
CA LEU B 86 -21.79 5.38 -24.92
C LEU B 86 -20.33 5.06 -24.62
N ALA B 87 -20.10 4.28 -23.58
CA ALA B 87 -18.75 3.91 -23.20
C ALA B 87 -17.98 3.27 -24.38
N ILE B 88 -18.64 2.39 -25.13
CA ILE B 88 -18.06 1.72 -26.30
C ILE B 88 -17.65 2.77 -27.34
N LEU B 89 -18.49 3.79 -27.48
CA LEU B 89 -18.20 4.85 -28.43
C LEU B 89 -16.94 5.60 -27.99
N MET B 90 -16.82 5.84 -26.68
CA MET B 90 -15.68 6.56 -26.08
C MET B 90 -14.38 5.79 -26.29
N THR B 91 -14.51 4.47 -26.43
CA THR B 91 -13.36 3.61 -26.68
C THR B 91 -12.91 3.74 -28.12
N LEU B 92 -13.86 3.88 -29.03
CA LEU B 92 -13.50 4.01 -30.44
C LEU B 92 -12.95 5.40 -30.71
N LYS B 93 -13.48 6.40 -30.01
CA LYS B 93 -13.04 7.78 -30.19
C LYS B 93 -11.57 7.96 -29.78
N ASN B 94 -11.25 7.61 -28.54
CA ASN B 94 -9.89 7.75 -28.02
C ASN B 94 -8.93 6.98 -28.89
N SER B 95 -9.36 5.80 -29.32
CA SER B 95 -8.54 4.97 -30.18
C SER B 95 -8.25 5.65 -31.50
N LEU B 96 -9.25 6.35 -32.02
CA LEU B 96 -9.14 7.03 -33.28
C LEU B 96 -8.38 8.33 -33.09
N ALA B 97 -8.45 8.87 -31.87
CA ALA B 97 -7.76 10.11 -31.59
C ALA B 97 -6.27 9.87 -31.39
N GLY B 98 -5.85 8.61 -31.38
CA GLY B 98 -4.46 8.31 -31.16
C GLY B 98 -4.05 8.64 -29.73
N LEU B 99 -4.93 8.42 -28.76
CA LEU B 99 -4.55 8.72 -27.38
C LEU B 99 -4.34 7.43 -26.62
N PRO B 100 -3.61 7.48 -25.50
CA PRO B 100 -3.36 6.28 -24.69
C PRO B 100 -4.47 6.11 -23.67
N TYR B 101 -5.71 6.20 -24.15
CA TYR B 101 -6.91 6.09 -23.30
C TYR B 101 -7.82 4.93 -23.67
N GLY B 102 -8.54 4.44 -22.66
CA GLY B 102 -9.48 3.33 -22.81
C GLY B 102 -10.87 3.84 -23.17
N GLY B 103 -11.84 3.79 -22.28
CA GLY B 103 -13.16 4.26 -22.64
C GLY B 103 -14.14 3.85 -21.57
N ALA B 104 -14.65 4.85 -20.87
CA ALA B 104 -15.57 4.63 -19.78
C ALA B 104 -16.71 5.61 -19.88
N LYS B 105 -17.58 5.59 -18.88
CA LYS B 105 -18.72 6.49 -18.91
C LYS B 105 -19.50 6.27 -17.65
N GLY B 106 -19.72 7.32 -16.88
CA GLY B 106 -20.47 7.15 -15.66
C GLY B 106 -21.75 7.97 -15.68
N ALA B 107 -22.58 7.79 -14.67
CA ALA B 107 -23.84 8.52 -14.58
C ALA B 107 -24.43 8.48 -13.18
N VAL B 108 -25.48 9.26 -12.99
CA VAL B 108 -26.21 9.32 -11.72
C VAL B 108 -27.61 9.73 -12.12
N ARG B 109 -28.60 9.02 -11.59
CA ARG B 109 -29.97 9.32 -11.91
C ARG B 109 -30.48 10.36 -10.91
N VAL B 110 -30.50 11.62 -11.34
CA VAL B 110 -31.00 12.72 -10.53
C VAL B 110 -31.13 13.97 -11.40
N ASP B 111 -31.96 14.89 -10.94
CA ASP B 111 -32.19 16.14 -11.63
C ASP B 111 -31.45 17.18 -10.82
N PRO B 112 -30.27 17.62 -11.30
CA PRO B 112 -29.46 18.61 -10.62
C PRO B 112 -30.21 19.92 -10.34
N LYS B 113 -31.29 20.14 -11.08
CA LYS B 113 -32.12 21.34 -10.93
C LYS B 113 -33.18 21.13 -9.84
N LYS B 114 -32.95 20.19 -8.96
CA LYS B 114 -33.89 19.93 -7.88
C LYS B 114 -33.10 19.92 -6.58
N LEU B 115 -31.78 20.02 -6.73
CA LEU B 115 -30.86 20.02 -5.60
C LEU B 115 -30.22 21.37 -5.40
N SER B 116 -30.01 21.72 -4.14
CA SER B 116 -29.36 22.97 -3.80
C SER B 116 -27.84 22.78 -3.91
N GLN B 117 -27.09 23.87 -3.80
CA GLN B 117 -25.64 23.78 -3.88
C GLN B 117 -25.08 22.78 -2.87
N ARG B 118 -25.72 22.74 -1.70
CA ARG B 118 -25.29 21.84 -0.64
C ARG B 118 -25.60 20.40 -1.00
N GLU B 119 -26.81 20.15 -1.47
CA GLU B 119 -27.22 18.80 -1.83
C GLU B 119 -26.48 18.28 -3.06
N LEU B 120 -26.17 19.17 -4.01
CA LEU B 120 -25.46 18.78 -5.21
C LEU B 120 -24.01 18.41 -4.89
N GLU B 121 -23.31 19.30 -4.20
CA GLU B 121 -21.92 19.05 -3.82
C GLU B 121 -21.87 17.78 -2.97
N GLU B 122 -22.95 17.53 -2.25
CA GLU B 122 -23.08 16.38 -1.36
C GLU B 122 -23.17 15.07 -2.16
N LEU B 123 -23.89 15.12 -3.26
CA LEU B 123 -24.07 13.99 -4.13
C LEU B 123 -22.79 13.72 -4.88
N SER B 124 -22.21 14.78 -5.41
CA SER B 124 -20.97 14.70 -6.18
C SER B 124 -19.87 14.01 -5.38
N ARG B 125 -19.61 14.54 -4.19
CA ARG B 125 -18.62 13.99 -3.27
C ARG B 125 -18.98 12.53 -2.96
N GLY B 126 -20.27 12.27 -2.82
CA GLY B 126 -20.71 10.92 -2.54
C GLY B 126 -20.43 9.97 -3.70
N TYR B 127 -20.69 10.39 -4.93
CA TYR B 127 -20.45 9.53 -6.08
C TYR B 127 -18.98 9.22 -6.29
N ALA B 128 -18.14 10.19 -6.01
CA ALA B 128 -16.69 10.04 -6.20
C ALA B 128 -16.12 9.19 -5.10
N ARG B 129 -16.69 9.27 -3.93
CA ARG B 129 -16.19 8.50 -2.82
C ARG B 129 -16.62 7.07 -3.00
N ALA B 130 -17.69 6.84 -3.75
CA ALA B 130 -18.20 5.49 -3.92
C ALA B 130 -17.47 4.67 -4.96
N ILE B 131 -17.18 5.29 -6.08
CA ILE B 131 -16.51 4.58 -7.14
C ILE B 131 -14.99 4.68 -6.94
N ALA B 132 -14.57 5.48 -5.97
CA ALA B 132 -13.14 5.68 -5.71
C ALA B 132 -12.24 4.45 -5.79
N PRO B 133 -12.64 3.31 -5.19
CA PRO B 133 -11.78 2.10 -5.23
C PRO B 133 -11.51 1.57 -6.61
N LEU B 134 -12.08 2.21 -7.61
CA LEU B 134 -11.89 1.71 -8.95
C LEU B 134 -11.44 2.77 -9.94
N ILE B 135 -11.27 4.00 -9.48
CA ILE B 135 -10.79 5.06 -10.37
C ILE B 135 -9.39 5.46 -9.94
N GLY B 136 -8.87 6.51 -10.56
CA GLY B 136 -7.53 6.96 -10.21
C GLY B 136 -6.86 7.52 -11.44
N ASP B 137 -5.93 8.44 -11.22
CA ASP B 137 -5.22 9.11 -12.29
C ASP B 137 -4.56 8.21 -13.35
N VAL B 138 -4.36 6.95 -13.04
CA VAL B 138 -3.77 6.09 -14.05
C VAL B 138 -4.59 4.85 -14.32
N VAL B 139 -5.80 4.84 -13.77
CA VAL B 139 -6.69 3.72 -13.98
C VAL B 139 -8.00 4.17 -14.58
N ASP B 140 -8.56 5.28 -14.10
CA ASP B 140 -9.82 5.77 -14.65
C ASP B 140 -9.93 7.26 -14.29
N ILE B 141 -9.97 8.09 -15.32
CA ILE B 141 -10.07 9.55 -15.17
C ILE B 141 -11.43 10.06 -15.66
N PRO B 142 -12.40 10.22 -14.75
CA PRO B 142 -13.72 10.70 -15.15
C PRO B 142 -13.65 12.17 -15.64
N ALA B 143 -14.70 12.62 -16.32
CA ALA B 143 -14.79 13.98 -16.84
C ALA B 143 -16.23 14.46 -16.80
N PRO B 144 -16.45 15.77 -17.02
CA PRO B 144 -17.81 16.32 -17.00
C PRO B 144 -18.65 15.96 -18.22
N ASP B 145 -19.96 16.04 -18.03
CA ASP B 145 -20.90 15.70 -19.09
C ASP B 145 -22.28 16.30 -18.75
N VAL B 146 -23.22 16.24 -19.69
CA VAL B 146 -24.57 16.79 -19.46
C VAL B 146 -24.85 17.55 -18.16
N GLY B 147 -25.17 16.82 -17.08
CA GLY B 147 -25.48 17.50 -15.83
C GLY B 147 -24.32 18.13 -15.09
N THR B 148 -23.19 17.43 -15.09
CA THR B 148 -22.00 17.89 -14.40
C THR B 148 -21.25 18.98 -15.17
N ASN B 149 -20.38 19.67 -14.46
CA ASN B 149 -19.59 20.76 -15.03
C ASN B 149 -18.27 20.91 -14.26
N ALA B 150 -17.37 21.75 -14.76
CA ALA B 150 -16.09 21.99 -14.11
C ALA B 150 -16.19 22.06 -12.57
N GLN B 151 -17.25 22.67 -12.06
CA GLN B 151 -17.43 22.83 -10.62
C GLN B 151 -17.72 21.52 -9.88
N ILE B 152 -18.52 20.67 -10.52
CA ILE B 152 -18.86 19.39 -9.92
C ILE B 152 -17.61 18.50 -9.93
N MET B 153 -16.77 18.66 -10.96
CA MET B 153 -15.54 17.88 -11.07
C MET B 153 -14.63 18.30 -9.92
N ALA B 154 -14.42 19.61 -9.78
CA ALA B 154 -13.59 20.15 -8.70
C ALA B 154 -13.95 19.51 -7.35
N TRP B 155 -15.23 19.55 -6.96
CA TRP B 155 -15.60 18.92 -5.70
C TRP B 155 -15.16 17.46 -5.64
N MET B 156 -15.28 16.76 -6.75
CA MET B 156 -14.89 15.36 -6.78
C MET B 156 -13.38 15.23 -6.63
N VAL B 157 -12.63 16.04 -7.35
CA VAL B 157 -11.17 16.04 -7.26
C VAL B 157 -10.73 16.24 -5.81
N ASP B 158 -11.41 17.13 -5.10
CA ASP B 158 -11.11 17.41 -3.71
C ASP B 158 -11.48 16.23 -2.81
N GLU B 159 -12.63 15.61 -3.07
CA GLU B 159 -13.09 14.46 -2.28
C GLU B 159 -12.12 13.29 -2.39
N TYR B 160 -11.68 13.01 -3.60
CA TYR B 160 -10.72 11.95 -3.85
C TYR B 160 -9.40 12.29 -3.16
N SER B 161 -9.01 13.56 -3.24
CA SER B 161 -7.76 14.02 -2.65
C SER B 161 -7.73 13.89 -1.13
N LYS B 162 -8.87 14.03 -0.47
CA LYS B 162 -8.88 13.90 0.97
C LYS B 162 -8.83 12.42 1.37
N ILE B 163 -9.36 11.57 0.52
CA ILE B 163 -9.35 10.14 0.80
C ILE B 163 -7.92 9.67 0.78
N LYS B 164 -7.21 10.00 -0.30
CA LYS B 164 -5.80 9.67 -0.51
C LYS B 164 -4.88 10.42 0.45
N GLY B 165 -5.36 11.53 1.03
CA GLY B 165 -4.52 12.25 1.95
C GLY B 165 -3.53 13.19 1.28
N TYR B 166 -3.62 13.33 -0.03
CA TYR B 166 -2.78 14.25 -0.77
C TYR B 166 -3.47 14.70 -2.07
N ASN B 167 -3.01 15.82 -2.63
CA ASN B 167 -3.61 16.34 -3.84
C ASN B 167 -3.41 15.45 -5.06
N VAL B 168 -4.52 14.96 -5.62
CA VAL B 168 -4.47 14.12 -6.81
C VAL B 168 -5.22 14.84 -7.93
N PRO B 169 -4.50 15.67 -8.68
CA PRO B 169 -5.09 16.44 -9.77
C PRO B 169 -5.51 15.66 -11.02
N GLY B 170 -4.65 14.74 -11.46
CA GLY B 170 -4.94 13.96 -12.65
C GLY B 170 -6.11 12.97 -12.61
N VAL B 171 -6.75 12.81 -11.46
CA VAL B 171 -7.88 11.88 -11.35
C VAL B 171 -9.14 12.35 -12.07
N PHE B 172 -9.25 13.65 -12.31
CA PHE B 172 -10.38 14.22 -13.05
C PHE B 172 -9.86 15.29 -13.98
N THR B 173 -10.48 15.42 -15.14
CA THR B 173 -10.05 16.43 -16.10
C THR B 173 -11.14 17.43 -16.34
N SER B 174 -10.75 18.50 -17.00
CA SER B 174 -11.65 19.60 -17.34
C SER B 174 -12.07 20.37 -16.11
N LYS B 175 -11.11 20.52 -15.20
CA LYS B 175 -11.35 21.24 -13.97
C LYS B 175 -10.94 22.69 -14.11
N PRO B 176 -11.50 23.55 -13.25
CA PRO B 176 -11.24 25.00 -13.23
C PRO B 176 -9.75 25.40 -13.37
N PRO B 177 -9.46 26.47 -14.11
CA PRO B 177 -8.08 26.92 -14.29
C PRO B 177 -7.39 27.15 -12.93
N GLU B 178 -8.18 27.53 -11.93
CA GLU B 178 -7.66 27.78 -10.59
C GLU B 178 -7.35 26.45 -9.89
N LEU B 179 -7.99 25.38 -10.35
CA LEU B 179 -7.78 24.07 -9.74
C LEU B 179 -7.11 23.11 -10.73
N TRP B 180 -5.87 23.46 -11.06
CA TRP B 180 -5.03 22.68 -11.95
C TRP B 180 -5.68 22.35 -13.28
N GLY B 181 -6.14 23.37 -13.99
CA GLY B 181 -6.77 23.13 -15.27
C GLY B 181 -6.14 24.00 -16.33
N ASN B 182 -6.40 23.65 -17.58
CA ASN B 182 -5.87 24.38 -18.72
C ASN B 182 -7.01 25.15 -19.39
N PRO B 183 -6.80 26.45 -19.62
CA PRO B 183 -7.77 27.36 -20.25
C PRO B 183 -8.17 26.96 -21.68
N VAL B 184 -7.24 26.40 -22.44
CA VAL B 184 -7.55 26.03 -23.82
C VAL B 184 -8.80 25.16 -23.92
N ARG B 185 -9.25 24.62 -22.80
CA ARG B 185 -10.45 23.78 -22.83
C ARG B 185 -11.68 24.51 -23.32
N GLU B 186 -11.64 25.84 -23.26
CA GLU B 186 -12.75 26.70 -23.65
C GLU B 186 -13.09 26.63 -25.15
N TYR B 187 -12.07 26.44 -25.97
CA TYR B 187 -12.27 26.37 -27.39
C TYR B 187 -11.55 25.18 -28.00
N ALA B 188 -11.27 24.18 -27.17
CA ALA B 188 -10.57 22.99 -27.62
C ALA B 188 -11.26 22.28 -28.77
N THR B 189 -12.54 22.02 -28.61
CA THR B 189 -13.30 21.33 -29.64
C THR B 189 -13.39 22.16 -30.91
N GLY B 190 -13.61 23.46 -30.76
CA GLY B 190 -13.67 24.35 -31.92
C GLY B 190 -12.37 24.34 -32.70
N PHE B 191 -11.29 24.74 -32.03
CA PHE B 191 -9.95 24.78 -32.62
C PHE B 191 -9.66 23.45 -33.29
N GLY B 192 -10.18 22.37 -32.70
CA GLY B 192 -9.98 21.05 -33.27
C GLY B 192 -10.74 20.86 -34.55
N VAL B 193 -11.97 21.38 -34.60
CA VAL B 193 -12.83 21.26 -35.79
C VAL B 193 -12.19 22.05 -36.94
N ALA B 194 -11.67 23.23 -36.61
CA ALA B 194 -11.01 24.08 -37.60
C ALA B 194 -9.75 23.39 -38.16
N VAL B 195 -8.93 22.81 -37.29
CA VAL B 195 -7.72 22.15 -37.77
C VAL B 195 -8.08 20.94 -38.63
N ALA B 196 -9.14 20.23 -38.23
CA ALA B 196 -9.56 19.06 -38.96
C ALA B 196 -9.91 19.39 -40.39
N THR B 197 -10.74 20.42 -40.57
CA THR B 197 -11.17 20.85 -41.89
C THR B 197 -10.04 21.52 -42.68
N ARG B 198 -9.25 22.36 -42.02
CA ARG B 198 -8.13 23.04 -42.68
C ARG B 198 -7.22 22.03 -43.35
N GLU B 199 -7.09 20.85 -42.73
CA GLU B 199 -6.25 19.77 -43.26
C GLU B 199 -6.94 19.04 -44.41
N MET B 200 -8.27 19.05 -44.38
CA MET B 200 -9.05 18.40 -45.42
C MET B 200 -8.92 19.18 -46.73
N ALA B 201 -9.04 20.50 -46.63
CA ALA B 201 -8.89 21.35 -47.80
C ALA B 201 -7.45 21.20 -48.35
N LYS B 202 -6.44 21.27 -47.47
CA LYS B 202 -5.05 21.14 -47.93
C LYS B 202 -4.82 19.90 -48.77
N LYS B 203 -5.75 18.95 -48.71
CA LYS B 203 -5.63 17.72 -49.46
C LYS B 203 -6.62 17.61 -50.62
N LEU B 204 -7.68 18.41 -50.57
CA LEU B 204 -8.69 18.41 -51.61
C LEU B 204 -8.50 19.58 -52.58
N TRP B 205 -8.62 20.80 -52.06
CA TRP B 205 -8.47 22.01 -52.86
C TRP B 205 -7.05 22.58 -52.86
N GLY B 206 -6.23 22.12 -51.93
CA GLY B 206 -4.87 22.61 -51.85
C GLY B 206 -4.64 23.53 -50.66
N GLY B 207 -5.73 24.01 -50.06
CA GLY B 207 -5.64 24.89 -48.90
C GLY B 207 -7.00 25.48 -48.56
N ILE B 208 -7.21 25.82 -47.30
CA ILE B 208 -8.49 26.41 -46.91
C ILE B 208 -8.41 27.91 -47.16
N GLU B 209 -7.33 28.29 -47.89
CA GLU B 209 -7.37 29.75 -47.84
C GLU B 209 -8.17 30.31 -49.00
N GLY B 210 -8.82 31.38 -48.31
CA GLY B 210 -9.90 32.09 -49.00
C GLY B 210 -11.03 31.16 -49.40
N LYS B 211 -11.61 30.44 -48.43
CA LYS B 211 -12.73 29.56 -48.75
C LYS B 211 -13.97 29.96 -47.98
N THR B 212 -15.13 29.59 -48.53
CA THR B 212 -16.40 29.90 -47.92
C THR B 212 -16.72 28.96 -46.77
N VAL B 213 -17.40 29.49 -45.76
CA VAL B 213 -17.74 28.69 -44.60
C VAL B 213 -19.14 29.02 -44.10
N ALA B 214 -19.94 27.97 -43.90
CA ALA B 214 -21.31 28.10 -43.40
C ALA B 214 -21.44 27.22 -42.16
N ILE B 215 -21.35 27.83 -40.98
CA ILE B 215 -21.44 27.10 -39.73
C ILE B 215 -22.84 27.13 -39.14
N GLN B 216 -23.27 25.99 -38.58
CA GLN B 216 -24.58 25.88 -37.95
C GLN B 216 -24.45 25.75 -36.44
N GLY B 217 -25.06 26.69 -35.72
CA GLY B 217 -25.01 26.66 -34.26
C GLY B 217 -23.86 27.44 -33.66
N MET B 218 -24.12 28.62 -33.12
CA MET B 218 -23.03 29.39 -32.52
C MET B 218 -22.93 29.09 -31.03
N GLY B 219 -22.98 27.80 -30.71
CA GLY B 219 -22.89 27.37 -29.33
C GLY B 219 -21.46 27.41 -28.85
N ASN B 220 -20.96 26.29 -28.35
CA ASN B 220 -19.59 26.22 -27.85
C ASN B 220 -18.68 25.61 -28.91
N VAL B 221 -19.30 24.94 -29.88
CA VAL B 221 -18.54 24.31 -30.94
C VAL B 221 -18.49 25.25 -32.13
N GLY B 222 -19.66 25.47 -32.75
CA GLY B 222 -19.74 26.33 -33.91
C GLY B 222 -19.08 27.68 -33.70
N ARG B 223 -19.46 28.33 -32.61
CA ARG B 223 -18.90 29.62 -32.26
C ARG B 223 -17.38 29.65 -32.45
N TRP B 224 -16.66 28.82 -31.69
CA TRP B 224 -15.20 28.78 -31.79
C TRP B 224 -14.64 28.15 -33.08
N THR B 225 -15.49 27.41 -33.79
CA THR B 225 -15.06 26.80 -35.03
C THR B 225 -14.92 27.88 -36.10
N ALA B 226 -15.76 28.92 -36.01
CA ALA B 226 -15.74 30.02 -36.96
C ALA B 226 -14.57 30.96 -36.69
N TYR B 227 -14.30 31.19 -35.41
CA TYR B 227 -13.20 32.06 -35.04
C TYR B 227 -11.86 31.53 -35.54
N TRP B 228 -11.45 30.38 -35.02
CA TRP B 228 -10.17 29.79 -35.43
C TRP B 228 -10.12 29.45 -36.92
N LEU B 229 -11.28 29.32 -37.55
CA LEU B 229 -11.30 28.98 -38.97
C LEU B 229 -10.74 30.13 -39.81
N GLU B 230 -11.20 31.35 -39.53
CA GLU B 230 -10.74 32.53 -40.23
C GLU B 230 -9.27 32.79 -39.94
N LYS B 231 -8.86 32.59 -38.69
CA LYS B 231 -7.46 32.80 -38.31
C LYS B 231 -6.54 31.93 -39.15
N MET B 232 -7.13 30.93 -39.80
CA MET B 232 -6.39 30.01 -40.66
C MET B 232 -6.45 30.38 -42.14
N GLY B 233 -7.48 31.14 -42.49
CA GLY B 233 -7.65 31.56 -43.88
C GLY B 233 -8.99 31.23 -44.51
N ALA B 234 -10.02 31.07 -43.70
CA ALA B 234 -11.34 30.76 -44.22
C ALA B 234 -12.20 32.00 -44.15
N LYS B 235 -13.33 31.97 -44.85
CA LYS B 235 -14.25 33.11 -44.83
C LYS B 235 -15.60 32.67 -44.26
N VAL B 236 -15.87 33.06 -43.02
CA VAL B 236 -17.13 32.69 -42.39
C VAL B 236 -18.22 33.66 -42.86
N ILE B 237 -18.90 33.28 -43.93
CA ILE B 237 -19.97 34.09 -44.51
C ILE B 237 -21.33 33.90 -43.83
N ALA B 238 -21.55 32.75 -43.20
CA ALA B 238 -22.82 32.46 -42.52
C ALA B 238 -22.66 31.77 -41.17
N VAL B 239 -23.45 32.18 -40.19
CA VAL B 239 -23.44 31.58 -38.84
C VAL B 239 -24.87 31.59 -38.29
N SER B 240 -25.60 30.52 -38.59
CA SER B 240 -26.99 30.42 -38.17
C SER B 240 -27.15 30.14 -36.69
N ASP B 241 -28.40 29.85 -36.31
CA ASP B 241 -28.77 29.51 -34.94
C ASP B 241 -30.30 29.38 -34.86
N ILE B 242 -30.80 29.20 -33.64
CA ILE B 242 -32.23 29.05 -33.48
C ILE B 242 -33.01 30.13 -34.24
N ASN B 243 -32.60 31.38 -34.07
CA ASN B 243 -33.25 32.53 -34.72
C ASN B 243 -33.17 32.51 -36.24
N GLY B 244 -32.05 32.99 -36.78
CA GLY B 244 -31.91 33.01 -38.22
C GLY B 244 -30.50 32.74 -38.70
N VAL B 245 -30.00 33.63 -39.55
CA VAL B 245 -28.66 33.48 -40.08
C VAL B 245 -28.01 34.85 -40.19
N ALA B 246 -26.71 34.84 -40.46
CA ALA B 246 -25.90 36.05 -40.64
C ALA B 246 -25.02 35.86 -41.88
N TYR B 247 -25.47 36.42 -42.99
CA TYR B 247 -24.76 36.31 -44.25
C TYR B 247 -23.79 37.48 -44.43
N ARG B 248 -22.78 37.28 -45.28
CA ARG B 248 -21.77 38.30 -45.53
C ARG B 248 -20.87 37.74 -46.61
N LYS B 249 -20.90 38.35 -47.79
CA LYS B 249 -20.08 37.87 -48.89
C LYS B 249 -18.58 38.17 -48.71
N GLU B 250 -18.27 39.21 -47.94
CA GLU B 250 -16.88 39.58 -47.68
C GLU B 250 -16.34 38.70 -46.54
N GLY B 251 -17.26 38.20 -45.72
CA GLY B 251 -16.89 37.35 -44.60
C GLY B 251 -17.21 38.05 -43.29
N LEU B 252 -17.99 37.40 -42.44
CA LEU B 252 -18.38 37.98 -41.14
C LEU B 252 -17.20 38.22 -40.21
N ASN B 253 -17.29 39.26 -39.38
CA ASN B 253 -16.23 39.57 -38.45
C ASN B 253 -16.32 38.75 -37.17
N VAL B 254 -15.64 37.60 -37.18
CA VAL B 254 -15.63 36.69 -36.05
C VAL B 254 -14.81 37.14 -34.87
N GLU B 255 -13.92 38.10 -35.09
CA GLU B 255 -13.11 38.64 -34.00
C GLU B 255 -14.01 39.21 -32.90
N LEU B 256 -15.29 39.37 -33.22
CA LEU B 256 -16.25 39.91 -32.26
C LEU B 256 -16.52 38.88 -31.17
N ILE B 257 -16.28 37.61 -31.51
CA ILE B 257 -16.50 36.50 -30.61
C ILE B 257 -15.53 36.47 -29.41
N GLN B 258 -14.33 36.98 -29.62
CA GLN B 258 -13.31 37.05 -28.57
C GLN B 258 -13.79 38.00 -27.48
N LYS B 259 -14.41 39.09 -27.90
CA LYS B 259 -14.92 40.11 -26.96
C LYS B 259 -16.40 39.88 -26.68
N ASN B 260 -16.84 38.64 -26.80
CA ASN B 260 -18.24 38.31 -26.57
C ASN B 260 -18.39 36.82 -26.28
N LYS B 261 -17.37 36.25 -25.63
CA LYS B 261 -17.34 34.84 -25.29
C LYS B 261 -18.46 34.44 -24.32
N GLY B 262 -19.28 35.42 -23.92
CA GLY B 262 -20.38 35.17 -23.02
C GLY B 262 -21.66 35.83 -23.52
N LEU B 263 -21.70 36.04 -24.84
CA LEU B 263 -22.82 36.68 -25.54
C LEU B 263 -23.81 35.63 -26.06
N THR B 264 -23.88 34.49 -25.37
CA THR B 264 -24.76 33.37 -25.73
C THR B 264 -24.62 33.07 -27.22
N GLY B 265 -25.35 32.07 -27.70
CA GLY B 265 -25.29 31.72 -29.10
C GLY B 265 -26.26 32.54 -29.93
N PRO B 266 -27.57 32.50 -29.60
CA PRO B 266 -28.61 33.25 -30.33
C PRO B 266 -28.32 34.75 -30.45
N ALA B 267 -27.98 35.38 -29.31
CA ALA B 267 -27.67 36.80 -29.28
C ALA B 267 -26.40 37.06 -30.08
N LEU B 268 -25.43 36.15 -29.96
CA LEU B 268 -24.19 36.32 -30.69
C LEU B 268 -24.47 36.29 -32.21
N VAL B 269 -25.64 35.79 -32.60
CA VAL B 269 -26.03 35.73 -34.01
C VAL B 269 -26.57 37.09 -34.43
N GLU B 270 -27.28 37.73 -33.49
CA GLU B 270 -27.85 39.06 -33.72
C GLU B 270 -26.73 40.09 -33.81
N LEU B 271 -25.71 39.91 -32.99
CA LEU B 271 -24.56 40.81 -32.92
C LEU B 271 -24.01 41.08 -34.33
N PHE B 272 -23.91 40.03 -35.14
CA PHE B 272 -23.41 40.16 -36.51
C PHE B 272 -24.38 40.98 -37.37
N THR B 273 -25.59 41.18 -36.84
CA THR B 273 -26.60 41.95 -37.55
C THR B 273 -26.68 43.36 -36.99
N THR B 274 -26.72 43.48 -35.66
CA THR B 274 -26.79 44.77 -34.97
C THR B 274 -25.48 45.55 -35.03
N LYS B 275 -24.42 44.99 -34.48
CA LYS B 275 -23.12 45.66 -34.50
C LYS B 275 -22.53 45.57 -35.90
N ASP B 276 -22.00 44.42 -36.28
CA ASP B 276 -21.44 44.27 -37.62
C ASP B 276 -22.61 44.43 -38.58
N ASN B 277 -22.28 44.67 -39.85
CA ASN B 277 -23.30 44.85 -40.86
C ASN B 277 -23.49 43.57 -41.67
N ALA B 278 -24.45 42.74 -41.26
CA ALA B 278 -24.71 41.48 -41.96
C ALA B 278 -26.20 41.25 -42.18
N GLU B 279 -26.51 40.52 -43.26
CA GLU B 279 -27.89 40.20 -43.63
C GLU B 279 -28.47 39.17 -42.66
N PHE B 280 -29.57 39.55 -42.01
CA PHE B 280 -30.23 38.69 -41.02
C PHE B 280 -31.45 37.94 -41.54
N VAL B 281 -31.25 36.80 -42.19
CA VAL B 281 -32.37 36.02 -42.70
C VAL B 281 -32.92 35.06 -41.64
N LYS B 282 -33.94 35.51 -40.91
CA LYS B 282 -34.58 34.73 -39.86
C LYS B 282 -35.10 33.38 -40.33
N ASN B 283 -34.25 32.37 -40.22
CA ASN B 283 -34.58 31.01 -40.63
C ASN B 283 -33.36 30.09 -40.45
N PRO B 284 -33.46 29.11 -39.55
CA PRO B 284 -32.38 28.15 -39.27
C PRO B 284 -32.23 27.06 -40.33
N ASP B 285 -32.94 27.18 -41.45
CA ASP B 285 -32.83 26.18 -42.51
C ASP B 285 -32.29 26.76 -43.81
N ALA B 286 -31.56 27.86 -43.71
CA ALA B 286 -31.01 28.52 -44.88
C ALA B 286 -29.55 28.17 -45.18
N ILE B 287 -28.76 28.08 -44.11
CA ILE B 287 -27.35 27.76 -44.22
C ILE B 287 -27.11 26.53 -45.08
N PHE B 288 -28.13 25.69 -45.22
CA PHE B 288 -27.98 24.47 -46.03
C PHE B 288 -27.77 24.80 -47.52
N LYS B 289 -28.85 25.23 -48.17
CA LYS B 289 -28.83 25.56 -49.59
C LYS B 289 -27.90 26.72 -49.96
N LEU B 290 -27.47 27.50 -48.96
CA LEU B 290 -26.58 28.63 -49.17
C LEU B 290 -25.31 28.21 -49.93
N ASP B 291 -24.95 28.96 -50.97
CA ASP B 291 -23.77 28.65 -51.79
C ASP B 291 -22.46 28.86 -51.00
N VAL B 292 -22.00 27.79 -50.34
CA VAL B 292 -20.78 27.84 -49.53
C VAL B 292 -19.84 26.68 -49.81
N ASP B 293 -18.55 26.91 -49.60
CA ASP B 293 -17.52 25.90 -49.81
C ASP B 293 -17.65 24.78 -48.78
N ILE B 294 -17.66 25.17 -47.51
CA ILE B 294 -17.76 24.23 -46.40
C ILE B 294 -18.92 24.53 -45.46
N PHE B 295 -19.71 23.49 -45.17
CA PHE B 295 -20.85 23.57 -44.27
C PHE B 295 -20.47 22.82 -42.98
N VAL B 296 -20.70 23.47 -41.83
CA VAL B 296 -20.36 22.87 -40.56
C VAL B 296 -21.52 22.83 -39.59
N PRO B 297 -22.21 21.68 -39.52
CA PRO B 297 -23.35 21.54 -38.61
C PRO B 297 -22.82 21.38 -37.19
N ALA B 298 -22.71 22.48 -36.46
CA ALA B 298 -22.18 22.42 -35.09
C ALA B 298 -23.29 22.72 -34.09
N ALA B 299 -24.47 22.17 -34.33
CA ALA B 299 -25.60 22.44 -33.45
C ALA B 299 -26.23 21.22 -32.76
N ILE B 300 -26.86 20.36 -33.55
CA ILE B 300 -27.51 19.16 -33.00
C ILE B 300 -27.41 18.01 -33.98
N GLU B 301 -28.15 16.95 -33.66
CA GLU B 301 -28.20 15.73 -34.45
C GLU B 301 -29.40 15.75 -35.39
N ASN B 302 -29.32 14.92 -36.42
CA ASN B 302 -30.40 14.82 -37.39
C ASN B 302 -30.62 16.19 -38.03
N VAL B 303 -29.66 16.65 -38.82
CA VAL B 303 -29.80 17.95 -39.46
C VAL B 303 -29.71 17.81 -40.97
N ILE B 304 -28.71 17.07 -41.43
CA ILE B 304 -28.52 16.86 -42.86
C ILE B 304 -29.16 15.52 -43.28
N ARG B 305 -30.47 15.43 -43.08
CA ARG B 305 -31.24 14.23 -43.42
C ARG B 305 -31.38 14.01 -44.93
N GLY B 306 -32.17 13.01 -45.32
CA GLY B 306 -32.33 12.72 -46.73
C GLY B 306 -33.34 13.61 -47.43
N ASP B 307 -34.33 14.07 -46.69
CA ASP B 307 -35.34 14.92 -47.29
C ASP B 307 -34.78 16.30 -47.62
N ASN B 308 -33.63 16.64 -47.07
CA ASN B 308 -33.06 17.96 -47.31
C ASN B 308 -31.64 17.88 -47.83
N ALA B 309 -31.17 16.65 -48.00
CA ALA B 309 -29.83 16.37 -48.49
C ALA B 309 -29.59 17.02 -49.85
N GLY B 310 -30.65 17.21 -50.63
CA GLY B 310 -30.50 17.84 -51.93
C GLY B 310 -30.10 19.31 -51.86
N LEU B 311 -30.65 20.03 -50.88
CA LEU B 311 -30.36 21.45 -50.68
C LEU B 311 -28.87 21.74 -50.52
N VAL B 312 -28.15 20.79 -49.92
CA VAL B 312 -26.71 20.91 -49.68
C VAL B 312 -25.98 21.33 -50.95
N LYS B 313 -25.21 22.41 -50.84
CA LYS B 313 -24.43 22.98 -51.94
C LYS B 313 -22.93 22.85 -51.69
N ALA B 314 -22.55 22.80 -50.41
CA ALA B 314 -21.15 22.67 -50.01
C ALA B 314 -20.56 21.36 -50.46
N ARG B 315 -19.29 21.41 -50.85
CA ARG B 315 -18.58 20.22 -51.33
C ARG B 315 -17.81 19.54 -50.19
N LEU B 316 -17.82 20.17 -49.01
CA LEU B 316 -17.16 19.63 -47.83
C LEU B 316 -18.02 19.86 -46.58
N VAL B 317 -18.28 18.78 -45.84
CA VAL B 317 -19.09 18.86 -44.62
C VAL B 317 -18.32 18.32 -43.42
N VAL B 318 -17.87 19.22 -42.55
CA VAL B 318 -17.14 18.81 -41.37
C VAL B 318 -18.13 18.77 -40.21
N GLU B 319 -18.49 17.57 -39.80
CA GLU B 319 -19.44 17.35 -38.72
C GLU B 319 -18.94 17.83 -37.36
N GLY B 320 -19.41 18.98 -36.92
CA GLY B 320 -18.98 19.51 -35.63
C GLY B 320 -19.88 18.96 -34.56
N ALA B 321 -21.17 18.96 -34.85
CA ALA B 321 -22.18 18.46 -33.92
C ALA B 321 -22.09 16.96 -33.94
N ASN B 322 -22.75 16.34 -32.96
CA ASN B 322 -22.73 14.88 -32.84
C ASN B 322 -23.80 14.19 -33.65
N GLY B 323 -23.35 13.47 -34.68
CA GLY B 323 -24.26 12.73 -35.55
C GLY B 323 -25.34 13.55 -36.24
N PRO B 324 -24.95 14.59 -37.00
CA PRO B 324 -25.94 15.43 -37.70
C PRO B 324 -26.43 14.78 -39.00
N THR B 325 -25.49 14.29 -39.80
CA THR B 325 -25.83 13.63 -41.06
C THR B 325 -26.30 12.20 -40.86
N THR B 326 -27.52 11.89 -41.32
CA THR B 326 -28.06 10.55 -41.18
C THR B 326 -27.44 9.60 -42.20
N PRO B 327 -27.32 8.32 -41.85
CA PRO B 327 -26.74 7.29 -42.73
C PRO B 327 -27.29 7.38 -44.16
N GLU B 328 -28.60 7.58 -44.29
CA GLU B 328 -29.25 7.70 -45.60
C GLU B 328 -28.67 8.86 -46.40
N ALA B 329 -28.48 9.98 -45.71
CA ALA B 329 -27.91 11.19 -46.32
C ALA B 329 -26.43 10.97 -46.63
N GLU B 330 -25.72 10.30 -45.69
CA GLU B 330 -24.32 9.98 -45.90
C GLU B 330 -24.09 9.46 -47.33
N ARG B 331 -25.02 8.57 -47.74
CA ARG B 331 -24.95 7.99 -49.10
C ARG B 331 -25.30 9.03 -50.16
N ILE B 332 -26.48 9.62 -49.99
CA ILE B 332 -26.96 10.63 -50.92
C ILE B 332 -25.88 11.69 -51.19
N LEU B 333 -25.36 12.31 -50.13
CA LEU B 333 -24.33 13.35 -50.26
C LEU B 333 -23.09 12.86 -50.99
N TYR B 334 -22.68 11.62 -50.71
CA TYR B 334 -21.47 11.07 -51.32
C TYR B 334 -21.62 10.84 -52.81
N GLU B 335 -22.87 10.74 -53.25
CA GLU B 335 -23.13 10.53 -54.66
C GLU B 335 -23.57 11.82 -55.31
N ARG B 336 -22.67 12.80 -55.30
CA ARG B 336 -22.95 14.09 -55.87
C ARG B 336 -21.66 14.92 -55.74
N GLY B 337 -20.72 14.39 -54.96
CA GLY B 337 -19.44 15.06 -54.75
C GLY B 337 -19.19 15.49 -53.32
N VAL B 338 -20.26 15.87 -52.62
CA VAL B 338 -20.19 16.30 -51.24
C VAL B 338 -19.60 15.21 -50.36
N VAL B 339 -18.53 15.54 -49.63
CA VAL B 339 -17.88 14.57 -48.72
C VAL B 339 -17.97 15.03 -47.27
N VAL B 340 -18.33 14.11 -46.39
CA VAL B 340 -18.45 14.42 -44.97
C VAL B 340 -17.32 13.82 -44.13
N VAL B 341 -16.88 14.61 -43.16
CA VAL B 341 -15.82 14.18 -42.28
C VAL B 341 -16.42 13.67 -40.97
N PRO B 342 -16.13 12.39 -40.65
CA PRO B 342 -16.61 11.72 -39.44
C PRO B 342 -16.47 12.55 -38.17
N ASP B 343 -17.62 12.90 -37.61
CA ASP B 343 -17.70 13.66 -36.38
C ASP B 343 -16.80 13.04 -35.32
N ILE B 344 -16.69 11.71 -35.38
CA ILE B 344 -15.86 10.99 -34.43
C ILE B 344 -14.45 11.54 -34.47
N LEU B 345 -13.98 11.88 -35.68
CA LEU B 345 -12.65 12.44 -35.88
C LEU B 345 -12.62 13.95 -35.64
N ALA B 346 -13.47 14.67 -36.36
CA ALA B 346 -13.56 16.13 -36.29
C ALA B 346 -13.73 16.82 -34.94
N ASN B 347 -14.70 16.38 -34.12
CA ASN B 347 -14.96 16.98 -32.79
C ASN B 347 -14.26 16.23 -31.67
N ALA B 348 -13.22 15.47 -32.02
CA ALA B 348 -12.48 14.73 -31.02
C ALA B 348 -11.51 15.65 -30.28
N GLY B 349 -11.45 16.92 -30.67
CA GLY B 349 -10.56 17.87 -30.03
C GLY B 349 -10.83 18.01 -28.54
N GLY B 350 -12.07 17.70 -28.14
CA GLY B 350 -12.41 17.79 -26.74
C GLY B 350 -11.63 16.77 -25.92
N VAL B 351 -11.66 15.51 -26.36
CA VAL B 351 -10.96 14.43 -25.66
C VAL B 351 -9.45 14.67 -25.67
N ILE B 352 -8.92 15.04 -26.82
CA ILE B 352 -7.49 15.30 -26.96
C ILE B 352 -7.08 16.35 -25.95
N MET B 353 -7.96 17.32 -25.72
CA MET B 353 -7.67 18.36 -24.77
C MET B 353 -7.64 17.83 -23.35
N SER B 354 -8.57 16.93 -23.05
CA SER B 354 -8.60 16.38 -21.72
C SER B 354 -7.33 15.56 -21.52
N TYR B 355 -6.85 14.99 -22.61
CA TYR B 355 -5.64 14.19 -22.56
C TYR B 355 -4.47 15.08 -22.15
N LEU B 356 -4.30 16.19 -22.85
CA LEU B 356 -3.23 17.14 -22.57
C LEU B 356 -3.27 17.67 -21.14
N GLU B 357 -4.48 17.98 -20.64
CA GLU B 357 -4.65 18.48 -19.27
C GLU B 357 -4.13 17.43 -18.31
N TRP B 358 -4.48 16.19 -18.61
CA TRP B 358 -4.09 15.06 -17.81
C TRP B 358 -2.57 14.90 -17.75
N VAL B 359 -1.93 14.96 -18.91
CA VAL B 359 -0.48 14.80 -19.01
C VAL B 359 0.26 15.86 -18.21
N GLU B 360 -0.30 17.06 -18.24
CA GLU B 360 0.24 18.20 -17.51
C GLU B 360 0.10 17.99 -16.01
N ASN B 361 -1.00 17.37 -15.59
CA ASN B 361 -1.24 17.09 -14.17
C ASN B 361 -0.25 16.08 -13.60
N LEU B 362 0.12 15.08 -14.40
CA LEU B 362 1.06 14.04 -13.96
C LEU B 362 2.44 14.59 -13.63
N GLN B 363 2.90 15.57 -14.40
CA GLN B 363 4.21 16.15 -14.14
C GLN B 363 4.04 17.49 -13.42
N TRP B 364 2.88 17.72 -12.84
CA TRP B 364 2.58 18.97 -12.12
C TRP B 364 3.15 20.21 -12.80
N TYR B 365 2.91 20.32 -14.10
CA TYR B 365 3.40 21.45 -14.90
C TYR B 365 2.35 21.89 -15.92
N ILE B 366 2.04 23.18 -15.95
CA ILE B 366 1.06 23.70 -16.89
C ILE B 366 1.73 24.46 -18.01
N TRP B 367 1.35 24.15 -19.25
CA TRP B 367 1.92 24.81 -20.41
C TRP B 367 1.14 26.07 -20.71
N ASP B 368 1.65 26.92 -21.60
CA ASP B 368 0.95 28.14 -21.97
C ASP B 368 -0.07 27.83 -23.06
N GLU B 369 -0.91 28.82 -23.37
CA GLU B 369 -1.94 28.61 -24.38
C GLU B 369 -1.32 28.17 -25.72
N GLU B 370 -0.28 28.88 -26.14
CA GLU B 370 0.38 28.58 -27.40
C GLU B 370 0.88 27.15 -27.44
N GLU B 371 1.55 26.77 -26.36
CA GLU B 371 2.10 25.43 -26.19
C GLU B 371 1.05 24.37 -26.39
N THR B 372 -0.01 24.46 -25.59
CA THR B 372 -1.10 23.51 -25.63
C THR B 372 -1.73 23.40 -27.02
N ARG B 373 -2.11 24.55 -27.57
CA ARG B 373 -2.74 24.61 -28.89
C ARG B 373 -1.93 23.89 -29.94
N LYS B 374 -0.61 23.99 -29.85
CA LYS B 374 0.26 23.33 -30.82
C LYS B 374 0.17 21.80 -30.75
N ARG B 375 0.29 21.23 -29.55
CA ARG B 375 0.20 19.77 -29.38
C ARG B 375 -1.19 19.29 -29.77
N LEU B 376 -2.21 20.00 -29.30
CA LEU B 376 -3.59 19.70 -29.61
C LEU B 376 -3.78 19.64 -31.13
N GLU B 377 -3.20 20.63 -31.82
CA GLU B 377 -3.30 20.68 -33.28
C GLU B 377 -2.51 19.56 -33.90
N ASN B 378 -1.27 19.39 -33.43
CA ASN B 378 -0.41 18.34 -33.95
C ASN B 378 -1.09 16.99 -33.97
N ILE B 379 -1.73 16.62 -32.87
CA ILE B 379 -2.40 15.32 -32.80
C ILE B 379 -3.51 15.28 -33.83
N MET B 380 -4.35 16.29 -33.79
CA MET B 380 -5.44 16.38 -34.73
C MET B 380 -4.96 16.21 -36.16
N VAL B 381 -3.92 16.98 -36.51
CA VAL B 381 -3.36 16.92 -37.85
C VAL B 381 -2.87 15.54 -38.22
N ASN B 382 -2.36 14.81 -37.23
CA ASN B 382 -1.87 13.47 -37.46
C ASN B 382 -3.00 12.43 -37.51
N ASN B 383 -4.13 12.72 -36.86
CA ASN B 383 -5.24 11.78 -36.87
C ASN B 383 -5.89 11.76 -38.25
N VAL B 384 -6.00 12.93 -38.86
CA VAL B 384 -6.58 13.07 -40.19
C VAL B 384 -5.71 12.33 -41.24
N GLU B 385 -4.41 12.61 -41.25
CA GLU B 385 -3.48 11.97 -42.18
C GLU B 385 -3.58 10.45 -42.15
N ARG B 386 -3.97 9.91 -41.00
CA ARG B 386 -4.08 8.47 -40.82
C ARG B 386 -5.32 7.90 -41.51
N VAL B 387 -6.47 8.50 -41.22
CA VAL B 387 -7.73 8.07 -41.80
C VAL B 387 -7.74 8.21 -43.31
N TYR B 388 -7.03 9.23 -43.79
CA TYR B 388 -6.97 9.48 -45.23
C TYR B 388 -6.38 8.29 -45.98
N LYS B 389 -5.16 7.90 -45.64
CA LYS B 389 -4.49 6.77 -46.31
C LYS B 389 -5.39 5.55 -46.41
N ARG B 390 -6.11 5.25 -45.33
CA ARG B 390 -7.01 4.10 -45.31
C ARG B 390 -8.17 4.37 -46.27
N TRP B 391 -8.74 5.57 -46.17
CA TRP B 391 -9.89 5.95 -46.99
C TRP B 391 -9.59 5.96 -48.49
N GLN B 392 -8.38 6.39 -48.83
CA GLN B 392 -7.94 6.47 -50.21
C GLN B 392 -7.53 5.10 -50.75
N ARG B 393 -7.19 4.18 -49.85
CA ARG B 393 -6.76 2.84 -50.25
C ARG B 393 -7.92 1.84 -50.22
N GLU B 394 -9.09 2.33 -50.59
CA GLU B 394 -10.29 1.49 -50.59
C GLU B 394 -11.41 2.14 -51.41
N LYS B 395 -12.15 1.32 -52.14
CA LYS B 395 -13.25 1.86 -52.95
C LYS B 395 -14.57 1.55 -52.24
N GLY B 396 -15.53 2.48 -52.38
CA GLY B 396 -16.83 2.32 -51.77
C GLY B 396 -16.82 2.70 -50.30
N TRP B 397 -15.61 2.81 -49.74
CA TRP B 397 -15.40 3.16 -48.35
C TRP B 397 -15.53 4.65 -48.12
N THR B 398 -16.43 5.02 -47.23
CA THR B 398 -16.64 6.42 -46.92
C THR B 398 -15.73 6.82 -45.78
N MET B 399 -15.56 8.13 -45.58
CA MET B 399 -14.71 8.60 -44.49
C MET B 399 -15.13 7.90 -43.22
N ARG B 400 -16.45 7.87 -43.00
CA ARG B 400 -17.04 7.22 -41.83
C ARG B 400 -16.42 5.83 -41.65
N ASP B 401 -16.61 4.98 -42.66
CA ASP B 401 -16.08 3.61 -42.61
C ASP B 401 -14.57 3.60 -42.37
N ALA B 402 -13.84 4.49 -43.03
CA ALA B 402 -12.39 4.55 -42.85
C ALA B 402 -12.09 4.83 -41.39
N ALA B 403 -12.82 5.76 -40.78
CA ALA B 403 -12.54 6.08 -39.39
C ALA B 403 -12.89 4.94 -38.43
N ILE B 404 -14.05 4.31 -38.63
CA ILE B 404 -14.47 3.20 -37.78
C ILE B 404 -13.41 2.11 -37.79
N VAL B 405 -13.00 1.66 -38.97
CA VAL B 405 -12.01 0.61 -39.06
C VAL B 405 -10.68 1.04 -38.45
N THR B 406 -10.18 2.21 -38.84
CA THR B 406 -8.92 2.68 -38.32
C THR B 406 -8.88 2.60 -36.79
N ALA B 407 -9.98 2.98 -36.14
CA ALA B 407 -10.04 2.93 -34.69
C ALA B 407 -10.10 1.49 -34.21
N LEU B 408 -10.99 0.75 -34.84
CA LEU B 408 -11.22 -0.64 -34.53
C LEU B 408 -9.98 -1.49 -34.75
N GLU B 409 -9.09 -1.01 -35.61
CA GLU B 409 -7.86 -1.70 -35.94
C GLU B 409 -6.74 -1.48 -34.91
N ARG B 410 -6.76 -0.32 -34.27
CA ARG B 410 -5.75 0.00 -33.25
C ARG B 410 -5.96 -0.87 -32.01
N ILE B 411 -7.22 -1.07 -31.67
CA ILE B 411 -7.64 -1.86 -30.51
C ILE B 411 -7.32 -3.34 -30.72
N TYR B 412 -7.69 -3.84 -31.88
CA TYR B 412 -7.43 -5.23 -32.23
C TYR B 412 -5.93 -5.49 -32.14
N ASN B 413 -5.15 -4.59 -32.74
CA ASN B 413 -3.69 -4.69 -32.76
C ASN B 413 -3.11 -4.83 -31.35
N ALA B 414 -3.48 -3.90 -30.48
CA ALA B 414 -3.04 -3.92 -29.09
C ALA B 414 -3.42 -5.24 -28.44
N MET B 415 -4.69 -5.62 -28.49
CA MET B 415 -5.14 -6.87 -27.88
C MET B 415 -4.32 -8.07 -28.34
N LYS B 416 -4.02 -8.17 -29.64
CA LYS B 416 -3.24 -9.30 -30.15
C LYS B 416 -1.86 -9.35 -29.52
N ILE B 417 -1.10 -8.25 -29.61
CA ILE B 417 0.23 -8.16 -29.05
C ILE B 417 0.21 -8.51 -27.57
N ARG B 418 -0.79 -7.97 -26.88
CA ARG B 418 -1.00 -8.20 -25.46
C ARG B 418 -1.38 -9.65 -25.14
N GLY B 419 -1.75 -10.42 -26.16
CA GLY B 419 -2.14 -11.82 -25.94
C GLY B 419 -3.52 -11.98 -25.31
N TRP B 420 -4.47 -11.17 -25.75
CA TRP B 420 -5.83 -11.22 -25.22
C TRP B 420 -6.81 -12.06 -26.02
N ILE B 421 -6.57 -12.16 -27.32
CA ILE B 421 -7.45 -12.93 -28.19
C ILE B 421 -6.67 -14.13 -28.69
N THR C 4 6.81 34.28 19.29
CA THR C 4 5.42 34.70 19.10
C THR C 4 5.35 36.15 18.60
N GLY C 5 6.41 36.92 18.86
CA GLY C 5 6.43 38.30 18.41
C GLY C 5 6.44 38.36 16.90
N PHE C 6 7.29 37.53 16.29
CA PHE C 6 7.38 37.49 14.84
C PHE C 6 6.09 36.90 14.29
N LEU C 7 5.54 35.93 15.01
CA LEU C 7 4.29 35.29 14.59
C LEU C 7 3.17 36.31 14.56
N GLU C 8 3.05 37.11 15.62
CA GLU C 8 2.02 38.14 15.71
C GLU C 8 2.27 39.16 14.61
N TYR C 9 3.55 39.40 14.31
CA TYR C 9 3.96 40.34 13.27
C TYR C 9 3.48 39.83 11.91
N VAL C 10 3.82 38.58 11.57
CA VAL C 10 3.41 37.98 10.29
C VAL C 10 1.89 37.85 10.23
N LEU C 11 1.27 37.52 11.36
CA LEU C 11 -0.19 37.39 11.38
C LEU C 11 -0.83 38.74 11.07
N ASN C 12 -0.23 39.82 11.54
CA ASN C 12 -0.79 41.14 11.27
C ASN C 12 -0.48 41.51 9.83
N TYR C 13 0.70 41.12 9.38
CA TYR C 13 1.14 41.40 8.02
C TYR C 13 0.13 40.84 7.01
N VAL C 14 -0.54 39.76 7.40
CA VAL C 14 -1.52 39.08 6.55
C VAL C 14 -2.94 39.56 6.81
N LYS C 15 -3.14 40.16 7.98
CA LYS C 15 -4.45 40.69 8.36
C LYS C 15 -4.84 41.82 7.42
N LYS C 16 -3.88 42.68 7.12
CA LYS C 16 -4.09 43.81 6.22
C LYS C 16 -4.57 43.31 4.86
N GLY C 17 -3.87 42.33 4.32
CA GLY C 17 -4.21 41.81 3.02
C GLY C 17 -5.64 41.30 2.95
N VAL C 18 -6.08 40.66 4.03
CA VAL C 18 -7.43 40.13 4.06
C VAL C 18 -8.42 41.28 3.91
N GLU C 19 -8.08 42.43 4.48
CA GLU C 19 -8.94 43.61 4.42
C GLU C 19 -8.87 44.26 3.06
N LEU C 20 -7.67 44.65 2.63
CA LEU C 20 -7.52 45.26 1.32
C LEU C 20 -8.16 44.45 0.19
N GLY C 21 -8.28 43.13 0.36
CA GLY C 21 -8.86 42.31 -0.69
C GLY C 21 -10.34 42.05 -0.53
N GLY C 22 -10.89 42.39 0.64
CA GLY C 22 -12.31 42.19 0.88
C GLY C 22 -12.73 40.75 1.04
N PHE C 23 -11.92 39.98 1.74
CA PHE C 23 -12.26 38.59 1.93
C PHE C 23 -12.95 38.42 3.26
N PRO C 24 -13.77 37.39 3.38
CA PRO C 24 -14.49 37.10 4.61
C PRO C 24 -13.52 36.74 5.72
N GLU C 25 -13.93 36.94 6.96
CA GLU C 25 -13.06 36.63 8.07
C GLU C 25 -12.79 35.13 8.14
N ASP C 26 -13.72 34.33 7.61
CA ASP C 26 -13.54 32.89 7.59
C ASP C 26 -12.20 32.55 6.94
N PHE C 27 -11.91 33.24 5.84
CA PHE C 27 -10.66 33.04 5.11
C PHE C 27 -9.46 33.20 6.05
N TYR C 28 -9.48 34.26 6.83
CA TYR C 28 -8.40 34.53 7.78
C TYR C 28 -8.35 33.45 8.86
N LYS C 29 -9.51 32.97 9.27
CA LYS C 29 -9.61 31.92 10.28
C LYS C 29 -8.71 30.73 9.96
N ILE C 30 -9.04 30.04 8.87
CA ILE C 30 -8.30 28.86 8.43
C ILE C 30 -6.90 29.15 7.96
N LEU C 31 -6.69 30.30 7.34
CA LEU C 31 -5.37 30.63 6.84
C LEU C 31 -4.45 30.96 8.02
N SER C 32 -5.03 31.36 9.14
CA SER C 32 -4.31 31.74 10.35
C SER C 32 -3.63 30.61 11.09
N ARG C 33 -4.29 29.46 11.15
CA ARG C 33 -3.75 28.32 11.84
C ARG C 33 -3.18 27.31 10.84
N PRO C 34 -2.03 26.69 11.15
CA PRO C 34 -1.39 25.71 10.27
C PRO C 34 -2.17 24.40 10.29
N ARG C 35 -2.42 23.84 9.11
CA ARG C 35 -3.19 22.61 9.02
C ARG C 35 -2.64 21.47 9.88
N ARG C 36 -1.37 21.13 9.68
CA ARG C 36 -0.75 20.04 10.42
C ARG C 36 0.57 20.44 11.07
N VAL C 37 0.91 19.84 12.20
CA VAL C 37 2.19 20.13 12.83
C VAL C 37 2.74 18.84 13.42
N LEU C 38 3.88 18.38 12.91
CA LEU C 38 4.46 17.14 13.43
C LEU C 38 5.68 17.46 14.26
N ILE C 39 5.59 17.21 15.55
CA ILE C 39 6.73 17.45 16.42
C ILE C 39 7.38 16.09 16.72
N VAL C 40 8.70 15.99 16.60
CA VAL C 40 9.39 14.72 16.85
C VAL C 40 10.68 14.87 17.65
N ASN C 41 11.07 13.85 18.42
CA ASN C 41 12.33 13.91 19.18
C ASN C 41 13.27 12.80 18.73
N ILE C 42 14.33 13.18 18.02
CA ILE C 42 15.29 12.21 17.51
C ILE C 42 16.47 11.92 18.44
N PRO C 43 16.53 10.69 18.96
CA PRO C 43 17.63 10.35 19.86
C PRO C 43 18.89 10.03 19.07
N VAL C 44 19.98 10.69 19.42
CA VAL C 44 21.25 10.46 18.74
C VAL C 44 22.30 10.04 19.76
N ARG C 45 23.18 9.13 19.37
CA ARG C 45 24.24 8.64 20.24
C ARG C 45 25.51 9.40 19.89
N LEU C 46 25.92 10.34 20.73
CA LEU C 46 27.13 11.14 20.49
C LEU C 46 28.36 10.26 20.33
N ASP C 47 29.40 10.76 19.64
CA ASP C 47 30.62 9.98 19.46
C ASP C 47 31.20 9.52 20.79
N GLY C 48 32.30 10.12 21.20
CA GLY C 48 32.91 9.72 22.46
C GLY C 48 31.91 9.88 23.58
N GLY C 49 30.92 10.73 23.32
CA GLY C 49 29.91 11.00 24.32
C GLY C 49 28.98 9.85 24.63
N GLY C 50 27.75 10.26 24.91
CA GLY C 50 26.75 9.28 25.25
C GLY C 50 25.51 9.50 24.42
N PHE C 51 24.50 10.04 25.09
CA PHE C 51 23.19 10.23 24.48
C PHE C 51 22.70 11.65 24.44
N GLU C 52 21.75 11.88 23.54
CA GLU C 52 21.15 13.18 23.38
C GLU C 52 19.90 13.07 22.54
N VAL C 53 18.85 13.76 22.95
CA VAL C 53 17.61 13.74 22.19
C VAL C 53 17.34 15.14 21.64
N PHE C 54 17.42 15.28 20.32
CA PHE C 54 17.19 16.56 19.65
C PHE C 54 15.75 16.74 19.23
N GLU C 55 15.23 17.95 19.42
CA GLU C 55 13.85 18.28 19.05
C GLU C 55 13.73 18.90 17.69
N GLY C 56 12.77 18.44 16.92
CA GLY C 56 12.57 18.98 15.59
C GLY C 56 11.11 18.92 15.21
N TYR C 57 10.73 19.56 14.13
CA TYR C 57 9.33 19.51 13.76
C TYR C 57 9.10 19.93 12.34
N ARG C 58 7.92 19.68 11.82
CA ARG C 58 7.64 20.11 10.47
C ARG C 58 6.28 20.80 10.56
N VAL C 59 6.18 22.01 10.00
CA VAL C 59 4.89 22.73 10.02
C VAL C 59 4.31 22.67 8.62
N GLN C 60 3.17 22.04 8.45
CA GLN C 60 2.59 22.01 7.12
C GLN C 60 1.41 22.95 7.24
N HIS C 61 1.58 24.12 6.64
CA HIS C 61 0.58 25.16 6.72
C HIS C 61 -0.68 24.97 5.87
N CYS C 62 -0.55 25.15 4.56
CA CYS C 62 -1.69 25.05 3.65
C CYS C 62 -1.42 24.36 2.32
N ASP C 63 -2.08 23.22 2.13
CA ASP C 63 -2.00 22.42 0.92
C ASP C 63 -3.23 22.60 0.01
N VAL C 64 -3.31 23.68 -0.77
CA VAL C 64 -4.49 23.86 -1.63
C VAL C 64 -4.13 24.01 -3.08
N LEU C 65 -3.03 24.71 -3.28
CA LEU C 65 -2.52 24.96 -4.61
C LEU C 65 -1.67 23.78 -5.07
N GLY C 66 -1.30 22.91 -4.14
CA GLY C 66 -0.48 21.75 -4.46
C GLY C 66 0.20 21.23 -3.20
N PRO C 67 1.14 20.28 -3.30
CA PRO C 67 1.83 19.73 -2.13
C PRO C 67 2.64 20.76 -1.33
N TYR C 68 2.71 20.59 -0.02
CA TYR C 68 3.43 21.50 0.86
C TYR C 68 4.87 21.68 0.40
N LYS C 69 5.44 22.87 0.65
CA LYS C 69 6.82 23.14 0.23
C LYS C 69 7.45 24.08 1.22
N GLY C 70 8.68 23.79 1.63
CA GLY C 70 9.35 24.65 2.60
C GLY C 70 10.69 24.11 3.10
N GLY C 71 11.52 24.99 3.65
CA GLY C 71 12.84 24.57 4.12
C GLY C 71 12.95 24.12 5.56
N VAL C 72 14.06 23.45 5.86
CA VAL C 72 14.33 22.96 7.21
C VAL C 72 15.58 23.65 7.81
N ARG C 73 15.40 24.23 8.99
CA ARG C 73 16.48 24.96 9.66
C ARG C 73 17.18 24.15 10.76
N PHE C 74 18.50 24.32 10.88
CA PHE C 74 19.27 23.66 11.92
C PHE C 74 19.88 24.78 12.74
N HIS C 75 19.12 25.32 13.68
CA HIS C 75 19.62 26.41 14.49
C HIS C 75 19.17 26.16 15.92
N PRO C 76 20.04 26.47 16.90
CA PRO C 76 19.76 26.28 18.33
C PRO C 76 18.69 27.23 18.88
N GLU C 77 18.67 28.45 18.38
CA GLU C 77 17.67 29.41 18.86
C GLU C 77 16.39 29.36 18.03
N VAL C 78 15.91 28.15 17.77
CA VAL C 78 14.68 27.96 16.98
C VAL C 78 13.45 27.73 17.87
N THR C 79 12.31 28.27 17.47
CA THR C 79 11.06 28.12 18.23
C THR C 79 9.90 27.81 17.28
N LEU C 80 8.90 27.10 17.76
CA LEU C 80 7.78 26.74 16.90
C LEU C 80 7.11 27.92 16.21
N ALA C 81 6.53 28.82 16.99
CA ALA C 81 5.83 29.97 16.47
C ALA C 81 6.50 30.64 15.26
N ASP C 82 7.80 30.89 15.38
CA ASP C 82 8.56 31.52 14.31
C ASP C 82 8.50 30.70 13.04
N ASP C 83 8.62 29.39 13.20
CA ASP C 83 8.56 28.48 12.07
C ASP C 83 7.17 28.40 11.46
N VAL C 84 6.15 28.54 12.30
CA VAL C 84 4.77 28.52 11.84
C VAL C 84 4.57 29.79 11.03
N ALA C 85 5.10 30.90 11.56
CA ALA C 85 5.01 32.21 10.91
C ALA C 85 5.67 32.12 9.55
N LEU C 86 6.91 31.64 9.51
CA LEU C 86 7.62 31.50 8.24
C LEU C 86 6.87 30.62 7.24
N ALA C 87 6.20 29.58 7.74
CA ALA C 87 5.42 28.66 6.91
C ALA C 87 4.27 29.39 6.23
N ILE C 88 3.64 30.32 6.95
CA ILE C 88 2.56 31.11 6.40
C ILE C 88 3.12 31.98 5.27
N LEU C 89 4.32 32.51 5.47
CA LEU C 89 4.96 33.33 4.44
C LEU C 89 5.23 32.45 3.23
N MET C 90 5.75 31.25 3.48
CA MET C 90 6.05 30.36 2.38
C MET C 90 4.77 30.10 1.58
N THR C 91 3.66 29.92 2.29
CA THR C 91 2.38 29.66 1.65
C THR C 91 1.99 30.78 0.73
N LEU C 92 2.23 32.01 1.15
CA LEU C 92 1.90 33.16 0.34
C LEU C 92 2.90 33.31 -0.80
N LYS C 93 4.17 33.15 -0.47
CA LYS C 93 5.24 33.27 -1.47
C LYS C 93 5.04 32.30 -2.64
N ASN C 94 4.75 31.05 -2.33
CA ASN C 94 4.55 30.01 -3.35
C ASN C 94 3.36 30.38 -4.23
N SER C 95 2.31 30.95 -3.62
CA SER C 95 1.13 31.37 -4.35
C SER C 95 1.47 32.46 -5.34
N LEU C 96 2.20 33.46 -4.86
CA LEU C 96 2.63 34.61 -5.65
C LEU C 96 3.52 34.16 -6.79
N ALA C 97 4.32 33.13 -6.53
CA ALA C 97 5.25 32.58 -7.52
C ALA C 97 4.52 31.81 -8.62
N GLY C 98 3.22 31.64 -8.44
CA GLY C 98 2.42 30.91 -9.42
C GLY C 98 2.77 29.44 -9.52
N LEU C 99 3.33 28.92 -8.42
CA LEU C 99 3.75 27.53 -8.35
C LEU C 99 2.66 26.71 -7.67
N PRO C 100 2.51 25.43 -8.04
CA PRO C 100 1.49 24.60 -7.40
C PRO C 100 2.10 24.09 -6.10
N TYR C 101 2.47 25.01 -5.22
CA TYR C 101 3.10 24.62 -3.97
C TYR C 101 2.36 25.15 -2.77
N GLY C 102 2.29 24.32 -1.74
CA GLY C 102 1.61 24.68 -0.53
C GLY C 102 2.26 25.74 0.36
N GLY C 103 3.13 25.31 1.26
CA GLY C 103 3.79 26.20 2.19
C GLY C 103 4.04 25.44 3.49
N ALA C 104 5.31 25.28 3.84
CA ALA C 104 5.70 24.54 5.03
C ALA C 104 7.10 25.00 5.47
N LYS C 105 7.51 24.55 6.65
CA LYS C 105 8.82 24.93 7.15
C LYS C 105 9.24 23.96 8.21
N GLY C 106 10.49 23.55 8.17
CA GLY C 106 10.97 22.62 9.17
C GLY C 106 12.05 23.24 10.04
N ALA C 107 12.35 22.58 11.14
CA ALA C 107 13.40 23.07 12.03
C ALA C 107 13.81 21.98 13.02
N VAL C 108 15.08 22.03 13.43
CA VAL C 108 15.66 21.12 14.42
C VAL C 108 16.56 22.00 15.28
N ARG C 109 16.28 22.00 16.58
CA ARG C 109 17.04 22.80 17.52
C ARG C 109 18.39 22.23 17.84
N VAL C 110 19.40 22.71 17.14
CA VAL C 110 20.76 22.24 17.33
C VAL C 110 21.78 23.18 16.68
N ASP C 111 23.03 23.09 17.11
CA ASP C 111 24.06 23.91 16.50
C ASP C 111 24.99 22.98 15.71
N PRO C 112 24.73 22.80 14.39
CA PRO C 112 25.58 21.91 13.61
C PRO C 112 27.07 22.18 13.71
N LYS C 113 27.45 23.37 14.10
CA LYS C 113 28.86 23.67 14.23
C LYS C 113 29.39 23.14 15.56
N LYS C 114 28.83 22.04 16.05
CA LYS C 114 29.26 21.49 17.33
C LYS C 114 29.35 19.99 17.19
N LEU C 115 28.51 19.46 16.30
CA LEU C 115 28.42 18.04 16.02
C LEU C 115 29.41 17.63 14.96
N SER C 116 29.77 16.36 14.94
CA SER C 116 30.70 15.90 13.93
C SER C 116 29.92 15.57 12.68
N GLN C 117 30.62 15.05 11.68
CA GLN C 117 29.95 14.69 10.45
C GLN C 117 29.13 13.44 10.73
N ARG C 118 29.68 12.54 11.54
CA ARG C 118 28.98 11.31 11.85
C ARG C 118 27.70 11.61 12.61
N GLU C 119 27.78 12.51 13.58
CA GLU C 119 26.60 12.85 14.36
C GLU C 119 25.61 13.68 13.56
N LEU C 120 26.12 14.69 12.85
CA LEU C 120 25.27 15.53 12.03
C LEU C 120 24.51 14.64 11.04
N GLU C 121 25.17 13.60 10.53
CA GLU C 121 24.52 12.69 9.59
C GLU C 121 23.43 11.89 10.28
N GLU C 122 23.72 11.41 11.48
CA GLU C 122 22.76 10.62 12.20
C GLU C 122 21.52 11.43 12.55
N LEU C 123 21.73 12.72 12.84
CA LEU C 123 20.64 13.63 13.19
C LEU C 123 19.79 13.94 11.96
N SER C 124 20.46 14.19 10.83
CA SER C 124 19.79 14.49 9.58
C SER C 124 18.90 13.33 9.10
N ARG C 125 19.42 12.10 9.21
CA ARG C 125 18.68 10.90 8.80
C ARG C 125 17.53 10.58 9.72
N GLY C 126 17.74 10.82 11.02
CA GLY C 126 16.72 10.57 12.01
C GLY C 126 15.57 11.53 11.82
N TYR C 127 15.88 12.74 11.37
CA TYR C 127 14.83 13.73 11.12
C TYR C 127 13.99 13.31 9.91
N ALA C 128 14.66 12.94 8.82
CA ALA C 128 13.96 12.52 7.61
C ALA C 128 13.14 11.28 7.91
N ARG C 129 13.65 10.47 8.83
CA ARG C 129 12.98 9.24 9.17
C ARG C 129 11.78 9.47 10.07
N ALA C 130 11.89 10.41 10.99
CA ALA C 130 10.83 10.75 11.92
C ALA C 130 9.59 11.36 11.24
N ILE C 131 9.79 12.27 10.30
CA ILE C 131 8.68 12.91 9.61
C ILE C 131 8.26 12.12 8.36
N ALA C 132 9.06 11.12 7.99
CA ALA C 132 8.78 10.35 6.78
C ALA C 132 7.30 10.08 6.48
N PRO C 133 6.54 9.60 7.48
CA PRO C 133 5.12 9.33 7.22
C PRO C 133 4.24 10.50 6.75
N LEU C 134 4.74 11.72 6.91
CA LEU C 134 4.02 12.94 6.53
C LEU C 134 4.66 13.76 5.39
N ILE C 135 5.46 13.11 4.56
CA ILE C 135 6.08 13.81 3.43
C ILE C 135 6.09 12.90 2.21
N GLY C 136 6.74 13.36 1.13
CA GLY C 136 6.78 12.55 -0.07
C GLY C 136 6.69 13.47 -1.28
N ASP C 137 7.17 13.01 -2.43
CA ASP C 137 7.20 13.82 -3.64
C ASP C 137 5.90 14.49 -4.12
N VAL C 138 4.77 14.13 -3.51
CA VAL C 138 3.50 14.74 -3.86
C VAL C 138 2.81 15.22 -2.59
N VAL C 139 3.42 15.00 -1.43
CA VAL C 139 2.80 15.47 -0.22
C VAL C 139 3.55 16.67 0.36
N ASP C 140 4.80 16.46 0.75
CA ASP C 140 5.59 17.56 1.35
C ASP C 140 7.06 17.43 0.92
N ILE C 141 7.55 18.44 0.19
CA ILE C 141 8.92 18.43 -0.31
C ILE C 141 9.83 19.40 0.41
N PRO C 142 10.49 18.91 1.46
CA PRO C 142 11.38 19.79 2.21
C PRO C 142 12.52 20.35 1.36
N ALA C 143 13.32 21.23 1.96
CA ALA C 143 14.41 21.90 1.28
C ALA C 143 15.39 22.50 2.29
N PRO C 144 16.55 22.97 1.80
CA PRO C 144 17.54 23.56 2.71
C PRO C 144 17.20 24.95 3.26
N ASP C 145 17.93 25.38 4.27
CA ASP C 145 17.70 26.67 4.87
C ASP C 145 18.89 27.05 5.75
N VAL C 146 18.67 27.74 6.86
CA VAL C 146 19.81 28.16 7.65
C VAL C 146 20.90 27.16 8.01
N GLY C 147 20.65 26.24 8.93
CA GLY C 147 21.73 25.33 9.27
C GLY C 147 21.84 24.11 8.39
N THR C 148 21.25 24.12 7.20
CA THR C 148 21.30 22.95 6.32
C THR C 148 21.83 23.31 4.95
N ASN C 149 22.10 22.30 4.13
CA ASN C 149 22.62 22.52 2.78
C ASN C 149 22.38 21.29 1.90
N ALA C 150 22.94 21.31 0.70
CA ALA C 150 22.76 20.18 -0.22
C ALA C 150 23.29 18.89 0.37
N GLN C 151 24.40 18.95 1.09
CA GLN C 151 24.94 17.74 1.69
C GLN C 151 23.89 17.06 2.57
N ILE C 152 23.23 17.84 3.44
CA ILE C 152 22.21 17.33 4.34
C ILE C 152 21.01 16.76 3.56
N MET C 153 20.54 17.48 2.56
CA MET C 153 19.41 17.01 1.76
C MET C 153 19.79 15.66 1.20
N ALA C 154 20.98 15.56 0.63
CA ALA C 154 21.41 14.30 0.09
C ALA C 154 21.18 13.19 1.12
N TRP C 155 21.67 13.36 2.36
CA TRP C 155 21.48 12.35 3.39
C TRP C 155 20.02 12.04 3.67
N MET C 156 19.16 13.05 3.61
CA MET C 156 17.75 12.80 3.87
C MET C 156 17.12 12.02 2.70
N VAL C 157 17.50 12.36 1.47
CA VAL C 157 16.97 11.69 0.30
C VAL C 157 17.35 10.21 0.35
N ASP C 158 18.56 9.93 0.79
CA ASP C 158 19.00 8.56 0.85
C ASP C 158 18.24 7.82 1.95
N GLU C 159 18.17 8.40 3.14
CA GLU C 159 17.46 7.77 4.23
C GLU C 159 16.00 7.48 3.85
N TYR C 160 15.39 8.37 3.08
CA TYR C 160 14.01 8.18 2.67
C TYR C 160 13.93 7.08 1.63
N SER C 161 14.88 7.08 0.71
CA SER C 161 14.87 6.06 -0.33
C SER C 161 15.08 4.67 0.23
N LYS C 162 15.74 4.53 1.37
CA LYS C 162 15.93 3.18 1.86
C LYS C 162 14.74 2.71 2.67
N ILE C 163 13.78 3.61 2.83
CA ILE C 163 12.58 3.33 3.57
C ILE C 163 11.48 2.94 2.61
N LYS C 164 11.49 3.54 1.44
CA LYS C 164 10.49 3.23 0.44
C LYS C 164 10.92 1.97 -0.33
N GLY C 165 12.22 1.70 -0.37
CA GLY C 165 12.70 0.53 -1.09
C GLY C 165 13.15 0.81 -2.50
N TYR C 166 13.14 2.08 -2.90
CA TYR C 166 13.59 2.50 -4.23
C TYR C 166 14.04 3.96 -4.12
N ASN C 167 14.61 4.54 -5.18
CA ASN C 167 15.07 5.93 -5.17
C ASN C 167 13.90 6.89 -5.40
N VAL C 168 13.72 7.84 -4.49
CA VAL C 168 12.65 8.82 -4.58
C VAL C 168 13.33 10.18 -4.58
N PRO C 169 13.91 10.59 -5.72
CA PRO C 169 14.61 11.86 -5.86
C PRO C 169 13.80 13.13 -5.66
N GLY C 170 12.53 13.10 -6.02
CA GLY C 170 11.73 14.30 -5.88
C GLY C 170 11.17 14.61 -4.51
N VAL C 171 11.77 14.09 -3.46
CA VAL C 171 11.26 14.32 -2.13
C VAL C 171 11.97 15.49 -1.45
N PHE C 172 13.20 15.76 -1.88
CA PHE C 172 13.95 16.89 -1.34
C PHE C 172 14.52 17.67 -2.51
N THR C 173 14.59 19.00 -2.39
CA THR C 173 15.16 19.81 -3.48
C THR C 173 16.47 20.48 -3.07
N SER C 174 17.13 21.06 -4.06
CA SER C 174 18.39 21.76 -3.80
C SER C 174 19.46 20.75 -3.41
N LYS C 175 19.34 19.55 -3.97
CA LYS C 175 20.29 18.49 -3.69
C LYS C 175 21.42 18.56 -4.70
N PRO C 176 22.58 17.99 -4.37
CA PRO C 176 23.78 17.96 -5.20
C PRO C 176 23.53 17.73 -6.69
N PRO C 177 24.32 18.37 -7.56
CA PRO C 177 24.17 18.22 -9.01
C PRO C 177 24.38 16.75 -9.39
N GLU C 178 25.30 16.10 -8.68
CA GLU C 178 25.63 14.71 -8.88
C GLU C 178 24.51 13.79 -8.38
N LEU C 179 23.54 14.38 -7.67
CA LEU C 179 22.41 13.64 -7.09
C LEU C 179 21.05 14.15 -7.57
N TRP C 180 20.84 14.07 -8.88
CA TRP C 180 19.58 14.48 -9.53
C TRP C 180 19.22 15.92 -9.32
N GLY C 181 20.23 16.78 -9.18
CA GLY C 181 20.00 18.20 -8.98
C GLY C 181 20.15 18.99 -10.27
N ASN C 182 20.16 20.31 -10.15
CA ASN C 182 20.28 21.17 -11.32
C ASN C 182 21.19 22.35 -10.99
N PRO C 183 22.25 22.56 -11.80
CA PRO C 183 23.26 23.62 -11.67
C PRO C 183 22.69 25.01 -11.53
N VAL C 184 21.72 25.34 -12.37
CA VAL C 184 21.10 26.65 -12.36
C VAL C 184 20.75 27.15 -10.97
N ARG C 185 20.60 26.23 -10.03
CA ARG C 185 20.27 26.61 -8.66
C ARG C 185 21.31 27.58 -8.11
N GLU C 186 22.53 27.48 -8.60
CA GLU C 186 23.61 28.33 -8.13
C GLU C 186 23.35 29.83 -8.20
N TYR C 187 22.72 30.27 -9.28
CA TYR C 187 22.43 31.68 -9.49
C TYR C 187 20.94 31.92 -9.68
N ALA C 188 20.12 30.98 -9.23
CA ALA C 188 18.68 31.10 -9.36
C ALA C 188 18.12 32.42 -8.82
N THR C 189 18.22 32.62 -7.50
CA THR C 189 17.71 33.82 -6.84
C THR C 189 18.17 35.14 -7.46
N GLY C 190 19.49 35.22 -7.67
CA GLY C 190 20.07 36.41 -8.26
C GLY C 190 19.54 36.67 -9.66
N PHE C 191 19.38 35.60 -10.44
CA PHE C 191 18.88 35.68 -11.81
C PHE C 191 17.42 36.14 -11.78
N GLY C 192 16.68 35.66 -10.79
CA GLY C 192 15.28 36.04 -10.67
C GLY C 192 15.16 37.50 -10.27
N VAL C 193 16.03 37.93 -9.37
CA VAL C 193 15.99 39.32 -8.93
C VAL C 193 16.30 40.19 -10.14
N ALA C 194 17.27 39.74 -10.93
CA ALA C 194 17.70 40.45 -12.12
C ALA C 194 16.58 40.51 -13.14
N VAL C 195 15.84 39.41 -13.29
CA VAL C 195 14.76 39.41 -14.24
C VAL C 195 13.61 40.33 -13.81
N ALA C 196 13.30 40.34 -12.51
CA ALA C 196 12.21 41.18 -11.99
C ALA C 196 12.44 42.67 -12.24
N THR C 197 13.61 43.12 -11.84
CA THR C 197 13.97 44.52 -12.01
C THR C 197 13.97 44.89 -13.49
N ARG C 198 14.50 44.01 -14.34
CA ARG C 198 14.54 44.28 -15.78
C ARG C 198 13.13 44.44 -16.32
N GLU C 199 12.19 43.70 -15.73
CA GLU C 199 10.80 43.78 -16.16
C GLU C 199 10.14 45.01 -15.57
N MET C 200 10.53 45.37 -14.35
CA MET C 200 9.94 46.54 -13.67
C MET C 200 10.40 47.82 -14.35
N ALA C 201 11.62 47.80 -14.88
CA ALA C 201 12.17 48.96 -15.57
C ALA C 201 11.29 49.29 -16.78
N LYS C 202 11.12 48.30 -17.67
CA LYS C 202 10.30 48.44 -18.87
C LYS C 202 8.97 49.14 -18.62
N LYS C 203 8.33 48.82 -17.52
CA LYS C 203 7.06 49.45 -17.18
C LYS C 203 7.23 50.91 -16.77
N LEU C 204 8.27 51.21 -15.99
CA LEU C 204 8.49 52.58 -15.54
C LEU C 204 9.13 53.46 -16.61
N TRP C 205 10.26 53.01 -17.16
CA TRP C 205 10.99 53.75 -18.18
C TRP C 205 10.73 53.14 -19.56
N GLY C 206 11.34 52.00 -19.84
CA GLY C 206 11.16 51.33 -21.13
C GLY C 206 12.28 50.36 -21.43
N GLY C 207 13.19 50.20 -20.47
CA GLY C 207 14.33 49.31 -20.62
C GLY C 207 15.40 49.53 -19.57
N ILE C 208 16.13 48.49 -19.22
CA ILE C 208 17.18 48.64 -18.22
C ILE C 208 18.49 49.08 -18.86
N GLU C 209 18.59 48.87 -20.18
CA GLU C 209 19.80 49.24 -20.92
C GLU C 209 20.19 50.68 -20.65
N GLY C 210 21.35 50.87 -20.03
CA GLY C 210 21.83 52.20 -19.72
C GLY C 210 21.65 52.60 -18.26
N LYS C 211 20.59 52.09 -17.62
CA LYS C 211 20.29 52.40 -16.22
C LYS C 211 21.42 52.00 -15.27
N THR C 212 21.58 52.78 -14.21
CA THR C 212 22.63 52.51 -13.24
C THR C 212 22.13 51.63 -12.12
N VAL C 213 22.96 50.68 -11.71
CA VAL C 213 22.55 49.79 -10.64
C VAL C 213 23.55 49.80 -9.49
N ALA C 214 23.04 49.71 -8.27
CA ALA C 214 23.89 49.67 -7.08
C ALA C 214 23.46 48.48 -6.24
N ILE C 215 24.34 47.51 -5.99
CA ILE C 215 23.95 46.36 -5.19
C ILE C 215 24.59 46.39 -3.80
N GLN C 216 23.94 45.74 -2.84
CA GLN C 216 24.45 45.71 -1.47
C GLN C 216 24.80 44.29 -1.05
N GLY C 217 26.09 43.99 -1.03
CA GLY C 217 26.54 42.67 -0.66
C GLY C 217 26.74 41.81 -1.90
N MET C 218 27.92 41.19 -2.01
CA MET C 218 28.23 40.33 -3.13
C MET C 218 28.12 38.87 -2.72
N GLY C 219 27.16 38.55 -1.86
CA GLY C 219 26.98 37.18 -1.44
C GLY C 219 26.53 36.33 -2.62
N ASN C 220 25.59 35.41 -2.37
CA ASN C 220 25.07 34.55 -3.42
C ASN C 220 23.95 35.21 -4.22
N VAL C 221 23.27 36.17 -3.59
CA VAL C 221 22.18 36.84 -4.26
C VAL C 221 22.67 38.03 -5.07
N GLY C 222 23.32 38.98 -4.40
CA GLY C 222 23.79 40.17 -5.08
C GLY C 222 24.73 39.89 -6.22
N ARG C 223 25.70 39.03 -5.94
CA ARG C 223 26.69 38.64 -6.91
C ARG C 223 26.06 38.26 -8.25
N TRP C 224 25.22 37.23 -8.26
CA TRP C 224 24.60 36.80 -9.50
C TRP C 224 23.52 37.73 -10.04
N THR C 225 23.09 38.67 -9.20
CA THR C 225 22.09 39.64 -9.63
C THR C 225 22.83 40.66 -10.50
N ALA C 226 24.04 41.02 -10.06
CA ALA C 226 24.89 41.97 -10.79
C ALA C 226 25.36 41.38 -12.12
N TYR C 227 25.76 40.11 -12.10
CA TYR C 227 26.21 39.45 -13.31
C TYR C 227 25.14 39.52 -14.41
N TRP C 228 23.98 38.92 -14.17
CA TRP C 228 22.91 38.90 -15.16
C TRP C 228 22.29 40.25 -15.43
N LEU C 229 22.32 41.12 -14.43
CA LEU C 229 21.73 42.43 -14.61
C LEU C 229 22.44 43.16 -15.75
N GLU C 230 23.78 43.09 -15.73
CA GLU C 230 24.58 43.74 -16.76
C GLU C 230 24.28 43.14 -18.13
N LYS C 231 24.17 41.81 -18.18
CA LYS C 231 23.87 41.13 -19.44
C LYS C 231 22.56 41.62 -20.04
N MET C 232 21.72 42.28 -19.24
CA MET C 232 20.43 42.76 -19.71
C MET C 232 20.44 44.24 -20.12
N GLY C 233 21.63 44.83 -20.07
CA GLY C 233 21.80 46.22 -20.43
C GLY C 233 22.09 47.13 -19.25
N ALA C 234 22.02 46.60 -18.03
CA ALA C 234 22.28 47.41 -16.86
C ALA C 234 23.73 47.81 -16.75
N LYS C 235 24.00 48.72 -15.83
CA LYS C 235 25.36 49.18 -15.64
C LYS C 235 25.69 49.22 -14.16
N VAL C 236 26.25 48.12 -13.67
CA VAL C 236 26.63 47.96 -12.27
C VAL C 236 27.79 48.89 -11.94
N ILE C 237 27.48 49.96 -11.22
CA ILE C 237 28.53 50.91 -10.86
C ILE C 237 28.93 50.84 -9.39
N ALA C 238 28.16 50.11 -8.58
CA ALA C 238 28.49 50.01 -7.16
C ALA C 238 28.13 48.67 -6.54
N VAL C 239 29.13 47.98 -6.03
CA VAL C 239 28.90 46.70 -5.37
C VAL C 239 29.55 46.87 -4.00
N SER C 240 28.81 46.54 -2.95
CA SER C 240 29.34 46.69 -1.60
C SER C 240 29.41 45.39 -0.84
N ASP C 241 29.85 45.50 0.42
CA ASP C 241 29.96 44.36 1.31
C ASP C 241 30.53 44.85 2.63
N ILE C 242 30.76 43.93 3.55
CA ILE C 242 31.30 44.31 4.85
C ILE C 242 32.65 45.04 4.77
N ASN C 243 33.43 44.74 3.74
CA ASN C 243 34.76 45.32 3.55
C ASN C 243 34.77 46.74 2.99
N GLY C 244 33.71 47.14 2.31
CA GLY C 244 33.68 48.48 1.75
C GLY C 244 32.83 48.54 0.51
N VAL C 245 33.18 49.44 -0.40
CA VAL C 245 32.43 49.62 -1.64
C VAL C 245 33.37 49.68 -2.86
N ALA C 246 32.81 49.61 -4.06
CA ALA C 246 33.57 49.67 -5.30
C ALA C 246 32.79 50.43 -6.37
N TYR C 247 33.20 51.66 -6.64
CA TYR C 247 32.51 52.48 -7.63
C TYR C 247 33.24 52.52 -8.97
N ARG C 248 32.51 52.91 -10.02
CA ARG C 248 33.06 53.00 -11.37
C ARG C 248 31.90 53.33 -12.31
N LYS C 249 31.66 54.62 -12.53
CA LYS C 249 30.58 55.07 -13.42
C LYS C 249 30.60 54.36 -14.78
N GLU C 250 31.80 54.03 -15.29
CA GLU C 250 31.91 53.34 -16.57
C GLU C 250 31.12 52.03 -16.52
N GLY C 251 31.29 51.29 -15.43
CA GLY C 251 30.60 50.03 -15.25
C GLY C 251 31.53 48.89 -14.87
N LEU C 252 31.30 48.28 -13.71
CA LEU C 252 32.15 47.19 -13.26
C LEU C 252 32.02 45.96 -14.14
N ASN C 253 33.17 45.42 -14.54
CA ASN C 253 33.20 44.24 -15.37
C ASN C 253 32.81 43.06 -14.46
N VAL C 254 31.65 42.46 -14.74
CA VAL C 254 31.13 41.35 -13.95
C VAL C 254 31.78 40.00 -14.29
N GLU C 255 32.45 39.94 -15.43
CA GLU C 255 33.11 38.70 -15.85
C GLU C 255 34.00 38.16 -14.73
N LEU C 256 34.46 39.05 -13.85
CA LEU C 256 35.32 38.67 -12.73
C LEU C 256 34.59 37.77 -11.75
N ILE C 257 33.26 37.88 -11.75
CA ILE C 257 32.42 37.09 -10.88
C ILE C 257 32.37 35.62 -11.32
N GLN C 258 31.84 35.37 -12.52
CA GLN C 258 31.75 33.99 -13.00
C GLN C 258 33.09 33.27 -12.96
N LYS C 259 34.11 33.89 -13.54
CA LYS C 259 35.45 33.31 -13.56
C LYS C 259 35.95 33.05 -12.15
N ASN C 260 35.71 33.98 -11.24
CA ASN C 260 36.15 33.85 -9.86
C ASN C 260 35.01 33.50 -8.89
N LYS C 261 34.05 32.73 -9.39
CA LYS C 261 32.92 32.34 -8.57
C LYS C 261 33.45 31.61 -7.34
N GLY C 262 32.75 31.79 -6.22
CA GLY C 262 33.21 31.16 -4.99
C GLY C 262 34.46 31.86 -4.50
N LEU C 263 34.37 33.18 -4.32
CA LEU C 263 35.51 33.94 -3.85
C LEU C 263 35.04 34.79 -2.68
N THR C 264 34.15 34.41 -1.92
CA THR C 264 33.40 35.05 -0.84
C THR C 264 32.82 36.40 -1.26
N GLY C 265 32.13 37.09 -0.38
CA GLY C 265 31.58 38.42 -0.64
C GLY C 265 32.59 39.55 -0.67
N PRO C 266 33.22 39.83 0.46
CA PRO C 266 34.21 40.90 0.59
C PRO C 266 35.40 40.75 -0.37
N ALA C 267 35.95 39.54 -0.47
CA ALA C 267 37.08 39.33 -1.36
C ALA C 267 36.74 39.77 -2.77
N LEU C 268 35.58 39.36 -3.27
CA LEU C 268 35.18 39.76 -4.62
C LEU C 268 35.20 41.28 -4.74
N VAL C 269 34.91 41.97 -3.63
CA VAL C 269 34.89 43.42 -3.65
C VAL C 269 36.29 43.97 -3.90
N GLU C 270 37.28 43.44 -3.17
CA GLU C 270 38.66 43.86 -3.35
C GLU C 270 39.11 43.56 -4.78
N LEU C 271 38.76 42.37 -5.25
CA LEU C 271 39.10 41.95 -6.61
C LEU C 271 38.67 43.04 -7.60
N PHE C 272 37.60 43.76 -7.26
CA PHE C 272 37.12 44.85 -8.13
C PHE C 272 38.02 46.08 -8.00
N THR C 273 38.72 46.17 -6.88
CA THR C 273 39.62 47.29 -6.62
C THR C 273 41.01 46.97 -7.18
N THR C 274 41.30 45.68 -7.34
CA THR C 274 42.60 45.21 -7.85
C THR C 274 42.62 45.00 -9.37
N LYS C 275 41.78 44.08 -9.86
CA LYS C 275 41.72 43.79 -11.29
C LYS C 275 40.75 44.71 -12.04
N ASP C 276 40.44 45.86 -11.43
CA ASP C 276 39.55 46.84 -12.03
C ASP C 276 39.81 48.21 -11.41
N ASN C 277 39.94 49.22 -12.25
CA ASN C 277 40.22 50.56 -11.75
C ASN C 277 39.04 51.19 -11.02
N ALA C 278 38.46 50.45 -10.08
CA ALA C 278 37.31 50.95 -9.32
C ALA C 278 37.75 51.50 -7.96
N GLU C 279 37.12 52.58 -7.51
CA GLU C 279 37.44 53.20 -6.23
C GLU C 279 37.01 52.30 -5.08
N PHE C 280 37.63 52.46 -3.91
CA PHE C 280 37.25 51.64 -2.78
C PHE C 280 37.21 52.42 -1.48
N VAL C 281 35.99 52.77 -1.05
CA VAL C 281 35.81 53.50 0.20
C VAL C 281 35.54 52.49 1.34
N LYS C 282 36.28 52.63 2.44
CA LYS C 282 36.12 51.73 3.58
C LYS C 282 34.68 51.67 4.09
N ASN C 283 34.11 52.83 4.39
CA ASN C 283 32.74 52.89 4.90
C ASN C 283 31.74 52.27 3.94
N PRO C 284 31.13 51.13 4.34
CA PRO C 284 30.14 50.43 3.51
C PRO C 284 28.81 51.16 3.35
N ASP C 285 28.47 52.05 4.29
CA ASP C 285 27.21 52.76 4.18
C ASP C 285 27.19 53.72 3.00
N ALA C 286 28.34 53.87 2.36
CA ALA C 286 28.44 54.77 1.21
C ALA C 286 27.41 54.44 0.13
N ILE C 287 27.18 53.15 -0.10
CA ILE C 287 26.21 52.72 -1.11
C ILE C 287 24.88 53.46 -1.03
N PHE C 288 24.57 54.06 0.11
CA PHE C 288 23.30 54.78 0.28
C PHE C 288 23.32 56.22 -0.22
N LYS C 289 24.46 56.62 -0.78
CA LYS C 289 24.67 57.98 -1.28
C LYS C 289 24.75 58.05 -2.81
N LEU C 290 25.37 57.05 -3.44
CA LEU C 290 25.54 57.04 -4.89
C LEU C 290 24.24 57.19 -5.68
N ASP C 291 24.15 58.27 -6.45
CA ASP C 291 22.94 58.51 -7.22
C ASP C 291 22.86 57.46 -8.35
N VAL C 292 21.92 56.55 -8.24
CA VAL C 292 21.75 55.52 -9.26
C VAL C 292 20.28 55.32 -9.55
N ASP C 293 19.98 54.79 -10.74
CA ASP C 293 18.59 54.55 -11.13
C ASP C 293 18.00 53.43 -10.30
N ILE C 294 18.82 52.40 -10.07
CA ILE C 294 18.36 51.25 -9.32
C ILE C 294 19.30 50.89 -8.18
N PHE C 295 18.69 50.53 -7.03
CA PHE C 295 19.43 50.10 -5.84
C PHE C 295 18.92 48.70 -5.41
N VAL C 296 19.85 47.80 -5.08
CA VAL C 296 19.45 46.46 -4.66
C VAL C 296 20.07 46.01 -3.34
N PRO C 297 19.27 45.96 -2.28
CA PRO C 297 19.77 45.52 -0.98
C PRO C 297 19.76 43.99 -0.93
N ALA C 298 20.91 43.37 -1.09
CA ALA C 298 20.94 41.90 -1.06
C ALA C 298 21.91 41.37 0.00
N ALA C 299 21.82 41.89 1.22
CA ALA C 299 22.71 41.44 2.28
C ALA C 299 21.99 41.01 3.57
N ILE C 300 21.32 41.96 4.22
CA ILE C 300 20.61 41.68 5.47
C ILE C 300 19.30 42.47 5.61
N GLU C 301 18.64 42.27 6.75
CA GLU C 301 17.40 42.95 7.05
C GLU C 301 17.72 44.22 7.80
N ASN C 302 16.74 45.11 7.86
CA ASN C 302 16.86 46.39 8.55
C ASN C 302 17.93 47.27 7.92
N VAL C 303 17.95 47.30 6.59
CA VAL C 303 18.95 48.08 5.90
C VAL C 303 18.48 49.51 5.64
N ILE C 304 17.27 49.65 5.11
CA ILE C 304 16.71 50.96 4.84
C ILE C 304 15.63 51.23 5.89
N ARG C 305 16.01 51.93 6.95
CA ARG C 305 15.11 52.26 8.06
C ARG C 305 14.53 53.67 7.91
N GLY C 306 13.95 54.18 9.00
CA GLY C 306 13.38 55.52 8.97
C GLY C 306 14.42 56.62 9.08
N ASP C 307 15.58 56.30 9.63
CA ASP C 307 16.65 57.28 9.81
C ASP C 307 17.55 57.51 8.58
N ASN C 308 17.44 56.65 7.58
CA ASN C 308 18.25 56.78 6.38
C ASN C 308 17.40 56.71 5.13
N ALA C 309 16.13 56.36 5.31
CA ALA C 309 15.20 56.27 4.20
C ALA C 309 15.36 57.49 3.29
N GLY C 310 15.29 58.67 3.89
CA GLY C 310 15.41 59.90 3.13
C GLY C 310 16.82 60.24 2.72
N LEU C 311 17.46 59.35 1.97
CA LEU C 311 18.82 59.61 1.54
C LEU C 311 19.06 58.88 0.24
N VAL C 312 18.31 57.80 0.03
CA VAL C 312 18.47 57.03 -1.18
C VAL C 312 18.11 57.86 -2.39
N LYS C 313 18.90 57.75 -3.44
CA LYS C 313 18.66 58.52 -4.66
C LYS C 313 17.91 57.71 -5.70
N ALA C 314 18.02 56.38 -5.59
CA ALA C 314 17.38 55.47 -6.52
C ALA C 314 15.88 55.65 -6.69
N ARG C 315 15.40 55.71 -7.94
CA ARG C 315 13.97 55.87 -8.19
C ARG C 315 13.27 54.52 -8.22
N LEU C 316 14.07 53.45 -8.13
CA LEU C 316 13.59 52.07 -8.13
C LEU C 316 14.45 51.22 -7.20
N VAL C 317 13.82 50.63 -6.20
CA VAL C 317 14.53 49.79 -5.25
C VAL C 317 14.00 48.39 -5.31
N VAL C 318 14.88 47.43 -5.54
CA VAL C 318 14.46 46.04 -5.61
C VAL C 318 15.01 45.26 -4.43
N GLU C 319 14.09 44.67 -3.65
CA GLU C 319 14.44 43.89 -2.47
C GLU C 319 15.09 42.55 -2.79
N GLY C 320 16.41 42.46 -2.59
CA GLY C 320 17.10 41.21 -2.86
C GLY C 320 17.07 40.34 -1.63
N ALA C 321 17.43 40.93 -0.49
CA ALA C 321 17.44 40.20 0.77
C ALA C 321 16.01 40.14 1.32
N ASN C 322 15.84 39.52 2.48
CA ASN C 322 14.52 39.45 3.09
C ASN C 322 14.31 40.60 4.06
N GLY C 323 13.20 41.29 3.88
CA GLY C 323 12.85 42.42 4.73
C GLY C 323 13.92 43.48 4.91
N PRO C 324 14.53 43.97 3.82
CA PRO C 324 15.57 44.99 3.95
C PRO C 324 14.96 46.37 4.24
N THR C 325 13.79 46.62 3.67
CA THR C 325 13.09 47.89 3.84
C THR C 325 12.14 47.90 5.05
N THR C 326 12.38 48.83 5.97
CA THR C 326 11.57 49.02 7.19
C THR C 326 10.18 49.57 6.86
N PRO C 327 9.13 49.02 7.50
CA PRO C 327 7.75 49.46 7.27
C PRO C 327 7.60 50.97 7.21
N GLU C 328 8.30 51.66 8.09
CA GLU C 328 8.19 53.10 8.14
C GLU C 328 8.85 53.72 6.91
N ALA C 329 10.09 53.32 6.66
CA ALA C 329 10.83 53.83 5.52
C ALA C 329 10.07 53.61 4.22
N GLU C 330 9.25 52.53 4.20
CA GLU C 330 8.45 52.22 3.02
C GLU C 330 7.43 53.33 2.75
N ARG C 331 6.92 53.87 3.88
CA ARG C 331 5.95 54.97 3.84
C ARG C 331 6.64 56.18 3.21
N ILE C 332 7.80 56.52 3.74
CA ILE C 332 8.62 57.62 3.25
C ILE C 332 8.96 57.48 1.78
N LEU C 333 9.82 56.51 1.46
CA LEU C 333 10.24 56.27 0.09
C LEU C 333 9.07 56.34 -0.90
N TYR C 334 7.91 55.82 -0.51
CA TYR C 334 6.79 55.84 -1.43
C TYR C 334 6.24 57.23 -1.66
N GLU C 335 6.03 57.97 -0.59
CA GLU C 335 5.51 59.30 -0.77
C GLU C 335 6.62 60.23 -1.28
N ARG C 336 7.72 59.66 -1.76
CA ARG C 336 8.83 60.48 -2.30
C ARG C 336 9.09 60.11 -3.74
N GLY C 337 8.17 59.31 -4.28
CA GLY C 337 8.25 58.88 -5.66
C GLY C 337 9.17 57.70 -5.92
N VAL C 338 9.51 56.95 -4.88
CA VAL C 338 10.38 55.78 -5.02
C VAL C 338 9.55 54.52 -4.92
N VAL C 339 9.60 53.66 -5.94
CA VAL C 339 8.86 52.42 -5.91
C VAL C 339 9.76 51.26 -5.48
N VAL C 340 9.33 50.52 -4.45
CA VAL C 340 10.11 49.40 -3.94
C VAL C 340 9.47 48.05 -4.30
N VAL C 341 10.25 47.20 -4.96
CA VAL C 341 9.80 45.89 -5.37
C VAL C 341 9.88 44.87 -4.25
N PRO C 342 8.74 44.36 -3.82
CA PRO C 342 8.60 43.37 -2.75
C PRO C 342 9.52 42.17 -2.89
N ASP C 343 10.21 41.87 -1.80
CA ASP C 343 11.10 40.73 -1.74
C ASP C 343 10.33 39.44 -2.00
N ILE C 344 9.12 39.32 -1.46
CA ILE C 344 8.30 38.12 -1.63
C ILE C 344 8.17 37.74 -3.10
N LEU C 345 8.26 38.77 -3.95
CA LEU C 345 8.15 38.67 -5.40
C LEU C 345 9.52 38.65 -6.07
N ALA C 346 10.42 39.52 -5.62
CA ALA C 346 11.74 39.62 -6.21
C ALA C 346 12.68 38.44 -6.02
N ASN C 347 12.93 38.03 -4.78
CA ASN C 347 13.83 36.90 -4.57
C ASN C 347 13.20 35.52 -4.69
N ALA C 348 11.95 35.48 -5.13
CA ALA C 348 11.23 34.23 -5.30
C ALA C 348 11.88 33.32 -6.35
N GLY C 349 12.95 33.81 -6.98
CA GLY C 349 13.65 33.03 -7.98
C GLY C 349 14.15 31.69 -7.49
N GLY C 350 14.59 31.61 -6.24
CA GLY C 350 15.09 30.35 -5.73
C GLY C 350 13.99 29.33 -5.48
N VAL C 351 12.84 29.82 -5.04
CA VAL C 351 11.72 28.94 -4.77
C VAL C 351 11.23 28.43 -6.11
N ILE C 352 11.19 29.31 -7.11
CA ILE C 352 10.75 28.95 -8.44
C ILE C 352 11.66 27.83 -8.99
N MET C 353 12.97 28.04 -8.95
CA MET C 353 13.93 27.04 -9.45
C MET C 353 13.72 25.72 -8.72
N SER C 354 13.45 25.83 -7.44
CA SER C 354 13.20 24.65 -6.63
C SER C 354 12.05 23.83 -7.25
N TYR C 355 11.05 24.53 -7.78
CA TYR C 355 9.91 23.89 -8.44
C TYR C 355 10.38 23.17 -9.72
N LEU C 356 11.21 23.83 -10.52
CA LEU C 356 11.74 23.28 -11.75
C LEU C 356 12.56 21.99 -11.48
N GLU C 357 13.33 21.98 -10.39
CA GLU C 357 14.14 20.80 -10.02
C GLU C 357 13.18 19.63 -9.74
N TRP C 358 12.10 19.96 -9.03
CA TRP C 358 11.10 18.98 -8.67
C TRP C 358 10.46 18.39 -9.91
N VAL C 359 9.97 19.25 -10.80
CA VAL C 359 9.33 18.75 -12.00
C VAL C 359 10.20 17.77 -12.73
N GLU C 360 11.49 18.08 -12.81
CA GLU C 360 12.44 17.24 -13.46
C GLU C 360 12.59 15.90 -12.76
N ASN C 361 12.50 15.91 -11.43
CA ASN C 361 12.63 14.67 -10.68
C ASN C 361 11.43 13.74 -10.91
N LEU C 362 10.24 14.31 -11.07
CA LEU C 362 9.05 13.48 -11.30
C LEU C 362 9.06 12.78 -12.65
N GLN C 363 9.79 13.32 -13.61
CA GLN C 363 9.85 12.72 -14.93
C GLN C 363 11.23 12.15 -15.19
N TRP C 364 12.05 12.14 -14.16
CA TRP C 364 13.42 11.63 -14.26
C TRP C 364 14.14 12.15 -15.50
N TYR C 365 14.07 13.45 -15.74
CA TYR C 365 14.73 14.05 -16.88
C TYR C 365 15.27 15.38 -16.44
N ILE C 366 16.53 15.67 -16.71
CA ILE C 366 17.10 16.96 -16.32
C ILE C 366 17.37 17.82 -17.54
N TRP C 367 16.82 19.03 -17.58
CA TRP C 367 17.01 19.93 -18.72
C TRP C 367 18.39 20.61 -18.69
N ASP C 368 18.71 21.38 -19.74
CA ASP C 368 19.99 22.08 -19.74
C ASP C 368 19.79 23.48 -19.15
N GLU C 369 20.88 24.14 -18.80
CA GLU C 369 20.82 25.47 -18.21
C GLU C 369 19.94 26.42 -19.00
N GLU C 370 20.03 26.35 -20.33
CA GLU C 370 19.25 27.22 -21.20
C GLU C 370 17.77 26.95 -20.96
N GLU C 371 17.36 25.69 -21.08
CA GLU C 371 15.98 25.30 -20.85
C GLU C 371 15.50 25.78 -19.47
N THR C 372 16.28 25.44 -18.45
CA THR C 372 15.97 25.78 -17.07
C THR C 372 15.75 27.30 -16.90
N ARG C 373 16.66 28.09 -17.47
CA ARG C 373 16.57 29.55 -17.38
C ARG C 373 15.41 30.17 -18.17
N LYS C 374 15.04 29.58 -19.30
CA LYS C 374 13.92 30.11 -20.06
C LYS C 374 12.63 29.98 -19.25
N ARG C 375 12.39 28.79 -18.71
CA ARG C 375 11.18 28.56 -17.93
C ARG C 375 11.22 29.39 -16.66
N LEU C 376 12.39 29.45 -16.05
CA LEU C 376 12.56 30.22 -14.83
C LEU C 376 12.28 31.70 -15.13
N GLU C 377 12.87 32.23 -16.19
CA GLU C 377 12.67 33.63 -16.56
C GLU C 377 11.20 33.97 -16.86
N ASN C 378 10.55 33.08 -17.60
CA ASN C 378 9.14 33.26 -17.97
C ASN C 378 8.23 33.39 -16.76
N ILE C 379 8.37 32.45 -15.84
CA ILE C 379 7.55 32.42 -14.63
C ILE C 379 7.67 33.75 -13.86
N MET C 380 8.90 34.19 -13.60
CA MET C 380 9.15 35.43 -12.86
C MET C 380 8.54 36.65 -13.56
N VAL C 381 8.64 36.66 -14.88
CA VAL C 381 8.14 37.75 -15.70
C VAL C 381 6.63 37.79 -15.58
N ASN C 382 6.04 36.60 -15.58
CA ASN C 382 4.61 36.47 -15.46
C ASN C 382 4.13 36.86 -14.06
N ASN C 383 4.93 36.54 -13.05
CA ASN C 383 4.53 36.89 -11.70
C ASN C 383 4.52 38.40 -11.57
N VAL C 384 5.53 39.04 -12.14
CA VAL C 384 5.63 40.50 -12.05
C VAL C 384 4.40 41.18 -12.67
N GLU C 385 4.06 40.77 -13.89
CA GLU C 385 2.91 41.32 -14.59
C GLU C 385 1.66 41.24 -13.74
N ARG C 386 1.36 40.04 -13.25
CA ARG C 386 0.18 39.87 -12.45
C ARG C 386 0.13 40.91 -11.34
N VAL C 387 1.19 40.99 -10.55
CA VAL C 387 1.23 41.95 -9.45
C VAL C 387 1.07 43.37 -9.93
N TYR C 388 1.86 43.76 -10.91
CA TYR C 388 1.82 45.10 -11.46
C TYR C 388 0.42 45.51 -11.93
N LYS C 389 -0.19 44.67 -12.76
CA LYS C 389 -1.53 44.96 -13.29
C LYS C 389 -2.57 45.23 -12.22
N ARG C 390 -2.49 44.52 -11.10
CA ARG C 390 -3.43 44.70 -9.99
C ARG C 390 -3.06 45.92 -9.16
N TRP C 391 -1.77 46.24 -9.16
CA TRP C 391 -1.28 47.37 -8.41
C TRP C 391 -1.85 48.69 -8.92
N GLN C 392 -1.95 48.81 -10.24
CA GLN C 392 -2.47 50.02 -10.86
C GLN C 392 -3.98 50.15 -10.68
N ARG C 393 -4.70 49.02 -10.73
CA ARG C 393 -6.15 49.02 -10.56
C ARG C 393 -6.63 49.69 -9.27
N GLU C 394 -5.74 49.89 -8.31
CA GLU C 394 -6.10 50.54 -7.03
C GLU C 394 -5.19 51.71 -6.72
N LYS C 395 -5.68 52.64 -5.91
CA LYS C 395 -4.86 53.78 -5.57
C LYS C 395 -4.55 53.70 -4.11
N GLY C 396 -3.40 54.24 -3.71
CA GLY C 396 -3.00 54.19 -2.32
C GLY C 396 -2.21 52.95 -1.98
N TRP C 397 -2.35 51.92 -2.81
CA TRP C 397 -1.66 50.64 -2.62
C TRP C 397 -0.19 50.73 -2.98
N THR C 398 0.61 49.86 -2.37
CA THR C 398 2.04 49.82 -2.67
C THR C 398 2.33 48.49 -3.35
N MET C 399 3.50 48.37 -3.96
CA MET C 399 3.85 47.14 -4.63
C MET C 399 3.61 46.00 -3.68
N ARG C 400 4.10 46.14 -2.47
CA ARG C 400 3.93 45.08 -1.48
C ARG C 400 2.43 44.83 -1.27
N ASP C 401 1.64 45.89 -1.16
CA ASP C 401 0.20 45.77 -0.96
C ASP C 401 -0.49 44.89 -1.98
N ALA C 402 -0.19 45.14 -3.25
CA ALA C 402 -0.76 44.39 -4.36
C ALA C 402 -0.19 42.97 -4.39
N ALA C 403 1.08 42.85 -4.03
CA ALA C 403 1.73 41.55 -4.02
C ALA C 403 1.01 40.59 -3.07
N ILE C 404 0.78 41.03 -1.84
CA ILE C 404 0.10 40.22 -0.84
C ILE C 404 -1.30 39.83 -1.27
N VAL C 405 -2.09 40.81 -1.70
CA VAL C 405 -3.44 40.53 -2.13
C VAL C 405 -3.41 39.58 -3.32
N THR C 406 -2.48 39.80 -4.25
CA THR C 406 -2.39 38.92 -5.42
C THR C 406 -2.20 37.46 -4.99
N ALA C 407 -1.52 37.29 -3.87
CA ALA C 407 -1.25 35.96 -3.32
C ALA C 407 -2.46 35.40 -2.58
N LEU C 408 -3.10 36.25 -1.78
CA LEU C 408 -4.28 35.83 -1.02
C LEU C 408 -5.43 35.46 -1.94
N GLU C 409 -5.47 36.08 -3.12
CA GLU C 409 -6.52 35.80 -4.08
C GLU C 409 -6.47 34.40 -4.69
N ARG C 410 -5.29 33.99 -5.12
CA ARG C 410 -5.12 32.67 -5.72
C ARG C 410 -5.52 31.55 -4.75
N ILE C 411 -5.16 31.72 -3.48
CA ILE C 411 -5.46 30.77 -2.41
C ILE C 411 -6.96 30.78 -2.11
N TYR C 412 -7.50 31.96 -1.83
CA TYR C 412 -8.93 32.11 -1.54
C TYR C 412 -9.77 31.46 -2.64
N ASN C 413 -9.46 31.80 -3.88
CA ASN C 413 -10.18 31.25 -5.03
C ASN C 413 -10.21 29.74 -5.01
N ALA C 414 -9.05 29.13 -4.81
CA ALA C 414 -8.95 27.67 -4.79
C ALA C 414 -9.76 27.10 -3.63
N MET C 415 -9.72 27.77 -2.48
CA MET C 415 -10.47 27.26 -1.33
C MET C 415 -11.96 27.28 -1.58
N LYS C 416 -12.44 28.28 -2.32
CA LYS C 416 -13.87 28.36 -2.60
C LYS C 416 -14.31 27.26 -3.56
N ILE C 417 -13.59 27.14 -4.67
CA ILE C 417 -13.91 26.13 -5.69
C ILE C 417 -13.81 24.73 -5.11
N ARG C 418 -13.05 24.61 -4.03
CA ARG C 418 -12.86 23.33 -3.39
C ARG C 418 -13.90 23.03 -2.33
N GLY C 419 -14.58 24.07 -1.85
CA GLY C 419 -15.60 23.83 -0.85
C GLY C 419 -15.05 23.92 0.57
N TRP C 420 -13.88 24.52 0.71
CA TRP C 420 -13.24 24.68 2.01
C TRP C 420 -13.81 25.88 2.78
N ILE C 421 -14.45 26.80 2.06
CA ILE C 421 -15.07 28.01 2.64
C ILE C 421 -16.48 28.21 2.10
N THR D 4 2.06 23.00 32.52
CA THR D 4 3.49 22.83 32.67
C THR D 4 3.89 22.55 34.13
N GLY D 5 3.00 22.83 35.08
CA GLY D 5 3.32 22.54 36.46
C GLY D 5 3.12 21.06 36.69
N PHE D 6 2.09 20.52 36.04
CA PHE D 6 1.77 19.11 36.19
C PHE D 6 2.83 18.30 35.45
N LEU D 7 3.36 18.84 34.37
CA LEU D 7 4.38 18.13 33.62
C LEU D 7 5.70 18.09 34.37
N GLU D 8 6.04 19.21 35.00
CA GLU D 8 7.29 19.31 35.75
C GLU D 8 7.18 18.34 36.92
N TYR D 9 5.95 18.11 37.36
CA TYR D 9 5.67 17.20 38.46
C TYR D 9 5.94 15.76 38.01
N VAL D 10 5.29 15.33 36.93
CA VAL D 10 5.44 13.99 36.37
C VAL D 10 6.88 13.68 35.99
N LEU D 11 7.59 14.66 35.44
CA LEU D 11 8.99 14.42 35.08
C LEU D 11 9.79 14.03 36.33
N ASN D 12 9.48 14.62 37.49
CA ASN D 12 10.21 14.30 38.73
C ASN D 12 9.68 13.01 39.32
N TYR D 13 8.41 12.77 39.10
CA TYR D 13 7.74 11.57 39.56
C TYR D 13 8.51 10.39 38.97
N VAL D 14 8.90 10.53 37.70
CA VAL D 14 9.65 9.52 36.97
C VAL D 14 11.13 9.52 37.37
N LYS D 15 11.73 10.70 37.38
CA LYS D 15 13.14 10.82 37.74
C LYS D 15 13.38 10.11 39.07
N LYS D 16 12.37 10.14 39.93
CA LYS D 16 12.48 9.50 41.23
C LYS D 16 12.68 8.02 41.01
N GLY D 17 11.83 7.43 40.19
CA GLY D 17 11.94 6.02 39.90
C GLY D 17 13.24 5.66 39.24
N VAL D 18 13.78 6.56 38.43
CA VAL D 18 15.02 6.29 37.74
C VAL D 18 16.17 6.11 38.72
N GLU D 19 16.26 7.00 39.70
CA GLU D 19 17.30 6.93 40.71
C GLU D 19 17.13 5.72 41.65
N LEU D 20 15.90 5.31 41.90
CA LEU D 20 15.64 4.17 42.77
C LEU D 20 16.05 2.85 42.15
N GLY D 21 15.67 2.69 40.88
CA GLY D 21 15.98 1.48 40.14
C GLY D 21 17.42 1.48 39.67
N GLY D 22 18.07 2.64 39.76
CA GLY D 22 19.45 2.75 39.36
C GLY D 22 19.68 2.62 37.86
N PHE D 23 18.77 3.17 37.08
CA PHE D 23 18.90 3.13 35.64
C PHE D 23 19.76 4.29 35.20
N PRO D 24 20.38 4.17 34.02
CA PRO D 24 21.24 5.23 33.51
C PRO D 24 20.47 6.50 33.18
N GLU D 25 21.17 7.63 33.09
CA GLU D 25 20.48 8.89 32.82
C GLU D 25 20.05 8.95 31.38
N ASP D 26 20.71 8.17 30.54
CA ASP D 26 20.36 8.13 29.13
C ASP D 26 18.93 7.64 29.03
N PHE D 27 18.55 6.77 29.96
CA PHE D 27 17.20 6.23 29.98
C PHE D 27 16.19 7.33 30.22
N TYR D 28 16.46 8.14 31.24
CA TYR D 28 15.58 9.26 31.58
C TYR D 28 15.43 10.16 30.35
N LYS D 29 16.54 10.47 29.69
CA LYS D 29 16.51 11.33 28.51
C LYS D 29 15.44 10.92 27.51
N ILE D 30 15.49 9.69 27.01
CA ILE D 30 14.53 9.15 26.02
C ILE D 30 13.09 9.13 26.55
N LEU D 31 12.88 8.74 27.82
CA LEU D 31 11.52 8.71 28.32
C LEU D 31 10.97 10.09 28.67
N SER D 32 11.81 11.11 28.56
CA SER D 32 11.44 12.51 28.89
C SER D 32 10.59 13.22 27.88
N ARG D 33 11.04 13.15 26.64
CA ARG D 33 10.37 13.82 25.54
C ARG D 33 9.58 12.76 24.78
N PRO D 34 8.39 13.12 24.25
CA PRO D 34 7.56 12.17 23.51
C PRO D 34 8.21 11.89 22.18
N ARG D 35 8.04 10.68 21.68
CA ARG D 35 8.62 10.28 20.41
C ARG D 35 8.00 11.07 19.27
N ARG D 36 6.69 11.22 19.32
CA ARG D 36 5.99 11.94 18.27
C ARG D 36 4.80 12.77 18.78
N VAL D 37 4.55 13.92 18.16
CA VAL D 37 3.45 14.81 18.55
C VAL D 37 2.75 15.43 17.32
N LEU D 38 1.50 15.04 17.08
CA LEU D 38 0.77 15.55 15.93
C LEU D 38 -0.31 16.56 16.29
N ILE D 39 -0.11 17.81 15.88
CA ILE D 39 -1.05 18.90 16.15
C ILE D 39 -1.86 19.25 14.92
N VAL D 40 -3.17 19.18 15.03
CA VAL D 40 -3.99 19.52 13.89
C VAL D 40 -5.05 20.53 14.27
N ASN D 41 -5.52 21.24 13.25
CA ASN D 41 -6.57 22.23 13.38
C ASN D 41 -7.72 21.81 12.47
N ILE D 42 -8.83 21.41 13.07
CA ILE D 42 -10.00 20.98 12.32
C ILE D 42 -11.04 22.09 12.19
N PRO D 43 -11.38 22.48 10.95
CA PRO D 43 -12.37 23.52 10.65
C PRO D 43 -13.77 22.93 10.64
N VAL D 44 -14.64 23.43 11.52
CA VAL D 44 -16.00 22.94 11.57
C VAL D 44 -16.96 24.03 11.16
N ARG D 45 -17.99 23.65 10.40
CA ARG D 45 -19.00 24.59 9.92
C ARG D 45 -20.17 24.55 10.90
N LEU D 46 -20.11 25.38 11.93
CA LEU D 46 -21.16 25.45 12.94
C LEU D 46 -22.50 25.59 12.23
N ASP D 47 -23.39 24.63 12.47
CA ASP D 47 -24.71 24.63 11.86
C ASP D 47 -25.41 25.93 12.22
N GLY D 48 -25.41 26.23 13.50
CA GLY D 48 -26.01 27.45 13.96
C GLY D 48 -24.94 28.51 13.81
N GLY D 49 -24.59 28.81 12.57
CA GLY D 49 -23.58 29.82 12.34
C GLY D 49 -22.83 29.67 11.03
N GLY D 50 -21.56 30.04 11.07
CA GLY D 50 -20.76 29.95 9.87
C GLY D 50 -19.53 29.08 9.98
N PHE D 51 -18.50 29.57 10.67
CA PHE D 51 -17.25 28.86 10.78
C PHE D 51 -16.52 28.87 12.11
N GLU D 52 -15.59 27.94 12.25
CA GLU D 52 -14.77 27.81 13.45
C GLU D 52 -13.66 26.82 13.21
N VAL D 53 -12.47 27.09 13.75
CA VAL D 53 -11.32 26.21 13.59
C VAL D 53 -10.85 25.71 14.95
N PHE D 54 -11.12 24.45 15.26
CA PHE D 54 -10.70 23.90 16.54
C PHE D 54 -9.29 23.35 16.53
N GLU D 55 -8.59 23.50 17.65
CA GLU D 55 -7.24 23.00 17.80
C GLU D 55 -7.25 21.63 18.49
N GLY D 56 -6.47 20.71 17.95
CA GLY D 56 -6.39 19.38 18.52
C GLY D 56 -5.00 18.79 18.31
N TYR D 57 -4.71 17.71 19.02
CA TYR D 57 -3.43 17.06 18.89
C TYR D 57 -3.49 15.69 19.45
N ARG D 58 -2.45 14.91 19.17
CA ARG D 58 -2.32 13.56 19.65
C ARG D 58 -0.88 13.27 19.99
N VAL D 59 -0.62 13.13 21.27
CA VAL D 59 0.72 12.83 21.75
C VAL D 59 0.99 11.35 21.74
N GLN D 60 2.15 10.97 21.23
CA GLN D 60 2.54 9.58 21.17
C GLN D 60 3.89 9.47 21.87
N HIS D 61 3.85 9.00 23.13
CA HIS D 61 5.02 8.90 24.00
C HIS D 61 6.06 7.79 23.74
N CYS D 62 5.71 6.55 24.06
CA CYS D 62 6.62 5.43 23.90
C CYS D 62 6.04 4.19 23.26
N ASP D 63 6.76 3.64 22.30
CA ASP D 63 6.33 2.47 21.56
C ASP D 63 6.99 1.12 21.81
N VAL D 64 8.01 1.06 22.67
CA VAL D 64 8.71 -0.20 22.91
C VAL D 64 7.87 -1.43 23.24
N LEU D 65 6.92 -1.30 24.15
CA LEU D 65 6.10 -2.44 24.56
C LEU D 65 5.10 -2.90 23.52
N GLY D 66 4.73 -1.98 22.65
CA GLY D 66 3.78 -2.27 21.61
C GLY D 66 3.14 -0.98 21.14
N PRO D 67 1.99 -1.02 20.46
CA PRO D 67 1.27 0.15 19.96
C PRO D 67 0.75 1.07 21.07
N TYR D 68 0.70 2.36 20.72
CA TYR D 68 0.27 3.46 21.59
C TYR D 68 -1.17 3.33 22.07
N LYS D 69 -1.43 3.75 23.29
CA LYS D 69 -2.78 3.61 23.79
C LYS D 69 -3.03 4.68 24.82
N GLY D 70 -3.96 5.57 24.51
CA GLY D 70 -4.30 6.64 25.42
C GLY D 70 -5.64 7.18 25.03
N GLY D 71 -6.22 8.00 25.91
CA GLY D 71 -7.52 8.58 25.64
C GLY D 71 -7.44 9.96 25.00
N VAL D 72 -8.57 10.44 24.49
CA VAL D 72 -8.68 11.77 23.86
C VAL D 72 -9.62 12.64 24.70
N ARG D 73 -9.15 13.82 25.10
CA ARG D 73 -9.91 14.77 25.93
C ARG D 73 -10.60 15.92 25.20
N PHE D 74 -11.90 16.08 25.40
CA PHE D 74 -12.61 17.21 24.78
C PHE D 74 -12.86 18.18 25.92
N HIS D 75 -11.95 19.13 26.11
CA HIS D 75 -12.08 20.10 27.17
C HIS D 75 -11.44 21.43 26.77
N PRO D 76 -12.08 22.56 27.13
CA PRO D 76 -11.57 23.88 26.78
C PRO D 76 -10.32 24.36 27.48
N GLU D 77 -9.98 23.74 28.60
CA GLU D 77 -8.81 24.15 29.33
C GLU D 77 -7.66 23.18 29.15
N VAL D 78 -7.61 22.54 27.99
CA VAL D 78 -6.55 21.59 27.74
C VAL D 78 -5.33 22.21 27.09
N THR D 79 -4.16 21.88 27.64
CA THR D 79 -2.87 22.36 27.16
C THR D 79 -1.93 21.18 26.83
N LEU D 80 -1.08 21.35 25.82
CA LEU D 80 -0.15 20.31 25.36
C LEU D 80 0.68 19.65 26.45
N ALA D 81 1.31 20.48 27.25
CA ALA D 81 2.15 20.04 28.33
C ALA D 81 1.45 19.04 29.23
N ASP D 82 0.23 19.36 29.65
CA ASP D 82 -0.51 18.47 30.52
C ASP D 82 -0.74 17.11 29.89
N ASP D 83 -1.02 17.13 28.60
CA ASP D 83 -1.25 15.89 27.89
C ASP D 83 0.03 15.09 27.69
N VAL D 84 1.16 15.80 27.55
CA VAL D 84 2.45 15.14 27.40
C VAL D 84 2.73 14.41 28.70
N ALA D 85 2.39 15.06 29.82
CA ALA D 85 2.57 14.50 31.14
C ALA D 85 1.63 13.31 31.30
N LEU D 86 0.42 13.44 30.75
CA LEU D 86 -0.59 12.36 30.83
C LEU D 86 -0.18 11.15 30.00
N ALA D 87 0.56 11.44 28.93
CA ALA D 87 1.07 10.43 28.00
C ALA D 87 2.14 9.62 28.74
N ILE D 88 3.12 10.34 29.30
CA ILE D 88 4.19 9.75 30.09
C ILE D 88 3.62 8.77 31.14
N LEU D 89 2.67 9.24 31.94
CA LEU D 89 2.05 8.40 32.95
C LEU D 89 1.37 7.15 32.34
N MET D 90 0.77 7.34 31.18
CA MET D 90 0.06 6.28 30.47
C MET D 90 1.01 5.18 30.00
N THR D 91 2.24 5.57 29.69
CA THR D 91 3.22 4.62 29.23
C THR D 91 3.62 3.74 30.40
N LEU D 92 3.84 4.37 31.55
CA LEU D 92 4.21 3.66 32.77
C LEU D 92 3.08 2.76 33.24
N LYS D 93 1.86 3.29 33.19
CA LYS D 93 0.68 2.57 33.63
C LYS D 93 0.43 1.33 32.78
N ASN D 94 0.63 1.46 31.47
CA ASN D 94 0.46 0.34 30.55
C ASN D 94 1.55 -0.68 30.78
N SER D 95 2.76 -0.21 31.10
CA SER D 95 3.88 -1.11 31.38
C SER D 95 3.59 -1.93 32.62
N LEU D 96 3.18 -1.24 33.67
CA LEU D 96 2.87 -1.85 34.94
C LEU D 96 1.70 -2.81 34.81
N ALA D 97 0.75 -2.46 33.96
CA ALA D 97 -0.43 -3.28 33.75
C ALA D 97 -0.11 -4.61 33.08
N GLY D 98 1.10 -4.72 32.53
CA GLY D 98 1.54 -5.92 31.85
C GLY D 98 0.89 -6.12 30.50
N LEU D 99 0.71 -5.02 29.80
CA LEU D 99 0.06 -5.04 28.51
C LEU D 99 1.12 -4.72 27.48
N PRO D 100 0.88 -5.03 26.20
CA PRO D 100 1.87 -4.72 25.16
C PRO D 100 1.47 -3.39 24.53
N TYR D 101 1.38 -2.37 25.38
CA TYR D 101 0.94 -1.06 24.94
C TYR D 101 1.92 0.06 25.24
N GLY D 102 2.01 1.01 24.32
CA GLY D 102 2.91 2.12 24.52
C GLY D 102 2.36 3.38 25.19
N GLY D 103 1.06 3.50 25.36
CA GLY D 103 0.58 4.70 26.03
C GLY D 103 0.81 6.03 25.31
N ALA D 104 -0.30 6.71 25.06
CA ALA D 104 -0.29 7.99 24.37
C ALA D 104 -1.34 8.86 25.00
N LYS D 105 -1.69 9.94 24.30
CA LYS D 105 -2.68 10.89 24.77
C LYS D 105 -3.13 11.88 23.69
N GLY D 106 -4.37 12.36 23.79
CA GLY D 106 -4.86 13.30 22.80
C GLY D 106 -5.85 14.23 23.46
N ALA D 107 -6.19 15.31 22.75
CA ALA D 107 -7.11 16.33 23.25
C ALA D 107 -7.54 17.33 22.18
N VAL D 108 -8.75 17.86 22.31
CA VAL D 108 -9.25 18.87 21.38
C VAL D 108 -9.82 19.99 22.23
N ARG D 109 -9.22 21.19 22.20
CA ARG D 109 -9.69 22.33 23.02
C ARG D 109 -11.07 22.80 22.60
N VAL D 110 -12.05 22.45 23.42
CA VAL D 110 -13.43 22.77 23.14
C VAL D 110 -14.33 22.34 24.30
N ASP D 111 -15.52 22.92 24.35
CA ASP D 111 -16.50 22.60 25.37
C ASP D 111 -17.60 21.82 24.64
N PRO D 112 -17.52 20.47 24.69
CA PRO D 112 -18.52 19.64 24.02
C PRO D 112 -19.95 19.99 24.40
N LYS D 113 -20.10 20.51 25.61
CA LYS D 113 -21.41 20.90 26.12
C LYS D 113 -21.77 22.29 25.61
N LYS D 114 -21.28 22.65 24.43
CA LYS D 114 -21.53 23.98 23.89
C LYS D 114 -21.73 23.81 22.41
N LEU D 115 -21.64 22.57 21.97
CA LEU D 115 -21.78 22.24 20.57
C LEU D 115 -22.99 21.37 20.42
N SER D 116 -23.74 21.59 19.35
CA SER D 116 -24.91 20.80 19.10
C SER D 116 -24.46 19.40 18.69
N GLN D 117 -25.36 18.45 18.79
CA GLN D 117 -25.05 17.09 18.40
C GLN D 117 -24.43 17.03 17.01
N ARG D 118 -25.05 17.69 16.02
CA ARG D 118 -24.52 17.65 14.66
C ARG D 118 -23.12 18.24 14.62
N GLU D 119 -22.86 19.23 15.46
CA GLU D 119 -21.55 19.86 15.50
C GLU D 119 -20.52 18.92 16.09
N LEU D 120 -20.86 18.28 17.21
CA LEU D 120 -19.96 17.35 17.89
C LEU D 120 -19.51 16.19 17.00
N GLU D 121 -20.44 15.65 16.23
CA GLU D 121 -20.12 14.55 15.35
C GLU D 121 -19.14 15.06 14.29
N GLU D 122 -19.46 16.20 13.70
CA GLU D 122 -18.59 16.75 12.68
C GLU D 122 -17.18 16.94 13.25
N LEU D 123 -17.08 17.55 14.43
CA LEU D 123 -15.79 17.77 15.07
C LEU D 123 -15.10 16.43 15.33
N SER D 124 -15.83 15.50 15.95
CA SER D 124 -15.29 14.18 16.26
C SER D 124 -14.74 13.52 14.98
N ARG D 125 -15.57 13.49 13.94
CA ARG D 125 -15.15 12.90 12.67
C ARG D 125 -13.91 13.61 12.10
N GLY D 126 -13.80 14.92 12.29
CA GLY D 126 -12.65 15.66 11.79
C GLY D 126 -11.38 15.37 12.55
N TYR D 127 -11.51 15.05 13.83
CA TYR D 127 -10.33 14.74 14.60
C TYR D 127 -9.81 13.38 14.14
N ALA D 128 -10.71 12.41 13.97
CA ALA D 128 -10.25 11.10 13.52
C ALA D 128 -9.63 11.18 12.13
N ARG D 129 -10.19 12.04 11.29
CA ARG D 129 -9.70 12.18 9.94
C ARG D 129 -8.33 12.81 9.87
N ALA D 130 -8.10 13.85 10.68
CA ALA D 130 -6.85 14.58 10.70
C ALA D 130 -5.65 13.77 11.17
N ILE D 131 -5.80 13.12 12.33
CA ILE D 131 -4.74 12.31 12.88
C ILE D 131 -4.76 10.93 12.24
N ALA D 132 -5.69 10.68 11.34
CA ALA D 132 -5.73 9.33 10.77
C ALA D 132 -4.38 8.78 10.33
N PRO D 133 -3.61 9.52 9.50
CA PRO D 133 -2.31 9.03 9.03
C PRO D 133 -1.32 8.54 10.08
N LEU D 134 -1.62 8.78 11.34
CA LEU D 134 -0.74 8.35 12.43
C LEU D 134 -1.35 7.39 13.46
N ILE D 135 -2.46 6.73 13.12
CA ILE D 135 -3.11 5.79 14.04
C ILE D 135 -3.53 4.50 13.32
N GLY D 136 -3.98 3.52 14.08
CA GLY D 136 -4.37 2.30 13.41
C GLY D 136 -4.43 1.25 14.46
N ASP D 137 -5.20 0.21 14.18
CA ASP D 137 -5.38 -0.86 15.12
C ASP D 137 -4.07 -1.45 15.65
N VAL D 138 -2.93 -1.17 14.99
CA VAL D 138 -1.66 -1.69 15.49
C VAL D 138 -0.57 -0.60 15.59
N VAL D 139 -0.95 0.66 15.47
CA VAL D 139 0.05 1.70 15.63
C VAL D 139 -0.33 2.60 16.80
N ASP D 140 -1.60 3.00 16.86
CA ASP D 140 -2.12 3.86 17.94
C ASP D 140 -3.66 3.72 18.05
N ILE D 141 -4.16 3.20 19.17
CA ILE D 141 -5.60 2.99 19.44
C ILE D 141 -6.12 3.98 20.47
N PRO D 142 -6.87 5.01 20.02
CA PRO D 142 -7.37 5.97 21.00
C PRO D 142 -8.45 5.43 21.92
N ALA D 143 -9.03 6.31 22.70
CA ALA D 143 -10.04 5.91 23.64
C ALA D 143 -10.68 7.17 24.19
N PRO D 144 -11.80 7.00 24.92
CA PRO D 144 -12.50 8.13 25.49
C PRO D 144 -11.82 8.69 26.76
N ASP D 145 -12.27 9.86 27.18
CA ASP D 145 -11.71 10.49 28.36
C ASP D 145 -12.69 11.56 28.83
N VAL D 146 -12.19 12.61 29.47
CA VAL D 146 -13.06 13.65 29.99
C VAL D 146 -14.19 14.13 29.11
N GLY D 147 -13.92 14.93 28.09
CA GLY D 147 -15.02 15.40 27.29
C GLY D 147 -15.59 14.40 26.30
N THR D 148 -15.00 13.20 26.22
CA THR D 148 -15.45 12.21 25.26
C THR D 148 -16.24 11.02 25.84
N ASN D 149 -16.80 10.18 24.98
CA ASN D 149 -17.57 9.03 25.45
C ASN D 149 -17.73 8.00 24.34
N ALA D 150 -18.36 6.88 24.68
CA ALA D 150 -18.57 5.80 23.73
C ALA D 150 -19.20 6.21 22.43
N GLN D 151 -20.09 7.18 22.46
CA GLN D 151 -20.75 7.59 21.23
C GLN D 151 -19.76 8.31 20.33
N ILE D 152 -18.96 9.19 20.93
CA ILE D 152 -17.97 9.89 20.14
C ILE D 152 -17.01 8.85 19.53
N MET D 153 -16.66 7.81 20.30
CA MET D 153 -15.75 6.77 19.81
C MET D 153 -16.36 6.11 18.56
N ALA D 154 -17.66 5.86 18.59
CA ALA D 154 -18.36 5.28 17.46
C ALA D 154 -18.17 6.14 16.22
N TRP D 155 -18.56 7.41 16.27
CA TRP D 155 -18.42 8.27 15.09
C TRP D 155 -17.01 8.22 14.50
N MET D 156 -16.01 8.16 15.37
CA MET D 156 -14.60 8.09 14.97
C MET D 156 -14.27 6.78 14.25
N VAL D 157 -14.67 5.67 14.85
CA VAL D 157 -14.44 4.39 14.24
C VAL D 157 -15.08 4.47 12.86
N ASP D 158 -16.35 4.86 12.82
CA ASP D 158 -17.04 5.00 11.55
C ASP D 158 -16.21 5.78 10.53
N GLU D 159 -15.88 7.02 10.88
CA GLU D 159 -15.11 7.87 9.98
C GLU D 159 -13.87 7.16 9.43
N TYR D 160 -13.03 6.70 10.34
CA TYR D 160 -11.79 5.99 9.97
C TYR D 160 -12.09 4.85 9.02
N SER D 161 -13.22 4.21 9.23
CA SER D 161 -13.59 3.10 8.38
C SER D 161 -13.95 3.52 6.97
N LYS D 162 -14.56 4.69 6.81
CA LYS D 162 -14.92 5.11 5.46
C LYS D 162 -13.67 5.66 4.82
N ILE D 163 -12.60 5.70 5.58
CA ILE D 163 -11.36 6.19 5.02
C ILE D 163 -10.54 5.04 4.47
N LYS D 164 -10.47 3.93 5.21
CA LYS D 164 -9.71 2.76 4.77
C LYS D 164 -10.46 2.03 3.68
N GLY D 165 -11.79 2.07 3.79
CA GLY D 165 -12.65 1.42 2.83
C GLY D 165 -13.28 0.14 3.36
N TYR D 166 -13.07 -0.15 4.63
CA TYR D 166 -13.62 -1.36 5.21
C TYR D 166 -13.74 -1.13 6.71
N ASN D 167 -14.31 -2.08 7.43
CA ASN D 167 -14.51 -1.93 8.87
C ASN D 167 -13.24 -2.20 9.70
N VAL D 168 -12.89 -1.23 10.52
CA VAL D 168 -11.72 -1.34 11.40
C VAL D 168 -12.19 -1.19 12.86
N PRO D 169 -12.57 -2.31 13.49
CA PRO D 169 -13.01 -2.11 14.88
C PRO D 169 -11.93 -1.73 15.86
N GLY D 170 -10.91 -2.57 15.96
CA GLY D 170 -9.80 -2.35 16.88
C GLY D 170 -9.07 -1.01 16.88
N VAL D 171 -9.53 -0.04 16.10
CA VAL D 171 -8.89 1.26 16.04
C VAL D 171 -9.20 2.19 17.22
N PHE D 172 -10.38 2.00 17.83
CA PHE D 172 -10.81 2.77 19.00
C PHE D 172 -11.48 1.79 19.95
N THR D 173 -11.16 1.90 21.23
CA THR D 173 -11.74 1.01 22.23
C THR D 173 -12.85 1.72 22.98
N SER D 174 -13.41 1.02 23.96
CA SER D 174 -14.47 1.61 24.75
C SER D 174 -15.61 2.03 23.82
N LYS D 175 -15.94 1.19 22.85
CA LYS D 175 -17.02 1.53 21.92
C LYS D 175 -18.33 0.83 22.31
N PRO D 176 -19.46 1.28 21.73
CA PRO D 176 -20.79 0.70 22.01
C PRO D 176 -20.79 -0.82 21.93
N PRO D 177 -21.50 -1.48 22.86
CA PRO D 177 -21.57 -2.94 22.88
C PRO D 177 -22.18 -3.44 21.57
N GLU D 178 -23.00 -2.60 20.95
CA GLU D 178 -23.62 -2.96 19.68
C GLU D 178 -22.67 -2.75 18.52
N LEU D 179 -21.60 -1.99 18.74
CA LEU D 179 -20.60 -1.69 17.70
C LEU D 179 -19.25 -2.33 17.97
N TRP D 180 -19.27 -3.64 18.17
CA TRP D 180 -18.07 -4.43 18.43
C TRP D 180 -17.41 -4.18 19.78
N GLY D 181 -18.13 -3.60 20.74
CA GLY D 181 -17.56 -3.37 22.06
C GLY D 181 -17.81 -4.56 22.98
N ASN D 182 -17.53 -4.40 24.28
CA ASN D 182 -17.72 -5.45 25.27
C ASN D 182 -18.39 -4.89 26.53
N PRO D 183 -19.48 -5.51 27.00
CA PRO D 183 -20.22 -5.05 28.20
C PRO D 183 -19.41 -4.97 29.50
N VAL D 184 -18.57 -5.97 29.76
CA VAL D 184 -17.74 -6.01 30.96
C VAL D 184 -17.04 -4.69 31.24
N ARG D 185 -17.03 -3.79 30.25
CA ARG D 185 -16.38 -2.51 30.40
C ARG D 185 -17.09 -1.59 31.37
N GLU D 186 -18.36 -1.89 31.60
CA GLU D 186 -19.18 -1.10 32.50
C GLU D 186 -18.59 -1.04 33.88
N TYR D 187 -18.15 -2.19 34.37
CA TYR D 187 -17.57 -2.28 35.69
C TYR D 187 -16.13 -2.76 35.66
N ALA D 188 -15.46 -2.61 34.53
CA ALA D 188 -14.08 -3.07 34.48
C ALA D 188 -13.17 -2.48 35.57
N THR D 189 -13.12 -1.15 35.65
CA THR D 189 -12.28 -0.47 36.65
C THR D 189 -12.57 -0.89 38.09
N GLY D 190 -13.85 -0.83 38.44
CA GLY D 190 -14.30 -1.20 39.76
C GLY D 190 -13.83 -2.58 40.13
N PHE D 191 -14.20 -3.56 39.31
CA PHE D 191 -13.84 -4.98 39.48
C PHE D 191 -12.34 -5.11 39.75
N GLY D 192 -11.56 -4.39 38.95
CA GLY D 192 -10.12 -4.44 39.11
C GLY D 192 -9.71 -3.94 40.48
N VAL D 193 -10.27 -2.81 40.91
CA VAL D 193 -9.95 -2.24 42.22
C VAL D 193 -10.36 -3.26 43.27
N ALA D 194 -11.47 -3.94 43.00
CA ALA D 194 -11.98 -4.96 43.91
C ALA D 194 -10.97 -6.10 44.00
N VAL D 195 -10.50 -6.57 42.85
CA VAL D 195 -9.56 -7.66 42.86
C VAL D 195 -8.25 -7.22 43.53
N ALA D 196 -7.82 -5.99 43.28
CA ALA D 196 -6.58 -5.53 43.87
C ALA D 196 -6.61 -5.49 45.41
N THR D 197 -7.67 -4.90 45.96
CA THR D 197 -7.79 -4.81 47.40
C THR D 197 -7.92 -6.22 48.01
N ARG D 198 -8.55 -7.12 47.27
CA ARG D 198 -8.74 -8.50 47.71
C ARG D 198 -7.42 -9.24 47.85
N GLU D 199 -6.52 -9.00 46.92
CA GLU D 199 -5.21 -9.62 46.89
C GLU D 199 -4.28 -9.12 47.98
N MET D 200 -4.39 -7.83 48.25
CA MET D 200 -3.57 -7.19 49.27
C MET D 200 -3.98 -7.66 50.65
N ALA D 201 -5.28 -7.81 50.84
CA ALA D 201 -5.80 -8.27 52.13
C ALA D 201 -5.33 -9.72 52.34
N LYS D 202 -4.99 -10.41 51.25
CA LYS D 202 -4.54 -11.80 51.33
C LYS D 202 -3.06 -11.86 51.68
N LYS D 203 -2.39 -10.73 51.62
CA LYS D 203 -0.97 -10.73 51.94
C LYS D 203 -0.68 -9.97 53.23
N LEU D 204 -1.67 -9.29 53.78
CA LEU D 204 -1.49 -8.55 55.02
C LEU D 204 -2.28 -9.18 56.16
N TRP D 205 -3.47 -9.70 55.85
CA TRP D 205 -4.31 -10.31 56.87
C TRP D 205 -4.62 -11.76 56.51
N GLY D 206 -4.39 -12.14 55.25
CA GLY D 206 -4.65 -13.51 54.85
C GLY D 206 -6.03 -13.74 54.26
N GLY D 207 -6.76 -12.67 54.02
CA GLY D 207 -8.09 -12.80 53.45
C GLY D 207 -8.86 -11.54 53.72
N ILE D 208 -9.72 -11.16 52.77
CA ILE D 208 -10.53 -9.96 52.90
C ILE D 208 -11.83 -10.29 53.59
N GLU D 209 -12.12 -11.64 53.67
CA GLU D 209 -13.33 -12.10 54.33
C GLU D 209 -13.60 -11.28 55.60
N GLY D 210 -14.79 -10.79 55.78
CA GLY D 210 -15.18 -10.02 56.96
C GLY D 210 -14.28 -8.84 57.27
N LYS D 211 -14.25 -7.89 56.35
CA LYS D 211 -13.45 -6.69 56.54
C LYS D 211 -14.32 -5.50 56.22
N THR D 212 -14.40 -4.58 57.18
CA THR D 212 -15.19 -3.38 57.00
C THR D 212 -14.56 -2.47 55.97
N VAL D 213 -15.33 -2.11 54.94
CA VAL D 213 -14.81 -1.23 53.91
C VAL D 213 -15.61 0.06 53.79
N ALA D 214 -14.93 1.15 53.42
CA ALA D 214 -15.58 2.44 53.25
C ALA D 214 -15.22 2.97 51.86
N ILE D 215 -16.22 3.11 50.99
CA ILE D 215 -16.00 3.61 49.64
C ILE D 215 -16.46 5.06 49.48
N GLN D 216 -15.55 5.94 49.07
CA GLN D 216 -15.89 7.35 48.84
C GLN D 216 -16.25 7.58 47.37
N GLY D 217 -17.47 8.01 47.11
CA GLY D 217 -17.93 8.25 45.75
C GLY D 217 -18.70 7.07 45.21
N MET D 218 -19.83 7.34 44.55
CA MET D 218 -20.64 6.27 43.98
C MET D 218 -20.83 6.51 42.49
N GLY D 219 -19.79 7.03 41.86
CA GLY D 219 -19.83 7.27 40.44
C GLY D 219 -19.68 5.95 39.71
N ASN D 220 -18.66 5.85 38.87
CA ASN D 220 -18.44 4.62 38.13
C ASN D 220 -17.49 3.68 38.87
N VAL D 221 -16.39 4.21 39.37
CA VAL D 221 -15.43 3.40 40.08
C VAL D 221 -15.98 2.87 41.42
N GLY D 222 -16.24 3.78 42.35
CA GLY D 222 -16.76 3.36 43.64
C GLY D 222 -18.01 2.51 43.54
N ARG D 223 -18.90 2.88 42.62
CA ARG D 223 -20.14 2.14 42.43
C ARG D 223 -19.93 0.64 42.33
N TRP D 224 -19.17 0.20 41.34
CA TRP D 224 -18.93 -1.22 41.14
C TRP D 224 -17.79 -1.79 41.98
N THR D 225 -17.04 -0.93 42.65
CA THR D 225 -15.94 -1.36 43.50
C THR D 225 -16.59 -1.92 44.77
N ALA D 226 -17.64 -1.26 45.21
CA ALA D 226 -18.37 -1.67 46.40
C ALA D 226 -19.13 -2.96 46.09
N TYR D 227 -19.81 -3.00 44.95
CA TYR D 227 -20.56 -4.20 44.57
C TYR D 227 -19.71 -5.48 44.48
N TRP D 228 -18.63 -5.46 43.71
CA TRP D 228 -17.75 -6.63 43.55
C TRP D 228 -16.98 -6.97 44.82
N LEU D 229 -16.74 -5.94 45.63
CA LEU D 229 -16.00 -6.13 46.87
C LEU D 229 -16.74 -7.07 47.81
N GLU D 230 -18.06 -6.96 47.89
CA GLU D 230 -18.83 -7.82 48.77
C GLU D 230 -18.78 -9.26 48.28
N LYS D 231 -18.93 -9.44 46.97
CA LYS D 231 -18.89 -10.77 46.40
C LYS D 231 -17.61 -11.51 46.77
N MET D 232 -16.63 -10.80 47.31
CA MET D 232 -15.35 -11.42 47.66
C MET D 232 -15.24 -11.73 49.14
N GLY D 233 -16.28 -11.38 49.89
CA GLY D 233 -16.28 -11.64 51.31
C GLY D 233 -16.19 -10.40 52.18
N ALA D 234 -15.71 -9.30 51.62
CA ALA D 234 -15.60 -8.07 52.39
C ALA D 234 -17.02 -7.57 52.69
N LYS D 235 -17.13 -6.52 53.50
CA LYS D 235 -18.45 -5.99 53.82
C LYS D 235 -18.40 -4.46 53.90
N VAL D 236 -19.12 -3.81 52.99
CA VAL D 236 -19.12 -2.34 52.94
C VAL D 236 -20.10 -1.76 53.95
N ILE D 237 -19.60 -0.87 54.81
CA ILE D 237 -20.44 -0.26 55.81
C ILE D 237 -20.78 1.19 55.50
N ALA D 238 -19.90 1.88 54.77
CA ALA D 238 -20.11 3.28 54.43
C ALA D 238 -19.79 3.61 52.97
N VAL D 239 -20.48 4.63 52.47
CA VAL D 239 -20.32 5.11 51.09
C VAL D 239 -20.72 6.58 51.03
N SER D 240 -19.81 7.45 50.62
CA SER D 240 -20.12 8.88 50.55
C SER D 240 -20.32 9.43 49.14
N ASP D 241 -20.66 10.72 49.08
CA ASP D 241 -20.87 11.42 47.82
C ASP D 241 -21.24 12.88 48.14
N ILE D 242 -21.43 13.69 47.11
CA ILE D 242 -21.78 15.09 47.31
C ILE D 242 -22.90 15.27 48.34
N ASN D 243 -23.85 14.35 48.38
CA ASN D 243 -24.98 14.46 49.31
C ASN D 243 -24.69 14.10 50.77
N GLY D 244 -23.95 13.03 51.03
CA GLY D 244 -23.67 12.66 52.40
C GLY D 244 -23.00 11.32 52.51
N VAL D 245 -23.25 10.61 53.60
CA VAL D 245 -22.64 9.29 53.84
C VAL D 245 -23.70 8.27 54.28
N ALA D 246 -23.63 7.06 53.76
CA ALA D 246 -24.56 5.98 54.12
C ALA D 246 -23.86 4.96 55.02
N TYR D 247 -24.25 4.92 56.28
CA TYR D 247 -23.64 4.01 57.25
C TYR D 247 -24.54 2.80 57.58
N ARG D 248 -23.93 1.68 57.96
CA ARG D 248 -24.68 0.46 58.30
C ARG D 248 -23.65 -0.60 58.65
N LYS D 249 -23.35 -0.72 59.94
CA LYS D 249 -22.34 -1.67 60.41
C LYS D 249 -22.56 -3.12 60.02
N GLU D 250 -23.82 -3.50 59.87
CA GLU D 250 -24.16 -4.87 59.50
C GLU D 250 -23.70 -5.18 58.07
N GLY D 251 -23.82 -4.19 57.18
CA GLY D 251 -23.41 -4.37 55.80
C GLY D 251 -24.41 -3.77 54.84
N LEU D 252 -23.95 -2.84 54.01
CA LEU D 252 -24.82 -2.18 53.03
C LEU D 252 -25.22 -3.15 51.92
N ASN D 253 -26.51 -3.27 51.68
CA ASN D 253 -26.99 -4.17 50.63
C ASN D 253 -26.55 -3.63 49.28
N VAL D 254 -25.40 -4.14 48.80
CA VAL D 254 -24.82 -3.70 47.52
C VAL D 254 -25.53 -4.24 46.29
N GLU D 255 -26.28 -5.33 46.46
CA GLU D 255 -27.03 -5.93 45.37
C GLU D 255 -27.92 -4.85 44.73
N LEU D 256 -28.30 -3.86 45.52
CA LEU D 256 -29.16 -2.79 45.03
C LEU D 256 -28.51 -1.99 43.92
N ILE D 257 -27.18 -1.99 43.90
CA ILE D 257 -26.43 -1.26 42.90
C ILE D 257 -26.68 -1.82 41.51
N GLN D 258 -26.70 -3.13 41.38
CA GLN D 258 -26.94 -3.74 40.08
C GLN D 258 -28.40 -3.58 39.67
N LYS D 259 -29.28 -3.66 40.66
CA LYS D 259 -30.71 -3.53 40.42
C LYS D 259 -31.06 -2.16 39.87
N ASN D 260 -30.45 -1.12 40.44
CA ASN D 260 -30.73 0.23 40.01
C ASN D 260 -29.49 0.98 39.54
N LYS D 261 -28.76 0.40 38.60
CA LYS D 261 -27.56 1.05 38.07
C LYS D 261 -27.99 2.29 37.28
N GLY D 262 -27.01 3.11 36.91
CA GLY D 262 -27.34 4.29 36.16
C GLY D 262 -28.33 5.16 36.90
N LEU D 263 -28.22 5.17 38.22
CA LEU D 263 -29.08 5.97 39.07
C LEU D 263 -28.27 7.10 39.69
N THR D 264 -27.36 7.61 39.15
CA THR D 264 -26.40 8.68 39.48
C THR D 264 -25.62 8.46 40.77
N GLY D 265 -24.79 9.22 41.20
CA GLY D 265 -24.11 8.99 42.48
C GLY D 265 -24.92 9.30 43.72
N PRO D 266 -25.34 10.57 43.88
CA PRO D 266 -26.12 11.06 45.02
C PRO D 266 -27.41 10.29 45.27
N ALA D 267 -28.10 9.93 44.17
CA ALA D 267 -29.35 9.19 44.29
C ALA D 267 -29.09 7.85 44.95
N LEU D 268 -27.96 7.24 44.57
CA LEU D 268 -27.58 5.95 45.09
C LEU D 268 -27.45 5.99 46.61
N VAL D 269 -26.79 7.01 47.13
CA VAL D 269 -26.63 7.14 48.56
C VAL D 269 -28.01 7.21 49.24
N GLU D 270 -28.98 7.83 48.56
CA GLU D 270 -30.32 7.96 49.11
C GLU D 270 -31.01 6.61 49.11
N LEU D 271 -30.89 5.90 47.99
CA LEU D 271 -31.52 4.61 47.86
C LEU D 271 -31.15 3.75 49.06
N PHE D 272 -29.91 3.89 49.52
CA PHE D 272 -29.42 3.13 50.68
C PHE D 272 -30.15 3.56 51.95
N THR D 273 -30.72 4.76 51.91
CA THR D 273 -31.46 5.29 53.05
C THR D 273 -32.92 4.88 52.94
N THR D 274 -33.43 4.78 51.72
CA THR D 274 -34.82 4.39 51.50
C THR D 274 -35.06 2.87 51.61
N LYS D 275 -34.65 2.10 50.60
CA LYS D 275 -34.82 0.65 50.60
C LYS D 275 -34.09 -0.06 51.74
N ASP D 276 -32.86 0.38 52.00
CA ASP D 276 -32.07 -0.19 53.08
C ASP D 276 -32.29 0.65 54.32
N ASN D 277 -31.75 0.20 55.46
CA ASN D 277 -31.92 0.93 56.71
C ASN D 277 -30.67 1.71 57.10
N ALA D 278 -29.82 1.99 56.12
CA ALA D 278 -28.59 2.73 56.36
C ALA D 278 -28.90 4.06 57.05
N GLU D 279 -27.94 4.53 57.85
CA GLU D 279 -28.05 5.79 58.58
C GLU D 279 -27.48 6.89 57.71
N PHE D 280 -28.16 8.03 57.63
CA PHE D 280 -27.67 9.12 56.80
C PHE D 280 -27.00 10.22 57.61
N VAL D 281 -25.89 10.75 57.08
CA VAL D 281 -25.17 11.83 57.74
C VAL D 281 -24.84 12.88 56.69
N LYS D 282 -25.37 14.08 56.91
CA LYS D 282 -25.15 15.19 55.99
C LYS D 282 -23.74 15.76 56.09
N ASN D 283 -22.79 15.07 55.45
CA ASN D 283 -21.40 15.51 55.43
C ASN D 283 -20.55 14.44 54.75
N PRO D 284 -20.03 14.76 53.56
CA PRO D 284 -19.20 13.80 52.80
C PRO D 284 -17.77 13.64 53.32
N ASP D 285 -17.49 14.15 54.51
CA ASP D 285 -16.15 14.03 55.08
C ASP D 285 -16.11 13.04 56.23
N ALA D 286 -17.27 12.49 56.56
CA ALA D 286 -17.40 11.51 57.65
C ALA D 286 -16.62 10.21 57.37
N ILE D 287 -16.67 9.69 56.14
CA ILE D 287 -15.95 8.45 55.81
C ILE D 287 -14.51 8.47 56.28
N PHE D 288 -13.86 9.64 56.20
CA PHE D 288 -12.47 9.78 56.64
C PHE D 288 -12.25 9.37 58.09
N LYS D 289 -13.14 9.88 58.95
CA LYS D 289 -13.14 9.67 60.41
C LYS D 289 -13.54 8.26 60.85
N LEU D 290 -14.13 7.51 59.94
CA LEU D 290 -14.59 6.15 60.23
C LEU D 290 -13.45 5.16 60.49
N ASP D 291 -13.67 4.28 61.46
CA ASP D 291 -12.67 3.28 61.82
C ASP D 291 -12.92 1.98 61.08
N VAL D 292 -12.54 1.93 59.81
CA VAL D 292 -12.74 0.74 59.00
C VAL D 292 -11.41 0.04 58.72
N ASP D 293 -11.46 -1.11 58.07
CA ASP D 293 -10.24 -1.83 57.76
C ASP D 293 -9.66 -1.38 56.41
N ILE D 294 -10.56 -1.16 55.45
CA ILE D 294 -10.20 -0.76 54.10
C ILE D 294 -10.95 0.48 53.61
N PHE D 295 -10.20 1.54 53.31
CA PHE D 295 -10.81 2.77 52.81
C PHE D 295 -10.52 2.88 51.31
N VAL D 296 -11.48 3.36 50.54
CA VAL D 296 -11.27 3.44 49.09
C VAL D 296 -11.72 4.76 48.53
N PRO D 297 -10.79 5.68 48.27
CA PRO D 297 -11.16 6.99 47.70
C PRO D 297 -11.37 6.83 46.21
N ALA D 298 -12.61 7.00 45.76
CA ALA D 298 -12.93 6.81 44.36
C ALA D 298 -13.65 8.00 43.73
N ALA D 299 -13.48 9.17 44.31
CA ALA D 299 -14.14 10.36 43.80
C ALA D 299 -13.22 11.26 43.00
N ILE D 300 -12.36 11.99 43.71
CA ILE D 300 -11.40 12.90 43.09
C ILE D 300 -10.02 12.93 43.74
N GLU D 301 -9.14 13.74 43.16
CA GLU D 301 -7.76 13.89 43.63
C GLU D 301 -7.65 14.82 44.82
N ASN D 302 -6.51 14.75 45.51
CA ASN D 302 -6.28 15.61 46.66
C ASN D 302 -7.35 15.39 47.72
N VAL D 303 -7.66 14.14 48.01
CA VAL D 303 -8.66 13.86 49.01
C VAL D 303 -8.04 13.61 50.37
N ILE D 304 -6.84 13.03 50.38
CA ILE D 304 -6.13 12.76 51.62
C ILE D 304 -4.86 13.60 51.68
N ARG D 305 -5.02 14.86 52.09
CA ARG D 305 -3.90 15.78 52.18
C ARG D 305 -3.19 15.67 53.51
N GLY D 306 -2.16 16.50 53.66
CA GLY D 306 -1.34 16.49 54.87
C GLY D 306 -1.98 17.15 56.06
N ASP D 307 -3.21 17.60 55.89
CA ASP D 307 -3.93 18.24 56.98
C ASP D 307 -5.01 17.33 57.54
N ASN D 308 -5.22 16.16 56.94
CA ASN D 308 -6.25 15.24 57.44
C ASN D 308 -5.81 13.78 57.41
N ALA D 309 -4.54 13.55 57.11
CA ALA D 309 -3.97 12.21 57.05
C ALA D 309 -4.12 11.46 58.38
N GLY D 310 -3.85 12.15 59.48
CA GLY D 310 -3.95 11.54 60.79
C GLY D 310 -5.34 11.01 61.09
N LEU D 311 -6.35 11.75 60.64
CA LEU D 311 -7.73 11.38 60.83
C LEU D 311 -8.09 10.02 60.23
N VAL D 312 -7.27 9.59 59.26
CA VAL D 312 -7.49 8.31 58.59
C VAL D 312 -7.27 7.13 59.54
N LYS D 313 -8.29 6.29 59.68
CA LYS D 313 -8.22 5.14 60.58
C LYS D 313 -7.97 3.81 59.89
N ALA D 314 -8.34 3.71 58.62
CA ALA D 314 -8.16 2.48 57.86
C ALA D 314 -6.70 2.06 57.86
N ARG D 315 -6.45 0.77 58.05
CA ARG D 315 -5.09 0.24 58.09
C ARG D 315 -4.54 0.09 56.67
N LEU D 316 -5.46 -0.11 55.73
CA LEU D 316 -5.15 -0.31 54.31
C LEU D 316 -5.88 0.68 53.41
N VAL D 317 -5.15 1.33 52.50
CA VAL D 317 -5.79 2.29 51.61
C VAL D 317 -5.64 1.89 50.14
N VAL D 318 -6.75 1.81 49.43
CA VAL D 318 -6.66 1.44 48.04
C VAL D 318 -7.21 2.58 47.19
N GLU D 319 -6.36 3.17 46.36
CA GLU D 319 -6.78 4.29 45.52
C GLU D 319 -7.55 3.85 44.28
N GLY D 320 -8.81 4.27 44.23
CA GLY D 320 -9.65 3.94 43.10
C GLY D 320 -9.71 5.14 42.19
N ALA D 321 -9.35 6.30 42.72
CA ALA D 321 -9.36 7.54 41.94
C ALA D 321 -7.93 7.89 41.56
N ASN D 322 -7.78 8.95 40.77
CA ASN D 322 -6.47 9.38 40.36
C ASN D 322 -5.84 10.40 41.29
N GLY D 323 -4.80 9.97 41.97
CA GLY D 323 -4.10 10.84 42.89
C GLY D 323 -4.96 11.34 44.03
N PRO D 324 -5.60 10.45 44.79
CA PRO D 324 -6.44 10.90 45.90
C PRO D 324 -5.56 11.21 47.13
N THR D 325 -4.39 10.57 47.21
CA THR D 325 -3.48 10.81 48.34
C THR D 325 -2.38 11.79 47.94
N THR D 326 -2.28 12.89 48.70
CA THR D 326 -1.28 13.91 48.45
C THR D 326 0.09 13.40 48.86
N PRO D 327 1.16 13.90 48.23
CA PRO D 327 2.54 13.48 48.53
C PRO D 327 2.87 13.55 50.03
N GLU D 328 2.72 14.75 50.61
CA GLU D 328 2.98 14.99 52.04
C GLU D 328 2.18 14.01 52.88
N ALA D 329 0.94 13.76 52.47
CA ALA D 329 0.07 12.85 53.18
C ALA D 329 0.50 11.39 53.07
N GLU D 330 1.01 11.00 51.86
CA GLU D 330 1.50 9.65 51.59
C GLU D 330 2.65 9.30 52.53
N ARG D 331 3.46 10.34 52.77
CA ARG D 331 4.60 10.20 53.65
C ARG D 331 4.12 9.92 55.06
N ILE D 332 3.22 10.78 55.55
CA ILE D 332 2.66 10.64 56.88
C ILE D 332 1.88 9.35 57.00
N LEU D 333 0.92 9.16 56.12
CA LEU D 333 0.12 7.97 56.14
C LEU D 333 0.97 6.72 56.25
N TYR D 334 2.22 6.80 55.81
CA TYR D 334 3.11 5.64 55.83
C TYR D 334 3.88 5.44 57.12
N GLU D 335 4.23 6.52 57.80
CA GLU D 335 4.95 6.36 59.04
C GLU D 335 3.95 6.08 60.17
N ARG D 336 2.80 5.50 59.84
CA ARG D 336 1.76 5.15 60.83
C ARG D 336 1.29 3.71 60.61
N GLY D 337 2.01 3.00 59.75
CA GLY D 337 1.71 1.62 59.45
C GLY D 337 0.66 1.41 58.37
N VAL D 338 0.14 2.51 57.85
CA VAL D 338 -0.89 2.44 56.82
C VAL D 338 -0.29 2.30 55.43
N VAL D 339 -0.60 1.21 54.73
CA VAL D 339 -0.07 1.03 53.38
C VAL D 339 -1.03 1.58 52.34
N VAL D 340 -0.51 2.40 51.44
CA VAL D 340 -1.34 2.97 50.39
C VAL D 340 -1.04 2.32 49.04
N VAL D 341 -1.99 1.54 48.52
CA VAL D 341 -1.85 0.86 47.22
C VAL D 341 -2.02 1.90 46.10
N PRO D 342 -0.96 2.13 45.28
CA PRO D 342 -0.97 3.11 44.18
C PRO D 342 -2.10 2.98 43.17
N ASP D 343 -2.56 4.13 42.72
CA ASP D 343 -3.64 4.21 41.75
C ASP D 343 -3.24 3.58 40.42
N ILE D 344 -1.98 3.73 40.04
CA ILE D 344 -1.48 3.16 38.78
C ILE D 344 -1.60 1.65 38.74
N LEU D 345 -1.72 1.04 39.91
CA LEU D 345 -1.82 -0.40 39.98
C LEU D 345 -3.25 -0.85 40.24
N ALA D 346 -3.93 -0.14 41.13
CA ALA D 346 -5.29 -0.50 41.49
C ALA D 346 -6.36 -0.15 40.47
N ASN D 347 -6.34 1.06 39.93
CA ASN D 347 -7.37 1.39 38.96
C ASN D 347 -7.04 1.10 37.50
N ALA D 348 -6.01 0.29 37.26
CA ALA D 348 -5.58 -0.08 35.90
C ALA D 348 -6.58 -1.06 35.27
N GLY D 349 -7.63 -1.35 36.01
CA GLY D 349 -8.65 -2.26 35.53
C GLY D 349 -9.24 -1.76 34.25
N GLY D 350 -9.25 -0.44 34.08
CA GLY D 350 -9.80 0.18 32.87
C GLY D 350 -8.96 -0.02 31.61
N VAL D 351 -7.66 0.19 31.74
CA VAL D 351 -6.75 0.02 30.63
C VAL D 351 -6.75 -1.48 30.24
N ILE D 352 -6.71 -2.36 31.24
CA ILE D 352 -6.71 -3.80 30.98
C ILE D 352 -7.93 -4.24 30.18
N MET D 353 -9.08 -3.66 30.49
CA MET D 353 -10.33 -3.99 29.79
C MET D 353 -10.31 -3.49 28.36
N SER D 354 -9.60 -2.41 28.13
CA SER D 354 -9.50 -1.82 26.80
C SER D 354 -8.60 -2.73 25.93
N TYR D 355 -7.64 -3.38 26.58
CA TYR D 355 -6.72 -4.28 25.89
C TYR D 355 -7.46 -5.55 25.45
N LEU D 356 -8.41 -6.01 26.27
CA LEU D 356 -9.17 -7.21 25.92
C LEU D 356 -10.10 -6.91 24.75
N GLU D 357 -10.85 -5.82 24.84
CA GLU D 357 -11.76 -5.46 23.76
C GLU D 357 -10.98 -5.44 22.46
N TRP D 358 -9.80 -4.83 22.52
CA TRP D 358 -8.89 -4.71 21.39
C TRP D 358 -8.50 -6.08 20.87
N VAL D 359 -8.07 -6.95 21.77
CA VAL D 359 -7.65 -8.28 21.37
C VAL D 359 -8.80 -9.04 20.72
N GLU D 360 -10.02 -8.72 21.12
CA GLU D 360 -11.19 -9.38 20.55
C GLU D 360 -11.44 -8.86 19.15
N ASN D 361 -11.38 -7.54 18.99
CA ASN D 361 -11.59 -6.94 17.67
C ASN D 361 -10.58 -7.53 16.67
N LEU D 362 -9.33 -7.71 17.06
CA LEU D 362 -8.34 -8.21 16.11
C LEU D 362 -8.71 -9.58 15.55
N GLN D 363 -9.50 -10.34 16.29
CA GLN D 363 -9.90 -11.67 15.86
C GLN D 363 -11.40 -11.73 15.51
N TRP D 364 -12.05 -10.56 15.48
CA TRP D 364 -13.48 -10.44 15.19
C TRP D 364 -14.30 -11.47 15.95
N TYR D 365 -13.86 -11.78 17.17
CA TYR D 365 -14.55 -12.74 18.02
C TYR D 365 -14.79 -12.11 19.37
N ILE D 366 -16.05 -12.03 19.82
CA ILE D 366 -16.34 -11.44 21.13
C ILE D 366 -16.53 -12.51 22.19
N TRP D 367 -15.88 -12.36 23.35
CA TRP D 367 -16.02 -13.34 24.44
C TRP D 367 -17.22 -13.03 25.33
N ASP D 368 -17.72 -14.03 26.05
CA ASP D 368 -18.86 -13.81 26.94
C ASP D 368 -18.38 -13.07 28.18
N GLU D 369 -19.31 -12.46 28.91
CA GLU D 369 -18.92 -11.70 30.10
C GLU D 369 -18.10 -12.54 31.09
N GLU D 370 -18.34 -13.84 31.09
CA GLU D 370 -17.62 -14.74 32.00
C GLU D 370 -16.15 -14.83 31.61
N GLU D 371 -15.92 -15.30 30.38
CA GLU D 371 -14.58 -15.41 29.84
C GLU D 371 -13.80 -14.09 30.02
N THR D 372 -14.43 -12.99 29.68
CA THR D 372 -13.78 -11.69 29.78
C THR D 372 -13.46 -11.25 31.21
N ARG D 373 -14.35 -11.57 32.12
CA ARG D 373 -14.16 -11.16 33.51
C ARG D 373 -13.00 -11.90 34.12
N LYS D 374 -12.99 -13.20 33.90
CA LYS D 374 -11.96 -14.06 34.42
C LYS D 374 -10.56 -13.68 33.91
N ARG D 375 -10.48 -13.28 32.64
CA ARG D 375 -9.21 -12.88 32.02
C ARG D 375 -8.71 -11.59 32.68
N LEU D 376 -9.62 -10.64 32.83
CA LEU D 376 -9.29 -9.38 33.48
C LEU D 376 -8.71 -9.67 34.86
N GLU D 377 -9.44 -10.45 35.65
CA GLU D 377 -8.99 -10.79 37.00
C GLU D 377 -7.57 -11.34 37.01
N ASN D 378 -7.30 -12.31 36.15
CA ASN D 378 -5.99 -12.90 36.01
C ASN D 378 -4.85 -11.88 35.89
N ILE D 379 -4.95 -11.01 34.90
CA ILE D 379 -3.94 -9.96 34.67
C ILE D 379 -3.73 -9.14 35.96
N MET D 380 -4.81 -8.69 36.58
CA MET D 380 -4.68 -7.89 37.80
C MET D 380 -3.92 -8.54 38.93
N VAL D 381 -4.23 -9.82 39.17
CA VAL D 381 -3.59 -10.58 40.22
C VAL D 381 -2.07 -10.63 39.99
N ASN D 382 -1.63 -11.07 38.81
CA ASN D 382 -0.19 -11.14 38.53
C ASN D 382 0.46 -9.76 38.65
N ASN D 383 -0.32 -8.70 38.46
CA ASN D 383 0.24 -7.35 38.56
C ASN D 383 0.53 -7.01 40.01
N VAL D 384 -0.50 -7.11 40.84
CA VAL D 384 -0.36 -6.82 42.25
C VAL D 384 0.73 -7.75 42.83
N GLU D 385 0.77 -8.99 42.35
CA GLU D 385 1.76 -9.96 42.80
C GLU D 385 3.17 -9.46 42.46
N ARG D 386 3.39 -9.19 41.18
CA ARG D 386 4.68 -8.71 40.70
C ARG D 386 5.15 -7.49 41.45
N VAL D 387 4.23 -6.57 41.69
CA VAL D 387 4.56 -5.33 42.38
C VAL D 387 4.82 -5.56 43.85
N TYR D 388 4.21 -6.60 44.40
CA TYR D 388 4.39 -6.93 45.80
C TYR D 388 5.78 -7.47 46.09
N LYS D 389 6.25 -8.41 45.27
CA LYS D 389 7.57 -8.99 45.49
C LYS D 389 8.70 -7.97 45.57
N ARG D 390 8.66 -6.97 44.70
CA ARG D 390 9.71 -5.97 44.71
C ARG D 390 9.56 -5.03 45.88
N TRP D 391 8.31 -4.78 46.25
CA TRP D 391 8.04 -3.88 47.35
C TRP D 391 8.73 -4.39 48.61
N GLN D 392 8.54 -5.66 48.92
CA GLN D 392 9.12 -6.25 50.12
C GLN D 392 10.62 -6.49 50.02
N ARG D 393 11.12 -6.60 48.80
CA ARG D 393 12.53 -6.84 48.57
C ARG D 393 13.40 -5.69 49.10
N GLU D 394 12.91 -4.45 48.96
CA GLU D 394 13.63 -3.26 49.43
C GLU D 394 13.10 -2.74 50.76
N LYS D 395 13.89 -1.91 51.43
CA LYS D 395 13.45 -1.34 52.69
C LYS D 395 13.33 0.18 52.55
N GLY D 396 12.25 0.73 53.07
CA GLY D 396 12.01 2.17 52.99
C GLY D 396 11.09 2.52 51.84
N TRP D 397 11.01 1.61 50.86
CA TRP D 397 10.17 1.79 49.68
C TRP D 397 8.67 1.77 49.96
N THR D 398 7.92 2.61 49.24
CA THR D 398 6.48 2.63 49.39
C THR D 398 5.87 1.90 48.19
N MET D 399 4.68 1.34 48.35
CA MET D 399 4.04 0.67 47.21
C MET D 399 4.23 1.53 45.95
N ARG D 400 4.13 2.85 46.12
CA ARG D 400 4.26 3.82 45.03
C ARG D 400 5.58 3.54 44.31
N ASP D 401 6.66 3.58 45.08
CA ASP D 401 7.99 3.33 44.57
C ASP D 401 8.07 2.01 43.83
N ALA D 402 7.71 0.95 44.52
CA ALA D 402 7.73 -0.38 43.92
C ALA D 402 6.94 -0.40 42.61
N ALA D 403 5.78 0.27 42.60
CA ALA D 403 4.95 0.30 41.40
C ALA D 403 5.69 0.96 40.23
N ILE D 404 6.11 2.20 40.44
CA ILE D 404 6.82 2.98 39.43
C ILE D 404 8.08 2.29 38.93
N VAL D 405 8.92 1.86 39.87
CA VAL D 405 10.16 1.19 39.52
C VAL D 405 9.93 -0.07 38.70
N THR D 406 8.86 -0.81 39.00
CA THR D 406 8.55 -2.02 38.26
C THR D 406 8.24 -1.62 36.84
N ALA D 407 7.57 -0.50 36.68
CA ALA D 407 7.23 -0.02 35.36
C ALA D 407 8.47 0.43 34.59
N LEU D 408 9.28 1.29 35.20
CA LEU D 408 10.48 1.78 34.54
C LEU D 408 11.41 0.66 34.15
N GLU D 409 11.19 -0.51 34.73
CA GLU D 409 12.06 -1.65 34.46
C GLU D 409 11.74 -2.44 33.21
N ARG D 410 10.45 -2.66 32.96
CA ARG D 410 9.98 -3.40 31.80
C ARG D 410 10.26 -2.64 30.51
N ILE D 411 10.08 -1.32 30.56
CA ILE D 411 10.35 -0.45 29.43
C ILE D 411 11.87 -0.47 29.19
N TYR D 412 12.65 -0.24 30.25
CA TYR D 412 14.12 -0.24 30.16
C TYR D 412 14.70 -1.51 29.55
N ASN D 413 14.27 -2.66 30.04
CA ASN D 413 14.73 -3.93 29.53
C ASN D 413 14.38 -4.10 28.06
N ALA D 414 13.33 -3.41 27.64
CA ALA D 414 12.90 -3.50 26.26
C ALA D 414 13.78 -2.69 25.34
N MET D 415 14.11 -1.49 25.78
CA MET D 415 14.93 -0.61 24.97
C MET D 415 16.32 -1.20 24.75
N LYS D 416 16.84 -1.82 25.81
CA LYS D 416 18.14 -2.45 25.76
C LYS D 416 18.11 -3.58 24.73
N ILE D 417 17.19 -4.53 24.89
CA ILE D 417 17.06 -5.67 23.99
C ILE D 417 16.85 -5.24 22.54
N ARG D 418 16.28 -4.07 22.34
CA ARG D 418 16.01 -3.59 21.00
C ARG D 418 17.14 -2.76 20.43
N GLY D 419 17.99 -2.27 21.32
CA GLY D 419 19.12 -1.44 20.92
C GLY D 419 18.80 0.04 20.85
N TRP D 420 17.88 0.52 21.68
CA TRP D 420 17.48 1.93 21.69
C TRP D 420 18.41 2.80 22.53
N ILE D 421 18.84 2.27 23.65
CA ILE D 421 19.73 2.99 24.54
C ILE D 421 21.13 2.48 24.37
N THR E 4 -37.23 -10.62 -10.74
CA THR E 4 -37.81 -9.34 -10.34
C THR E 4 -39.04 -9.61 -9.49
N GLY E 5 -39.64 -10.78 -9.63
CA GLY E 5 -40.81 -11.09 -8.84
C GLY E 5 -40.38 -11.57 -7.48
N PHE E 6 -39.21 -12.19 -7.42
CA PHE E 6 -38.68 -12.70 -6.17
C PHE E 6 -38.22 -11.52 -5.34
N LEU E 7 -37.60 -10.55 -6.01
CA LEU E 7 -37.11 -9.36 -5.34
C LEU E 7 -38.29 -8.65 -4.72
N GLU E 8 -39.31 -8.42 -5.54
CA GLU E 8 -40.53 -7.75 -5.10
C GLU E 8 -41.04 -8.47 -3.86
N TYR E 9 -40.81 -9.78 -3.80
CA TYR E 9 -41.23 -10.59 -2.68
C TYR E 9 -40.38 -10.31 -1.43
N VAL E 10 -39.07 -10.22 -1.62
CA VAL E 10 -38.17 -9.96 -0.49
C VAL E 10 -38.37 -8.56 0.10
N LEU E 11 -38.60 -7.58 -0.77
CA LEU E 11 -38.83 -6.21 -0.33
C LEU E 11 -40.09 -6.12 0.52
N ASN E 12 -41.14 -6.82 0.11
CA ASN E 12 -42.40 -6.84 0.86
C ASN E 12 -42.16 -7.50 2.22
N TYR E 13 -41.38 -8.56 2.20
CA TYR E 13 -41.04 -9.30 3.40
C TYR E 13 -40.35 -8.35 4.39
N VAL E 14 -39.45 -7.53 3.86
CA VAL E 14 -38.72 -6.57 4.68
C VAL E 14 -39.63 -5.48 5.21
N LYS E 15 -40.53 -4.99 4.37
CA LYS E 15 -41.47 -3.96 4.82
C LYS E 15 -42.28 -4.47 6.00
N LYS E 16 -42.87 -5.65 5.83
CA LYS E 16 -43.68 -6.27 6.87
C LYS E 16 -42.94 -6.20 8.20
N GLY E 17 -41.63 -6.36 8.15
CA GLY E 17 -40.83 -6.29 9.35
C GLY E 17 -40.53 -4.88 9.78
N VAL E 18 -40.29 -4.00 8.81
CA VAL E 18 -39.97 -2.61 9.11
C VAL E 18 -41.10 -1.99 9.90
N GLU E 19 -42.32 -2.46 9.66
CA GLU E 19 -43.47 -1.92 10.36
C GLU E 19 -43.63 -2.52 11.75
N LEU E 20 -43.61 -3.85 11.84
CA LEU E 20 -43.75 -4.48 13.14
C LEU E 20 -42.81 -3.90 14.19
N GLY E 21 -41.58 -3.64 13.78
CA GLY E 21 -40.56 -3.09 14.67
C GLY E 21 -40.70 -1.61 14.91
N GLY E 22 -41.43 -0.96 14.00
CA GLY E 22 -41.68 0.47 14.10
C GLY E 22 -40.46 1.31 13.85
N PHE E 23 -39.82 1.08 12.70
CA PHE E 23 -38.64 1.83 12.34
C PHE E 23 -39.02 2.86 11.30
N PRO E 24 -38.28 3.98 11.22
CA PRO E 24 -38.58 5.02 10.24
C PRO E 24 -38.45 4.48 8.81
N GLU E 25 -39.15 5.09 7.87
CA GLU E 25 -39.08 4.65 6.47
C GLU E 25 -37.69 4.89 5.90
N ASP E 26 -36.97 5.85 6.48
CA ASP E 26 -35.61 6.14 6.02
C ASP E 26 -34.75 4.90 6.18
N PHE E 27 -35.02 4.14 7.24
CA PHE E 27 -34.30 2.90 7.49
C PHE E 27 -34.55 2.01 6.29
N TYR E 28 -35.81 1.84 5.94
CA TYR E 28 -36.14 0.99 4.80
C TYR E 28 -35.51 1.47 3.51
N LYS E 29 -35.30 2.79 3.41
CA LYS E 29 -34.71 3.37 2.22
C LYS E 29 -33.30 2.91 1.99
N ILE E 30 -32.58 2.69 3.08
CA ILE E 30 -31.19 2.26 3.01
C ILE E 30 -31.03 0.79 2.72
N LEU E 31 -31.95 -0.02 3.24
CA LEU E 31 -31.89 -1.47 3.04
C LEU E 31 -32.48 -1.96 1.72
N SER E 32 -33.49 -1.29 1.19
CA SER E 32 -34.12 -1.73 -0.05
C SER E 32 -33.17 -1.82 -1.24
N ARG E 33 -32.14 -0.99 -1.25
CA ARG E 33 -31.18 -0.98 -2.34
C ARG E 33 -29.77 -1.39 -1.84
N PRO E 34 -29.06 -2.24 -2.60
CA PRO E 34 -27.71 -2.68 -2.22
C PRO E 34 -26.68 -1.56 -2.18
N ARG E 35 -25.71 -1.67 -1.29
CA ARG E 35 -24.67 -0.68 -1.11
C ARG E 35 -23.75 -0.54 -2.31
N ARG E 36 -23.51 -1.66 -2.96
CA ARG E 36 -22.60 -1.68 -4.08
C ARG E 36 -22.73 -2.98 -4.86
N VAL E 37 -22.67 -2.86 -6.19
CA VAL E 37 -22.76 -4.00 -7.12
C VAL E 37 -21.62 -3.95 -8.17
N LEU E 38 -20.98 -5.08 -8.44
CA LEU E 38 -19.89 -5.09 -9.41
C LEU E 38 -20.13 -6.10 -10.51
N ILE E 39 -20.65 -5.65 -11.64
CA ILE E 39 -20.88 -6.57 -12.75
C ILE E 39 -19.56 -6.74 -13.51
N VAL E 40 -19.15 -7.98 -13.75
CA VAL E 40 -17.90 -8.26 -14.48
C VAL E 40 -18.07 -9.25 -15.65
N ASN E 41 -17.26 -9.07 -16.69
CA ASN E 41 -17.31 -9.98 -17.85
C ASN E 41 -15.96 -10.62 -17.99
N ILE E 42 -15.89 -11.91 -17.69
CA ILE E 42 -14.62 -12.60 -17.80
C ILE E 42 -14.56 -13.55 -18.99
N PRO E 43 -13.61 -13.29 -19.91
CA PRO E 43 -13.46 -14.14 -21.10
C PRO E 43 -12.65 -15.40 -20.82
N VAL E 44 -13.20 -16.53 -21.25
CA VAL E 44 -12.56 -17.81 -21.03
C VAL E 44 -12.26 -18.47 -22.36
N ARG E 45 -11.09 -19.11 -22.45
CA ARG E 45 -10.66 -19.81 -23.66
C ARG E 45 -11.03 -21.28 -23.58
N LEU E 46 -12.13 -21.64 -24.21
CA LEU E 46 -12.60 -23.02 -24.19
C LEU E 46 -11.60 -23.97 -24.84
N ASP E 47 -11.80 -25.27 -24.64
CA ASP E 47 -10.90 -26.24 -25.22
C ASP E 47 -11.18 -26.27 -26.73
N GLY E 48 -12.44 -26.51 -27.07
CA GLY E 48 -12.85 -26.54 -28.46
C GLY E 48 -13.20 -25.14 -28.92
N GLY E 49 -12.44 -24.64 -29.88
CA GLY E 49 -12.70 -23.30 -30.38
C GLY E 49 -11.69 -22.37 -29.75
N GLY E 50 -12.13 -21.52 -28.83
CA GLY E 50 -11.15 -20.66 -28.24
C GLY E 50 -11.63 -19.39 -27.61
N PHE E 51 -12.95 -19.17 -27.52
CA PHE E 51 -13.41 -17.93 -26.91
C PHE E 51 -14.87 -17.82 -26.49
N GLU E 52 -15.07 -17.31 -25.28
CA GLU E 52 -16.42 -17.13 -24.75
C GLU E 52 -16.33 -16.20 -23.54
N VAL E 53 -17.13 -15.14 -23.51
CA VAL E 53 -17.10 -14.22 -22.38
C VAL E 53 -18.32 -14.50 -21.48
N PHE E 54 -18.09 -14.67 -20.19
CA PHE E 54 -19.18 -14.96 -19.24
C PHE E 54 -19.60 -13.78 -18.38
N GLU E 55 -20.89 -13.72 -18.06
CA GLU E 55 -21.48 -12.67 -17.23
C GLU E 55 -21.38 -13.07 -15.75
N GLY E 56 -20.86 -12.17 -14.93
CA GLY E 56 -20.74 -12.45 -13.50
C GLY E 56 -20.80 -11.18 -12.69
N TYR E 57 -21.07 -11.28 -11.40
CA TYR E 57 -21.15 -10.08 -10.60
C TYR E 57 -21.09 -10.42 -9.15
N ARG E 58 -20.97 -9.41 -8.31
CA ARG E 58 -20.92 -9.63 -6.89
C ARG E 58 -21.71 -8.52 -6.24
N VAL E 59 -22.82 -8.88 -5.61
CA VAL E 59 -23.65 -7.89 -4.95
C VAL E 59 -23.21 -7.85 -3.50
N GLN E 60 -23.01 -6.64 -2.99
CA GLN E 60 -22.60 -6.39 -1.61
C GLN E 60 -23.74 -5.55 -1.04
N HIS E 61 -24.59 -6.16 -0.21
CA HIS E 61 -25.76 -5.44 0.34
C HIS E 61 -25.52 -4.40 1.43
N CYS E 62 -25.16 -4.82 2.65
CA CYS E 62 -24.94 -3.87 3.76
C CYS E 62 -23.80 -4.28 4.75
N ASP E 63 -23.15 -3.23 5.25
CA ASP E 63 -22.06 -3.28 6.20
C ASP E 63 -22.56 -2.57 7.41
N VAL E 64 -22.10 -2.92 8.58
CA VAL E 64 -22.48 -2.18 9.77
C VAL E 64 -22.15 -3.13 10.80
N LEU E 65 -22.47 -4.39 10.54
CA LEU E 65 -22.16 -5.38 11.52
C LEU E 65 -20.77 -5.95 11.32
N GLY E 66 -20.21 -5.69 10.14
CA GLY E 66 -18.89 -6.19 9.80
C GLY E 66 -18.80 -6.43 8.31
N PRO E 67 -17.76 -7.12 7.83
CA PRO E 67 -17.59 -7.38 6.40
C PRO E 67 -18.68 -8.19 5.66
N TYR E 68 -18.85 -7.90 4.36
CA TYR E 68 -19.84 -8.58 3.50
C TYR E 68 -19.56 -10.08 3.46
N LYS E 69 -20.63 -10.87 3.55
CA LYS E 69 -20.50 -12.33 3.55
C LYS E 69 -21.58 -12.96 2.66
N GLY E 70 -21.24 -13.99 1.90
CA GLY E 70 -22.25 -14.61 1.06
C GLY E 70 -21.69 -15.47 -0.05
N GLY E 71 -22.42 -16.51 -0.41
CA GLY E 71 -21.98 -17.41 -1.43
C GLY E 71 -22.18 -16.93 -2.85
N VAL E 72 -21.64 -17.68 -3.81
CA VAL E 72 -21.74 -17.33 -5.22
C VAL E 72 -22.49 -18.44 -5.96
N ARG E 73 -23.30 -18.05 -6.93
CA ARG E 73 -24.08 -19.01 -7.70
C ARG E 73 -23.58 -19.19 -9.11
N PHE E 74 -23.42 -20.44 -9.52
CA PHE E 74 -22.99 -20.74 -10.88
C PHE E 74 -24.18 -21.44 -11.50
N HIS E 75 -25.04 -20.68 -12.14
CA HIS E 75 -26.25 -21.23 -12.73
C HIS E 75 -26.63 -20.38 -13.92
N PRO E 76 -27.15 -21.00 -14.98
CA PRO E 76 -27.56 -20.30 -16.21
C PRO E 76 -28.71 -19.32 -16.06
N GLU E 77 -29.79 -19.77 -15.44
CA GLU E 77 -30.95 -18.92 -15.30
C GLU E 77 -30.82 -17.96 -14.13
N VAL E 78 -29.70 -17.25 -14.06
CA VAL E 78 -29.47 -16.33 -12.96
C VAL E 78 -29.70 -14.88 -13.36
N THR E 79 -30.27 -14.09 -12.44
CA THR E 79 -30.53 -12.66 -12.69
C THR E 79 -30.15 -11.81 -11.47
N LEU E 80 -29.60 -10.62 -11.69
CA LEU E 80 -29.21 -9.71 -10.60
C LEU E 80 -30.28 -9.49 -9.54
N ALA E 81 -31.49 -9.18 -10.00
CA ALA E 81 -32.62 -8.92 -9.11
C ALA E 81 -32.72 -9.98 -8.04
N ASP E 82 -32.89 -11.23 -8.44
CA ASP E 82 -33.00 -12.32 -7.46
C ASP E 82 -31.79 -12.36 -6.54
N ASP E 83 -30.61 -12.23 -7.13
CA ASP E 83 -29.39 -12.26 -6.35
C ASP E 83 -29.29 -11.08 -5.37
N VAL E 84 -29.87 -9.95 -5.75
CA VAL E 84 -29.85 -8.79 -4.87
C VAL E 84 -30.73 -9.12 -3.67
N ALA E 85 -31.83 -9.82 -3.95
CA ALA E 85 -32.76 -10.22 -2.90
C ALA E 85 -32.08 -11.16 -1.90
N LEU E 86 -31.34 -12.14 -2.41
CA LEU E 86 -30.61 -13.09 -1.57
C LEU E 86 -29.61 -12.38 -0.68
N ALA E 87 -28.91 -11.40 -1.25
CA ALA E 87 -27.93 -10.64 -0.49
C ALA E 87 -28.67 -9.90 0.62
N ILE E 88 -29.91 -9.52 0.38
CA ILE E 88 -30.68 -8.85 1.41
C ILE E 88 -30.95 -9.85 2.51
N LEU E 89 -31.46 -11.03 2.14
CA LEU E 89 -31.77 -12.05 3.12
C LEU E 89 -30.53 -12.55 3.84
N MET E 90 -29.39 -12.49 3.15
CA MET E 90 -28.13 -12.92 3.72
C MET E 90 -27.69 -11.92 4.78
N THR E 91 -28.17 -10.69 4.66
CA THR E 91 -27.81 -9.64 5.60
C THR E 91 -28.56 -9.78 6.90
N LEU E 92 -29.85 -10.08 6.78
CA LEU E 92 -30.69 -10.26 7.95
C LEU E 92 -30.29 -11.52 8.68
N LYS E 93 -30.05 -12.58 7.91
CA LYS E 93 -29.67 -13.88 8.45
C LYS E 93 -28.39 -13.82 9.27
N ASN E 94 -27.43 -13.04 8.78
CA ASN E 94 -26.16 -12.85 9.48
C ASN E 94 -26.42 -12.05 10.75
N SER E 95 -27.28 -11.04 10.65
CA SER E 95 -27.62 -10.23 11.81
C SER E 95 -28.26 -11.08 12.90
N LEU E 96 -29.21 -11.91 12.47
CA LEU E 96 -29.95 -12.80 13.35
C LEU E 96 -29.03 -13.82 13.98
N ALA E 97 -28.04 -14.28 13.22
CA ALA E 97 -27.11 -15.25 13.72
C ALA E 97 -26.12 -14.65 14.75
N GLY E 98 -26.11 -13.33 14.93
CA GLY E 98 -25.19 -12.72 15.88
C GLY E 98 -23.78 -12.60 15.34
N LEU E 99 -23.59 -12.97 14.08
CA LEU E 99 -22.27 -12.89 13.44
C LEU E 99 -21.94 -11.44 13.09
N PRO E 100 -20.65 -11.08 13.09
CA PRO E 100 -20.24 -9.72 12.76
C PRO E 100 -20.09 -9.63 11.25
N TYR E 101 -21.07 -10.21 10.56
CA TYR E 101 -21.05 -10.26 9.11
C TYR E 101 -22.09 -9.34 8.49
N GLY E 102 -21.79 -8.90 7.26
CA GLY E 102 -22.69 -8.01 6.55
C GLY E 102 -23.78 -8.71 5.75
N GLY E 103 -23.46 -9.14 4.53
CA GLY E 103 -24.42 -9.81 3.65
C GLY E 103 -24.12 -9.46 2.19
N ALA E 104 -23.85 -10.47 1.38
CA ALA E 104 -23.54 -10.23 -0.03
C ALA E 104 -23.98 -11.47 -0.76
N LYS E 105 -23.85 -11.48 -2.08
CA LYS E 105 -24.24 -12.65 -2.86
C LYS E 105 -23.72 -12.44 -4.27
N GLY E 106 -23.02 -13.45 -4.80
CA GLY E 106 -22.49 -13.30 -6.15
C GLY E 106 -23.03 -14.37 -7.07
N ALA E 107 -22.95 -14.15 -8.37
CA ALA E 107 -23.43 -15.14 -9.35
C ALA E 107 -22.66 -15.12 -10.67
N VAL E 108 -22.78 -16.18 -11.44
CA VAL E 108 -22.12 -16.21 -12.75
C VAL E 108 -22.97 -17.05 -13.67
N ARG E 109 -23.50 -16.44 -14.72
CA ARG E 109 -24.34 -17.14 -15.67
C ARG E 109 -23.57 -18.15 -16.51
N VAL E 110 -23.63 -19.40 -16.09
CA VAL E 110 -22.94 -20.47 -16.79
C VAL E 110 -23.38 -21.79 -16.19
N ASP E 111 -23.29 -22.85 -16.98
CA ASP E 111 -23.64 -24.16 -16.51
C ASP E 111 -22.36 -24.97 -16.34
N PRO E 112 -21.90 -25.13 -15.09
CA PRO E 112 -20.68 -25.87 -14.79
C PRO E 112 -20.66 -27.28 -15.36
N LYS E 113 -21.85 -27.83 -15.60
CA LYS E 113 -21.95 -29.17 -16.17
C LYS E 113 -21.90 -29.07 -17.68
N LYS E 114 -21.15 -28.11 -18.20
CA LYS E 114 -21.05 -27.91 -19.65
C LYS E 114 -19.61 -27.56 -19.93
N LEU E 115 -18.90 -27.16 -18.88
CA LEU E 115 -17.52 -26.77 -18.99
C LEU E 115 -16.64 -27.96 -18.67
N SER E 116 -15.40 -27.95 -19.16
CA SER E 116 -14.50 -29.05 -18.88
C SER E 116 -13.73 -28.68 -17.60
N GLN E 117 -13.31 -29.70 -16.86
CA GLN E 117 -12.58 -29.47 -15.63
C GLN E 117 -11.63 -28.28 -15.73
N ARG E 118 -10.88 -28.20 -16.82
CA ARG E 118 -9.94 -27.12 -17.01
C ARG E 118 -10.66 -25.79 -17.15
N GLU E 119 -11.62 -25.74 -18.08
CA GLU E 119 -12.42 -24.56 -18.35
C GLU E 119 -13.06 -24.00 -17.08
N LEU E 120 -13.50 -24.88 -16.18
CA LEU E 120 -14.12 -24.45 -14.92
C LEU E 120 -13.14 -23.68 -14.04
N GLU E 121 -11.94 -24.25 -13.89
CA GLU E 121 -10.89 -23.63 -13.08
C GLU E 121 -10.58 -22.27 -13.65
N GLU E 122 -10.43 -22.22 -14.97
CA GLU E 122 -10.15 -20.99 -15.69
C GLU E 122 -11.24 -19.95 -15.43
N LEU E 123 -12.49 -20.38 -15.34
CA LEU E 123 -13.61 -19.48 -15.08
C LEU E 123 -13.57 -18.99 -13.63
N SER E 124 -13.40 -19.92 -12.69
CA SER E 124 -13.34 -19.57 -11.29
C SER E 124 -12.25 -18.53 -11.03
N ARG E 125 -11.03 -18.80 -11.50
CA ARG E 125 -9.92 -17.88 -11.29
C ARG E 125 -10.16 -16.52 -11.94
N GLY E 126 -10.95 -16.53 -13.01
CA GLY E 126 -11.29 -15.33 -13.73
C GLY E 126 -12.30 -14.52 -12.95
N TYR E 127 -13.22 -15.21 -12.28
CA TYR E 127 -14.22 -14.52 -11.49
C TYR E 127 -13.53 -13.83 -10.32
N ALA E 128 -12.67 -14.59 -9.63
CA ALA E 128 -11.95 -14.06 -8.48
C ALA E 128 -11.05 -12.90 -8.89
N ARG E 129 -10.28 -13.11 -9.93
CA ARG E 129 -9.37 -12.07 -10.38
C ARG E 129 -10.12 -10.79 -10.76
N ALA E 130 -11.34 -10.93 -11.28
CA ALA E 130 -12.15 -9.80 -11.70
C ALA E 130 -12.79 -9.00 -10.56
N ILE E 131 -13.22 -9.69 -9.51
CA ILE E 131 -13.83 -9.04 -8.36
C ILE E 131 -12.78 -8.80 -7.27
N ALA E 132 -11.55 -9.21 -7.52
CA ALA E 132 -10.47 -9.08 -6.54
C ALA E 132 -10.36 -7.77 -5.81
N PRO E 133 -10.33 -6.65 -6.55
CA PRO E 133 -10.22 -5.35 -5.90
C PRO E 133 -11.30 -4.99 -4.90
N LEU E 134 -12.43 -5.68 -4.94
CA LEU E 134 -13.51 -5.38 -4.03
C LEU E 134 -13.76 -6.42 -2.97
N ILE E 135 -12.82 -7.33 -2.77
CA ILE E 135 -12.97 -8.38 -1.76
C ILE E 135 -11.69 -8.56 -0.95
N GLY E 136 -11.81 -9.17 0.24
CA GLY E 136 -10.65 -9.40 1.08
C GLY E 136 -11.13 -10.07 2.35
N ASP E 137 -10.23 -10.64 3.14
CA ASP E 137 -10.62 -11.32 4.37
C ASP E 137 -11.22 -10.37 5.42
N VAL E 138 -11.40 -9.11 5.07
CA VAL E 138 -11.98 -8.14 5.99
C VAL E 138 -12.91 -7.17 5.27
N VAL E 139 -13.15 -7.40 3.97
CA VAL E 139 -14.07 -6.53 3.28
C VAL E 139 -15.27 -7.33 2.73
N ASP E 140 -15.01 -8.44 2.06
CA ASP E 140 -16.11 -9.27 1.52
C ASP E 140 -15.59 -10.70 1.35
N ILE E 141 -16.13 -11.63 2.13
CA ILE E 141 -15.74 -13.04 2.10
C ILE E 141 -16.79 -13.92 1.43
N PRO E 142 -16.57 -14.27 0.15
CA PRO E 142 -17.50 -15.11 -0.60
C PRO E 142 -17.51 -16.53 -0.07
N ALA E 143 -18.38 -17.37 -0.65
CA ALA E 143 -18.52 -18.76 -0.25
C ALA E 143 -19.21 -19.52 -1.37
N PRO E 144 -19.38 -20.84 -1.22
CA PRO E 144 -20.04 -21.63 -2.26
C PRO E 144 -21.56 -21.56 -2.20
N ASP E 145 -22.21 -21.95 -3.29
CA ASP E 145 -23.67 -21.97 -3.39
C ASP E 145 -24.08 -23.01 -4.45
N VAL E 146 -25.28 -22.85 -5.01
CA VAL E 146 -25.79 -23.80 -6.00
C VAL E 146 -24.80 -24.43 -6.96
N GLY E 147 -24.25 -23.65 -7.88
CA GLY E 147 -23.32 -24.25 -8.82
C GLY E 147 -21.87 -24.36 -8.41
N THR E 148 -21.56 -24.00 -7.17
CA THR E 148 -20.18 -24.03 -6.72
C THR E 148 -19.99 -25.02 -5.58
N ASN E 149 -18.72 -25.38 -5.30
CA ASN E 149 -18.36 -26.31 -4.23
C ASN E 149 -17.04 -25.96 -3.54
N ALA E 150 -16.56 -26.87 -2.70
CA ALA E 150 -15.31 -26.64 -1.98
C ALA E 150 -14.12 -26.50 -2.93
N GLN E 151 -14.09 -27.31 -3.98
CA GLN E 151 -13.03 -27.28 -4.97
C GLN E 151 -12.91 -25.90 -5.64
N ILE E 152 -14.05 -25.29 -5.96
CA ILE E 152 -14.07 -23.97 -6.60
C ILE E 152 -13.49 -22.92 -5.65
N MET E 153 -13.88 -22.96 -4.39
CA MET E 153 -13.36 -22.04 -3.38
C MET E 153 -11.84 -22.11 -3.40
N ALA E 154 -11.35 -23.34 -3.46
CA ALA E 154 -9.92 -23.58 -3.50
C ALA E 154 -9.23 -22.87 -4.66
N TRP E 155 -9.82 -22.92 -5.85
CA TRP E 155 -9.20 -22.26 -6.99
C TRP E 155 -9.21 -20.73 -6.85
N MET E 156 -10.22 -20.21 -6.16
CA MET E 156 -10.34 -18.78 -5.96
C MET E 156 -9.41 -18.33 -4.83
N VAL E 157 -9.20 -19.19 -3.84
CA VAL E 157 -8.30 -18.81 -2.75
C VAL E 157 -6.88 -18.71 -3.27
N ASP E 158 -6.46 -19.73 -4.01
CA ASP E 158 -5.13 -19.77 -4.59
C ASP E 158 -4.92 -18.55 -5.51
N GLU E 159 -5.87 -18.30 -6.42
CA GLU E 159 -5.77 -17.18 -7.35
C GLU E 159 -5.56 -15.87 -6.59
N TYR E 160 -6.47 -15.54 -5.69
CA TYR E 160 -6.34 -14.33 -4.91
C TYR E 160 -4.98 -14.24 -4.23
N SER E 161 -4.51 -15.39 -3.74
CA SER E 161 -3.25 -15.44 -3.03
C SER E 161 -2.06 -15.25 -3.95
N LYS E 162 -2.19 -15.60 -5.22
CA LYS E 162 -1.07 -15.42 -6.10
C LYS E 162 -1.09 -14.01 -6.66
N ILE E 163 -2.09 -13.24 -6.25
CA ILE E 163 -2.25 -11.85 -6.65
C ILE E 163 -1.70 -10.97 -5.53
N LYS E 164 -2.00 -11.31 -4.28
CA LYS E 164 -1.50 -10.56 -3.14
C LYS E 164 -0.01 -10.87 -2.93
N GLY E 165 0.46 -12.01 -3.44
CA GLY E 165 1.86 -12.38 -3.26
C GLY E 165 2.16 -13.23 -2.03
N TYR E 166 1.12 -13.65 -1.32
CA TYR E 166 1.23 -14.49 -0.13
C TYR E 166 -0.11 -15.19 0.16
N ASN E 167 -0.18 -16.00 1.21
CA ASN E 167 -1.40 -16.74 1.49
C ASN E 167 -2.54 -16.03 2.23
N VAL E 168 -3.74 -16.05 1.64
CA VAL E 168 -4.87 -15.40 2.27
C VAL E 168 -5.96 -16.44 2.43
N PRO E 169 -5.91 -17.22 3.53
CA PRO E 169 -6.93 -18.25 3.74
C PRO E 169 -8.31 -17.78 4.15
N GLY E 170 -8.43 -16.60 4.75
CA GLY E 170 -9.73 -16.12 5.18
C GLY E 170 -10.57 -15.38 4.15
N VAL E 171 -10.08 -15.29 2.91
CA VAL E 171 -10.80 -14.57 1.86
C VAL E 171 -11.96 -15.39 1.27
N PHE E 172 -12.01 -16.67 1.61
CA PHE E 172 -13.04 -17.62 1.15
C PHE E 172 -13.30 -18.73 2.17
N THR E 173 -14.56 -18.96 2.49
CA THR E 173 -14.87 -19.99 3.46
C THR E 173 -15.44 -21.23 2.80
N SER E 174 -15.59 -22.28 3.60
CA SER E 174 -16.12 -23.56 3.14
C SER E 174 -15.09 -24.22 2.24
N LYS E 175 -13.82 -24.06 2.58
CA LYS E 175 -12.77 -24.67 1.78
C LYS E 175 -12.32 -26.01 2.37
N PRO E 176 -11.78 -26.90 1.51
CA PRO E 176 -11.32 -28.23 1.91
C PRO E 176 -10.56 -28.26 3.22
N PRO E 177 -10.75 -29.31 4.01
CA PRO E 177 -10.04 -29.41 5.28
C PRO E 177 -8.54 -29.41 5.05
N GLU E 178 -8.13 -29.97 3.91
CA GLU E 178 -6.72 -30.03 3.54
C GLU E 178 -6.23 -28.65 3.14
N LEU E 179 -7.11 -27.66 3.10
CA LEU E 179 -6.71 -26.30 2.75
C LEU E 179 -7.37 -25.30 3.71
N TRP E 180 -6.88 -25.32 4.95
CA TRP E 180 -7.34 -24.43 6.02
C TRP E 180 -8.84 -24.48 6.30
N GLY E 181 -9.46 -25.64 6.12
CA GLY E 181 -10.89 -25.73 6.38
C GLY E 181 -11.14 -26.35 7.74
N ASN E 182 -12.41 -26.50 8.10
CA ASN E 182 -12.77 -27.10 9.37
C ASN E 182 -13.76 -28.22 9.11
N PRO E 183 -13.35 -29.46 9.37
CA PRO E 183 -14.17 -30.66 9.18
C PRO E 183 -15.62 -30.54 9.61
N VAL E 184 -15.92 -29.68 10.58
CA VAL E 184 -17.30 -29.56 11.06
C VAL E 184 -18.33 -29.14 10.02
N ARG E 185 -17.86 -28.49 8.96
CA ARG E 185 -18.73 -28.01 7.90
C ARG E 185 -19.66 -29.11 7.40
N GLU E 186 -19.18 -30.35 7.45
CA GLU E 186 -19.96 -31.50 7.03
C GLU E 186 -21.36 -31.54 7.69
N TYR E 187 -21.39 -31.45 9.02
CA TYR E 187 -22.63 -31.51 9.76
C TYR E 187 -23.02 -30.21 10.44
N ALA E 188 -22.38 -29.12 10.04
CA ALA E 188 -22.62 -27.82 10.61
C ALA E 188 -24.08 -27.44 10.73
N THR E 189 -24.79 -27.43 9.61
CA THR E 189 -26.19 -27.07 9.62
C THR E 189 -27.09 -28.01 10.39
N GLY E 190 -26.90 -29.31 10.18
CA GLY E 190 -27.70 -30.30 10.87
C GLY E 190 -27.49 -30.19 12.38
N PHE E 191 -26.25 -30.04 12.81
CA PHE E 191 -25.94 -29.93 14.24
C PHE E 191 -26.68 -28.69 14.80
N GLY E 192 -26.81 -27.65 13.99
CA GLY E 192 -27.50 -26.45 14.44
C GLY E 192 -28.98 -26.67 14.58
N VAL E 193 -29.59 -27.27 13.57
CA VAL E 193 -31.03 -27.54 13.56
C VAL E 193 -31.37 -28.32 14.82
N ALA E 194 -30.55 -29.31 15.13
CA ALA E 194 -30.69 -30.16 16.30
C ALA E 194 -30.54 -29.34 17.56
N VAL E 195 -29.58 -28.42 17.59
CA VAL E 195 -29.39 -27.60 18.78
C VAL E 195 -30.58 -26.65 18.97
N ALA E 196 -31.06 -26.09 17.87
CA ALA E 196 -32.19 -25.16 17.96
C ALA E 196 -33.50 -25.86 18.32
N THR E 197 -33.72 -27.04 17.74
CA THR E 197 -34.93 -27.79 18.03
C THR E 197 -34.95 -28.17 19.51
N ARG E 198 -33.82 -28.63 20.04
CA ARG E 198 -33.73 -29.00 21.47
C ARG E 198 -34.08 -27.81 22.36
N GLU E 199 -33.48 -26.64 22.10
CA GLU E 199 -33.74 -25.45 22.89
C GLU E 199 -35.21 -25.05 22.92
N MET E 200 -35.86 -25.15 21.75
CA MET E 200 -37.26 -24.79 21.62
C MET E 200 -38.11 -25.82 22.37
N ALA E 201 -37.64 -27.06 22.33
CA ALA E 201 -38.34 -28.14 23.01
C ALA E 201 -38.29 -27.87 24.52
N LYS E 202 -37.15 -27.40 25.02
CA LYS E 202 -37.01 -27.13 26.45
C LYS E 202 -37.97 -26.05 26.94
N LYS E 203 -37.94 -24.90 26.27
CA LYS E 203 -38.76 -23.74 26.60
C LYS E 203 -40.24 -23.94 26.29
N LEU E 204 -40.61 -25.18 25.99
CA LEU E 204 -42.00 -25.51 25.69
C LEU E 204 -42.47 -26.74 26.43
N TRP E 205 -41.67 -27.79 26.46
CA TRP E 205 -42.09 -28.99 27.16
C TRP E 205 -41.22 -29.24 28.37
N GLY E 206 -40.14 -28.47 28.51
CA GLY E 206 -39.26 -28.68 29.63
C GLY E 206 -38.02 -29.47 29.22
N GLY E 207 -38.16 -30.38 28.26
CA GLY E 207 -37.02 -31.17 27.81
C GLY E 207 -37.21 -31.80 26.43
N ILE E 208 -36.15 -32.23 25.76
CA ILE E 208 -36.29 -32.85 24.44
C ILE E 208 -36.28 -34.37 24.58
N GLU E 209 -35.65 -34.75 25.73
CA GLU E 209 -35.60 -36.18 25.41
C GLU E 209 -36.83 -36.90 25.95
N GLY E 210 -36.88 -38.05 25.13
CA GLY E 210 -38.13 -38.77 24.98
C GLY E 210 -38.99 -38.31 23.82
N LYS E 211 -38.84 -37.04 23.43
CA LYS E 211 -39.62 -36.51 22.32
C LYS E 211 -39.29 -37.19 21.00
N THR E 212 -40.33 -37.50 20.24
CA THR E 212 -40.20 -38.17 18.95
C THR E 212 -39.98 -37.20 17.80
N VAL E 213 -39.11 -37.57 16.87
CA VAL E 213 -38.83 -36.67 15.78
C VAL E 213 -38.94 -37.36 14.46
N ALA E 214 -39.44 -36.66 13.46
CA ALA E 214 -39.56 -37.23 12.11
C ALA E 214 -38.87 -36.27 11.15
N ILE E 215 -37.75 -36.67 10.56
CA ILE E 215 -37.07 -35.77 9.62
C ILE E 215 -37.39 -36.11 8.17
N GLN E 216 -37.56 -35.10 7.33
CA GLN E 216 -37.85 -35.31 5.90
C GLN E 216 -36.61 -34.99 5.04
N GLY E 217 -36.09 -36.01 4.33
CA GLY E 217 -34.92 -35.84 3.49
C GLY E 217 -33.64 -36.28 4.16
N MET E 218 -32.95 -37.28 3.62
CA MET E 218 -31.70 -37.73 4.23
C MET E 218 -30.50 -37.16 3.47
N GLY E 219 -30.60 -35.87 3.19
CA GLY E 219 -29.55 -35.15 2.50
C GLY E 219 -28.43 -34.78 3.44
N ASN E 220 -27.81 -33.61 3.25
CA ASN E 220 -26.72 -33.19 4.12
C ASN E 220 -27.28 -32.61 5.41
N VAL E 221 -28.42 -31.95 5.32
CA VAL E 221 -29.07 -31.36 6.49
C VAL E 221 -29.88 -32.38 7.29
N GLY E 222 -30.78 -33.08 6.62
CA GLY E 222 -31.60 -34.06 7.31
C GLY E 222 -30.88 -35.21 7.96
N ARG E 223 -29.97 -35.83 7.24
CA ARG E 223 -29.23 -36.98 7.77
C ARG E 223 -28.39 -36.58 8.97
N TRP E 224 -27.93 -35.36 8.99
CA TRP E 224 -27.10 -34.93 10.09
C TRP E 224 -27.92 -34.39 11.25
N THR E 225 -29.17 -34.06 10.97
CA THR E 225 -30.04 -33.55 12.01
C THR E 225 -30.55 -34.72 12.81
N ALA E 226 -30.93 -35.76 12.09
CA ALA E 226 -31.44 -36.96 12.73
C ALA E 226 -30.37 -37.61 13.59
N TYR E 227 -29.10 -37.38 13.26
CA TYR E 227 -28.01 -37.96 14.03
C TYR E 227 -27.71 -37.19 15.30
N TRP E 228 -27.68 -35.87 15.21
CA TRP E 228 -27.37 -35.08 16.38
C TRP E 228 -28.51 -34.89 17.33
N LEU E 229 -29.71 -35.11 16.82
CA LEU E 229 -30.90 -34.95 17.63
C LEU E 229 -31.01 -36.15 18.57
N GLU E 230 -30.63 -37.33 18.09
CA GLU E 230 -30.73 -38.50 18.94
C GLU E 230 -29.69 -38.39 20.06
N LYS E 231 -28.59 -37.70 19.77
CA LYS E 231 -27.54 -37.50 20.77
C LYS E 231 -27.98 -36.54 21.88
N MET E 232 -29.03 -35.77 21.63
CA MET E 232 -29.51 -34.82 22.62
C MET E 232 -30.69 -35.37 23.41
N GLY E 233 -31.06 -36.61 23.10
CA GLY E 233 -32.15 -37.24 23.82
C GLY E 233 -33.38 -37.54 22.99
N ALA E 234 -33.52 -36.88 21.85
CA ALA E 234 -34.66 -37.10 20.99
C ALA E 234 -34.78 -38.54 20.59
N LYS E 235 -35.83 -38.85 19.85
CA LYS E 235 -36.04 -40.22 19.41
C LYS E 235 -36.46 -40.17 17.96
N VAL E 236 -35.49 -40.28 17.07
CA VAL E 236 -35.78 -40.23 15.65
C VAL E 236 -36.47 -41.56 15.27
N ILE E 237 -37.79 -41.49 15.11
CA ILE E 237 -38.56 -42.69 14.76
C ILE E 237 -38.90 -42.75 13.27
N ALA E 238 -38.73 -41.65 12.54
CA ALA E 238 -39.04 -41.68 11.11
C ALA E 238 -38.20 -40.75 10.22
N VAL E 239 -37.72 -41.31 9.11
CA VAL E 239 -36.94 -40.56 8.13
C VAL E 239 -37.40 -40.93 6.72
N SER E 240 -37.45 -39.95 5.83
CA SER E 240 -37.89 -40.20 4.46
C SER E 240 -37.01 -39.53 3.41
N ASP E 241 -37.23 -39.95 2.17
CA ASP E 241 -36.53 -39.42 1.00
C ASP E 241 -37.41 -39.72 -0.22
N ILE E 242 -36.89 -39.43 -1.40
CA ILE E 242 -37.61 -39.64 -2.63
C ILE E 242 -38.09 -41.08 -2.83
N ASN E 243 -37.40 -42.04 -2.22
CA ASN E 243 -37.76 -43.44 -2.36
C ASN E 243 -38.79 -44.01 -1.38
N GLY E 244 -39.18 -43.22 -0.38
CA GLY E 244 -40.15 -43.69 0.60
C GLY E 244 -39.83 -43.27 2.01
N VAL E 245 -40.37 -43.97 3.00
CA VAL E 245 -40.16 -43.62 4.41
C VAL E 245 -39.69 -44.81 5.23
N ALA E 246 -38.87 -44.53 6.25
CA ALA E 246 -38.36 -45.58 7.11
C ALA E 246 -38.87 -45.32 8.53
N TYR E 247 -39.74 -46.22 9.03
CA TYR E 247 -40.32 -46.09 10.36
C TYR E 247 -39.88 -47.17 11.36
N ARG E 248 -39.69 -46.77 12.61
CA ARG E 248 -39.27 -47.66 13.68
C ARG E 248 -39.70 -47.09 15.02
N LYS E 249 -40.79 -47.62 15.56
CA LYS E 249 -41.30 -47.12 16.83
C LYS E 249 -40.28 -47.08 17.97
N GLU E 250 -39.42 -48.10 18.04
CA GLU E 250 -38.41 -48.17 19.07
C GLU E 250 -37.44 -47.00 18.86
N GLY E 251 -37.28 -46.61 17.59
CA GLY E 251 -36.40 -45.51 17.23
C GLY E 251 -35.33 -45.95 16.26
N LEU E 252 -35.03 -45.14 15.24
CA LEU E 252 -34.01 -45.53 14.26
C LEU E 252 -32.58 -45.44 14.81
N ASN E 253 -31.71 -46.32 14.34
CA ASN E 253 -30.32 -46.30 14.79
C ASN E 253 -29.54 -45.34 13.91
N VAL E 254 -29.37 -44.12 14.38
CA VAL E 254 -28.68 -43.07 13.64
C VAL E 254 -27.19 -43.30 13.49
N GLU E 255 -26.60 -44.10 14.37
CA GLU E 255 -25.17 -44.38 14.29
C GLU E 255 -24.77 -44.83 12.89
N LEU E 256 -25.69 -45.51 12.20
CA LEU E 256 -25.44 -46.00 10.85
C LEU E 256 -25.09 -44.88 9.89
N ILE E 257 -25.64 -43.70 10.15
CA ILE E 257 -25.38 -42.52 9.33
C ILE E 257 -23.91 -42.15 9.38
N GLN E 258 -23.34 -42.12 10.57
CA GLN E 258 -21.95 -41.74 10.68
C GLN E 258 -21.04 -42.81 10.10
N LYS E 259 -21.50 -44.06 10.12
CA LYS E 259 -20.71 -45.15 9.58
C LYS E 259 -20.93 -45.25 8.07
N ASN E 260 -21.84 -44.45 7.54
CA ASN E 260 -22.09 -44.48 6.11
C ASN E 260 -22.44 -43.14 5.54
N LYS E 261 -21.67 -42.12 5.91
CA LYS E 261 -21.88 -40.76 5.40
C LYS E 261 -21.47 -40.76 3.95
N GLY E 262 -22.21 -40.02 3.13
CA GLY E 262 -21.90 -39.99 1.71
C GLY E 262 -22.56 -41.15 1.00
N LEU E 263 -23.36 -41.89 1.75
CA LEU E 263 -24.10 -43.05 1.26
C LEU E 263 -25.40 -42.57 0.62
N THR E 264 -25.34 -41.45 -0.10
CA THR E 264 -26.50 -40.85 -0.76
C THR E 264 -27.63 -40.67 0.25
N GLY E 265 -28.75 -40.10 -0.17
CA GLY E 265 -29.87 -39.92 0.75
C GLY E 265 -30.81 -41.11 0.73
N PRO E 266 -31.37 -41.45 -0.45
CA PRO E 266 -32.28 -42.59 -0.59
C PRO E 266 -31.71 -43.94 -0.20
N ALA E 267 -30.40 -44.09 -0.30
CA ALA E 267 -29.78 -45.34 0.08
C ALA E 267 -29.73 -45.44 1.59
N LEU E 268 -29.84 -44.29 2.24
CA LEU E 268 -29.84 -44.27 3.69
C LEU E 268 -31.16 -44.84 4.19
N VAL E 269 -32.24 -44.51 3.48
CA VAL E 269 -33.57 -45.00 3.82
C VAL E 269 -33.61 -46.52 3.76
N GLU E 270 -33.19 -47.08 2.62
CA GLU E 270 -33.16 -48.53 2.44
C GLU E 270 -32.19 -49.14 3.44
N LEU E 271 -31.15 -48.40 3.79
CA LEU E 271 -30.18 -48.90 4.74
C LEU E 271 -30.82 -49.13 6.10
N PHE E 272 -31.69 -48.20 6.50
CA PHE E 272 -32.38 -48.29 7.79
C PHE E 272 -33.34 -49.48 7.80
N THR E 273 -33.59 -50.06 6.64
CA THR E 273 -34.51 -51.20 6.49
C THR E 273 -33.77 -52.53 6.42
N THR E 274 -32.69 -52.54 5.64
CA THR E 274 -31.86 -53.71 5.46
C THR E 274 -31.23 -54.09 6.80
N LYS E 275 -30.21 -53.32 7.18
CA LYS E 275 -29.50 -53.55 8.44
C LYS E 275 -30.46 -53.45 9.62
N ASP E 276 -30.70 -52.23 10.10
CA ASP E 276 -31.61 -51.97 11.22
C ASP E 276 -33.03 -52.24 10.76
N ASN E 277 -33.78 -53.02 11.53
CA ASN E 277 -35.17 -53.35 11.20
C ASN E 277 -36.04 -52.11 11.23
N ALA E 278 -36.72 -51.85 10.12
CA ALA E 278 -37.60 -50.68 10.04
C ALA E 278 -38.66 -50.85 8.96
N GLU E 279 -39.88 -50.49 9.30
CA GLU E 279 -40.99 -50.59 8.36
C GLU E 279 -40.71 -49.70 7.17
N PHE E 280 -41.35 -50.00 6.04
CA PHE E 280 -41.14 -49.18 4.87
C PHE E 280 -42.40 -48.97 4.07
N VAL E 281 -42.57 -47.75 3.59
CA VAL E 281 -43.74 -47.41 2.80
C VAL E 281 -43.27 -46.68 1.54
N LYS E 282 -43.71 -47.16 0.38
CA LYS E 282 -43.33 -46.57 -0.91
C LYS E 282 -44.04 -45.26 -1.16
N ASN E 283 -44.00 -44.38 -0.18
CA ASN E 283 -44.64 -43.08 -0.34
C ASN E 283 -43.91 -42.06 0.51
N PRO E 284 -43.09 -41.21 -0.14
CA PRO E 284 -42.31 -40.18 0.54
C PRO E 284 -43.09 -39.04 1.16
N ASP E 285 -44.41 -39.14 1.17
CA ASP E 285 -45.24 -38.08 1.72
C ASP E 285 -45.96 -38.54 2.97
N ALA E 286 -45.64 -39.73 3.45
CA ALA E 286 -46.28 -40.27 4.64
C ALA E 286 -45.77 -39.62 5.91
N ILE E 287 -44.60 -39.01 5.85
CA ILE E 287 -44.06 -38.37 7.04
C ILE E 287 -44.94 -37.26 7.60
N PHE E 288 -45.79 -36.69 6.77
CA PHE E 288 -46.70 -35.59 7.20
C PHE E 288 -47.81 -36.13 8.09
N LYS E 289 -48.27 -37.32 7.74
CA LYS E 289 -49.32 -37.99 8.49
C LYS E 289 -48.88 -38.40 9.90
N LEU E 290 -47.68 -38.99 10.02
CA LEU E 290 -47.16 -39.46 11.30
C LEU E 290 -47.52 -38.59 12.50
N ASP E 291 -47.90 -39.25 13.57
CA ASP E 291 -48.27 -38.56 14.80
C ASP E 291 -46.99 -38.42 15.64
N VAL E 292 -46.11 -37.49 15.25
CA VAL E 292 -44.87 -37.30 15.99
C VAL E 292 -44.91 -35.97 16.72
N ASP E 293 -44.14 -35.83 17.78
CA ASP E 293 -44.10 -34.57 18.52
C ASP E 293 -43.44 -33.47 17.68
N ILE E 294 -42.29 -33.77 17.06
CA ILE E 294 -41.53 -32.82 16.24
C ILE E 294 -41.36 -33.28 14.79
N PHE E 295 -41.60 -32.37 13.85
CA PHE E 295 -41.45 -32.66 12.42
C PHE E 295 -40.40 -31.69 11.84
N VAL E 296 -39.38 -32.26 11.18
CA VAL E 296 -38.29 -31.46 10.61
C VAL E 296 -38.11 -31.55 9.10
N PRO E 297 -38.70 -30.62 8.34
CA PRO E 297 -38.61 -30.57 6.88
C PRO E 297 -37.22 -30.12 6.44
N ALA E 298 -36.44 -31.07 5.92
CA ALA E 298 -35.08 -30.80 5.50
C ALA E 298 -34.83 -31.26 4.06
N ALA E 299 -35.75 -30.93 3.16
CA ALA E 299 -35.65 -31.31 1.75
C ALA E 299 -35.88 -30.14 0.80
N ILE E 300 -37.13 -29.98 0.37
CA ILE E 300 -37.48 -28.91 -0.56
C ILE E 300 -38.57 -27.96 -0.03
N GLU E 301 -38.64 -26.78 -0.63
CA GLU E 301 -39.61 -25.75 -0.26
C GLU E 301 -41.01 -26.09 -0.71
N ASN E 302 -41.97 -25.31 -0.21
CA ASN E 302 -43.39 -25.52 -0.51
C ASN E 302 -43.76 -26.97 -0.28
N VAL E 303 -43.29 -27.54 0.82
CA VAL E 303 -43.59 -28.92 1.12
C VAL E 303 -44.84 -28.98 2.00
N ILE E 304 -45.07 -27.92 2.78
CA ILE E 304 -46.22 -27.79 3.67
C ILE E 304 -47.07 -26.62 3.21
N ARG E 305 -47.99 -26.91 2.32
CA ARG E 305 -48.89 -25.92 1.75
C ARG E 305 -50.19 -25.84 2.52
N GLY E 306 -51.07 -24.93 2.13
CA GLY E 306 -52.33 -24.78 2.82
C GLY E 306 -53.28 -25.91 2.48
N ASP E 307 -52.96 -26.64 1.42
CA ASP E 307 -53.80 -27.73 0.99
C ASP E 307 -53.49 -29.03 1.70
N ASN E 308 -52.54 -28.99 2.63
CA ASN E 308 -52.14 -30.19 3.38
C ASN E 308 -51.70 -29.85 4.80
N ALA E 309 -51.77 -28.57 5.15
CA ALA E 309 -51.38 -28.15 6.49
C ALA E 309 -52.24 -28.88 7.54
N GLY E 310 -53.50 -29.12 7.22
CA GLY E 310 -54.39 -29.79 8.14
C GLY E 310 -54.09 -31.25 8.39
N LEU E 311 -53.05 -31.77 7.74
CA LEU E 311 -52.68 -33.17 7.90
C LEU E 311 -51.44 -33.31 8.79
N VAL E 312 -50.95 -32.19 9.28
CA VAL E 312 -49.76 -32.19 10.13
C VAL E 312 -50.14 -32.35 11.60
N LYS E 313 -49.74 -33.48 12.16
CA LYS E 313 -50.03 -33.79 13.57
C LYS E 313 -49.03 -33.13 14.52
N ALA E 314 -47.75 -33.13 14.14
CA ALA E 314 -46.66 -32.55 14.93
C ALA E 314 -47.04 -31.25 15.66
N ARG E 315 -46.53 -31.04 16.87
CA ARG E 315 -46.85 -29.81 17.60
C ARG E 315 -45.72 -28.79 17.42
N LEU E 316 -44.58 -29.26 16.93
CA LEU E 316 -43.44 -28.39 16.69
C LEU E 316 -42.90 -28.66 15.30
N VAL E 317 -42.62 -27.61 14.56
CA VAL E 317 -42.08 -27.76 13.20
C VAL E 317 -40.82 -26.94 13.08
N VAL E 318 -39.70 -27.61 12.89
CA VAL E 318 -38.43 -26.91 12.75
C VAL E 318 -38.00 -26.99 11.28
N GLU E 319 -37.84 -25.82 10.66
CA GLU E 319 -37.46 -25.72 9.25
C GLU E 319 -35.98 -25.94 8.97
N GLY E 320 -35.63 -27.07 8.39
CA GLY E 320 -34.22 -27.29 8.10
C GLY E 320 -33.92 -26.85 6.69
N ALA E 321 -34.96 -26.80 5.87
CA ALA E 321 -34.79 -26.39 4.50
C ALA E 321 -35.26 -24.96 4.42
N ASN E 322 -35.13 -24.36 3.25
CA ASN E 322 -35.56 -23.00 3.07
C ASN E 322 -36.97 -22.94 2.49
N GLY E 323 -37.85 -22.21 3.18
CA GLY E 323 -39.22 -22.06 2.73
C GLY E 323 -40.08 -23.31 2.62
N PRO E 324 -40.09 -24.17 3.65
CA PRO E 324 -40.92 -25.37 3.52
C PRO E 324 -42.38 -25.08 3.88
N THR E 325 -42.61 -24.01 4.63
CA THR E 325 -43.96 -23.64 5.04
C THR E 325 -44.51 -22.41 4.35
N THR E 326 -45.66 -22.58 3.69
CA THR E 326 -46.31 -21.50 2.97
C THR E 326 -46.94 -20.51 3.93
N PRO E 327 -46.84 -19.21 3.62
CA PRO E 327 -47.41 -18.16 4.48
C PRO E 327 -48.84 -18.47 4.95
N GLU E 328 -49.57 -19.25 4.16
CA GLU E 328 -50.95 -19.62 4.50
C GLU E 328 -50.96 -20.82 5.44
N ALA E 329 -50.12 -21.81 5.16
CA ALA E 329 -50.03 -22.98 6.02
C ALA E 329 -49.48 -22.58 7.38
N GLU E 330 -48.62 -21.55 7.38
CA GLU E 330 -48.03 -21.04 8.60
C GLU E 330 -49.09 -20.57 9.58
N ARG E 331 -50.04 -19.76 9.04
CA ARG E 331 -51.13 -19.22 9.86
C ARG E 331 -52.07 -20.33 10.29
N ILE E 332 -52.46 -21.16 9.33
CA ILE E 332 -53.35 -22.28 9.58
C ILE E 332 -52.88 -23.08 10.79
N LEU E 333 -51.64 -23.58 10.73
CA LEU E 333 -51.09 -24.35 11.83
C LEU E 333 -50.98 -23.53 13.10
N TYR E 334 -50.50 -22.30 12.97
CA TYR E 334 -50.33 -21.44 14.14
C TYR E 334 -51.59 -21.24 14.95
N GLU E 335 -52.71 -21.07 14.27
CA GLU E 335 -53.94 -20.85 15.00
C GLU E 335 -54.47 -22.19 15.47
N ARG E 336 -53.61 -23.20 15.44
CA ARG E 336 -53.97 -24.53 15.85
C ARG E 336 -53.07 -24.95 17.01
N GLY E 337 -52.10 -24.10 17.33
CA GLY E 337 -51.19 -24.36 18.42
C GLY E 337 -49.83 -24.92 18.01
N VAL E 338 -49.67 -25.19 16.72
CA VAL E 338 -48.42 -25.72 16.23
C VAL E 338 -47.47 -24.56 15.94
N VAL E 339 -46.35 -24.51 16.64
CA VAL E 339 -45.40 -23.44 16.39
C VAL E 339 -44.33 -23.90 15.40
N VAL E 340 -43.91 -23.00 14.52
CA VAL E 340 -42.87 -23.32 13.56
C VAL E 340 -41.66 -22.45 13.79
N VAL E 341 -40.51 -23.08 13.89
CA VAL E 341 -39.26 -22.39 14.10
C VAL E 341 -38.75 -22.01 12.71
N PRO E 342 -38.45 -20.71 12.51
CA PRO E 342 -37.95 -20.16 11.25
C PRO E 342 -36.61 -20.71 10.80
N ASP E 343 -36.48 -20.89 9.50
CA ASP E 343 -35.27 -21.39 8.88
C ASP E 343 -34.13 -20.41 9.03
N ILE E 344 -34.43 -19.11 8.96
CA ILE E 344 -33.42 -18.05 9.08
C ILE E 344 -32.67 -18.19 10.41
N LEU E 345 -33.28 -18.96 11.32
CA LEU E 345 -32.73 -19.18 12.64
C LEU E 345 -32.20 -20.62 12.79
N ALA E 346 -33.00 -21.59 12.37
CA ALA E 346 -32.65 -22.99 12.49
C ALA E 346 -31.52 -23.49 11.60
N ASN E 347 -31.58 -23.18 10.31
CA ASN E 347 -30.53 -23.68 9.43
C ASN E 347 -29.34 -22.75 9.27
N ALA E 348 -29.23 -21.79 10.18
CA ALA E 348 -28.13 -20.85 10.16
C ALA E 348 -26.81 -21.50 10.63
N GLY E 349 -26.87 -22.78 11.01
CA GLY E 349 -25.68 -23.47 11.45
C GLY E 349 -24.60 -23.50 10.39
N GLY E 350 -25.00 -23.35 9.13
CA GLY E 350 -24.01 -23.38 8.08
C GLY E 350 -23.33 -22.02 7.93
N VAL E 351 -24.11 -20.96 8.13
CA VAL E 351 -23.57 -19.62 8.02
C VAL E 351 -22.62 -19.32 9.18
N ILE E 352 -23.05 -19.67 10.38
CA ILE E 352 -22.25 -19.50 11.60
C ILE E 352 -20.92 -20.28 11.49
N MET E 353 -20.98 -21.52 10.99
CA MET E 353 -19.79 -22.36 10.85
C MET E 353 -18.74 -21.68 10.02
N SER E 354 -19.19 -21.04 8.95
CA SER E 354 -18.30 -20.31 8.06
C SER E 354 -17.63 -19.17 8.83
N TYR E 355 -18.35 -18.59 9.78
CA TYR E 355 -17.82 -17.52 10.59
C TYR E 355 -16.66 -18.08 11.44
N LEU E 356 -16.94 -19.22 12.07
CA LEU E 356 -15.95 -19.89 12.89
C LEU E 356 -14.70 -20.25 12.07
N GLU E 357 -14.89 -20.56 10.78
CA GLU E 357 -13.77 -20.93 9.91
C GLU E 357 -12.95 -19.67 9.63
N TRP E 358 -13.64 -18.60 9.30
CA TRP E 358 -13.01 -17.33 9.01
C TRP E 358 -12.17 -16.89 10.23
N VAL E 359 -12.77 -16.81 11.42
CA VAL E 359 -12.04 -16.42 12.64
C VAL E 359 -10.77 -17.25 12.82
N GLU E 360 -10.87 -18.54 12.55
CA GLU E 360 -9.73 -19.43 12.66
C GLU E 360 -8.64 -19.05 11.66
N ASN E 361 -9.05 -18.71 10.44
CA ASN E 361 -8.10 -18.32 9.40
C ASN E 361 -7.35 -17.03 9.66
N LEU E 362 -7.96 -16.12 10.42
CA LEU E 362 -7.32 -14.84 10.69
C LEU E 362 -6.20 -14.98 11.70
N GLN E 363 -6.28 -16.02 12.54
CA GLN E 363 -5.25 -16.22 13.53
C GLN E 363 -4.42 -17.47 13.22
N TRP E 364 -4.57 -17.95 11.99
CA TRP E 364 -3.83 -19.13 11.55
C TRP E 364 -3.82 -20.24 12.60
N TYR E 365 -5.00 -20.50 13.17
CA TYR E 365 -5.14 -21.55 14.16
C TYR E 365 -6.47 -22.26 14.00
N ILE E 366 -6.44 -23.59 13.88
CA ILE E 366 -7.70 -24.34 13.75
C ILE E 366 -8.00 -25.16 14.99
N TRP E 367 -9.11 -24.83 15.65
CA TRP E 367 -9.55 -25.54 16.86
C TRP E 367 -9.96 -26.96 16.50
N ASP E 368 -10.08 -27.81 17.51
CA ASP E 368 -10.49 -29.20 17.31
C ASP E 368 -11.99 -29.25 17.07
N GLU E 369 -12.53 -30.44 16.81
CA GLU E 369 -13.97 -30.57 16.56
C GLU E 369 -14.85 -30.27 17.75
N GLU E 370 -14.38 -30.60 18.94
CA GLU E 370 -15.16 -30.33 20.14
C GLU E 370 -15.19 -28.84 20.46
N GLU E 371 -14.08 -28.16 20.20
CA GLU E 371 -13.98 -26.71 20.43
C GLU E 371 -14.93 -26.01 19.45
N THR E 372 -14.86 -26.42 18.18
CA THR E 372 -15.69 -25.81 17.14
C THR E 372 -17.16 -26.00 17.47
N ARG E 373 -17.54 -27.25 17.77
CA ARG E 373 -18.92 -27.56 18.11
C ARG E 373 -19.50 -26.70 19.24
N LYS E 374 -18.73 -26.53 20.32
CA LYS E 374 -19.15 -25.76 21.48
C LYS E 374 -19.35 -24.29 21.20
N ARG E 375 -18.57 -23.75 20.27
CA ARG E 375 -18.72 -22.35 19.94
C ARG E 375 -19.96 -22.18 19.05
N LEU E 376 -20.23 -23.19 18.22
CA LEU E 376 -21.39 -23.16 17.33
C LEU E 376 -22.67 -23.35 18.15
N GLU E 377 -22.63 -24.30 19.09
CA GLU E 377 -23.80 -24.53 19.92
C GLU E 377 -24.10 -23.30 20.74
N ASN E 378 -23.07 -22.63 21.21
CA ASN E 378 -23.27 -21.43 22.02
C ASN E 378 -24.00 -20.35 21.25
N ILE E 379 -23.46 -20.00 20.09
CA ILE E 379 -24.07 -18.97 19.29
C ILE E 379 -25.52 -19.33 19.01
N MET E 380 -25.74 -20.52 18.48
CA MET E 380 -27.09 -20.94 18.16
C MET E 380 -28.04 -20.76 19.33
N VAL E 381 -27.68 -21.32 20.48
CA VAL E 381 -28.51 -21.23 21.67
C VAL E 381 -28.87 -19.80 22.03
N ASN E 382 -27.88 -18.93 21.97
CA ASN E 382 -28.09 -17.55 22.28
C ASN E 382 -29.05 -16.93 21.27
N ASN E 383 -28.96 -17.35 20.01
CA ASN E 383 -29.83 -16.79 18.98
C ASN E 383 -31.27 -17.22 19.21
N VAL E 384 -31.43 -18.46 19.64
CA VAL E 384 -32.75 -18.98 19.90
C VAL E 384 -33.35 -18.20 21.08
N GLU E 385 -32.51 -17.74 22.01
CA GLU E 385 -32.99 -16.97 23.17
C GLU E 385 -33.52 -15.59 22.79
N ARG E 386 -32.72 -14.86 22.03
CA ARG E 386 -33.09 -13.53 21.58
C ARG E 386 -34.40 -13.47 20.81
N VAL E 387 -34.65 -14.50 19.99
CA VAL E 387 -35.88 -14.54 19.21
C VAL E 387 -37.06 -14.89 20.11
N TYR E 388 -36.86 -15.82 21.04
CA TYR E 388 -37.93 -16.25 21.94
C TYR E 388 -38.40 -15.13 22.87
N LYS E 389 -37.47 -14.50 23.58
CA LYS E 389 -37.84 -13.42 24.49
C LYS E 389 -38.74 -12.39 23.81
N ARG E 390 -38.36 -11.96 22.62
CA ARG E 390 -39.13 -10.98 21.88
C ARG E 390 -40.45 -11.57 21.41
N TRP E 391 -40.43 -12.83 21.03
CA TRP E 391 -41.62 -13.49 20.56
C TRP E 391 -42.69 -13.50 21.63
N GLN E 392 -42.26 -13.57 22.88
CA GLN E 392 -43.20 -13.64 23.97
C GLN E 392 -43.61 -12.26 24.50
N ARG E 393 -42.91 -11.22 24.04
CA ARG E 393 -43.20 -9.86 24.45
C ARG E 393 -44.44 -9.33 23.70
N GLU E 394 -44.44 -9.45 22.37
CA GLU E 394 -45.59 -8.98 21.58
C GLU E 394 -46.68 -10.03 21.53
N LYS E 395 -47.81 -9.66 20.93
CA LYS E 395 -48.94 -10.57 20.80
C LYS E 395 -49.29 -10.71 19.32
N GLY E 396 -49.84 -11.86 18.94
CA GLY E 396 -50.19 -12.06 17.54
C GLY E 396 -48.93 -12.03 16.70
N TRP E 397 -47.83 -12.52 17.27
CA TRP E 397 -46.58 -12.54 16.55
C TRP E 397 -46.09 -13.94 16.35
N THR E 398 -45.74 -14.30 15.11
CA THR E 398 -45.22 -15.66 14.85
C THR E 398 -43.71 -15.66 15.02
N MET E 399 -43.15 -16.83 15.28
CA MET E 399 -41.69 -16.97 15.43
C MET E 399 -41.02 -16.22 14.27
N ARG E 400 -41.52 -16.45 13.07
CA ARG E 400 -41.02 -15.81 11.86
C ARG E 400 -40.91 -14.30 12.10
N ASP E 401 -42.02 -13.69 12.48
CA ASP E 401 -42.07 -12.26 12.76
C ASP E 401 -40.98 -11.83 13.72
N ALA E 402 -40.80 -12.62 14.76
CA ALA E 402 -39.80 -12.28 15.77
C ALA E 402 -38.38 -12.23 15.22
N ALA E 403 -38.08 -13.10 14.28
CA ALA E 403 -36.76 -13.16 13.70
C ALA E 403 -36.47 -11.96 12.83
N ILE E 404 -37.35 -11.74 11.85
CA ILE E 404 -37.24 -10.60 10.93
C ILE E 404 -37.10 -9.29 11.70
N VAL E 405 -37.78 -9.16 12.83
CA VAL E 405 -37.68 -7.92 13.60
C VAL E 405 -36.40 -7.92 14.39
N THR E 406 -36.08 -9.02 15.03
CA THR E 406 -34.86 -9.08 15.83
C THR E 406 -33.61 -8.84 14.98
N ALA E 407 -33.60 -9.38 13.78
CA ALA E 407 -32.44 -9.20 12.93
C ALA E 407 -32.42 -7.76 12.40
N LEU E 408 -33.60 -7.28 12.00
CA LEU E 408 -33.81 -5.94 11.48
C LEU E 408 -33.48 -4.84 12.49
N GLU E 409 -33.64 -5.16 13.76
CA GLU E 409 -33.40 -4.20 14.82
C GLU E 409 -31.92 -4.07 15.14
N ARG E 410 -31.15 -5.14 14.92
CA ARG E 410 -29.71 -5.09 15.19
C ARG E 410 -29.00 -4.23 14.15
N ILE E 411 -29.56 -4.21 12.94
CA ILE E 411 -29.01 -3.44 11.84
C ILE E 411 -29.40 -1.97 12.00
N TYR E 412 -30.63 -1.76 12.46
CA TYR E 412 -31.17 -0.42 12.71
C TYR E 412 -30.31 0.30 13.74
N ASN E 413 -30.07 -0.33 14.88
CA ASN E 413 -29.26 0.29 15.92
C ASN E 413 -27.84 0.53 15.46
N ALA E 414 -27.29 -0.40 14.70
CA ALA E 414 -25.94 -0.27 14.22
C ALA E 414 -25.81 1.00 13.40
N MET E 415 -26.74 1.20 12.47
CA MET E 415 -26.73 2.37 11.62
C MET E 415 -26.93 3.66 12.37
N LYS E 416 -27.59 3.59 13.52
CA LYS E 416 -27.83 4.78 14.31
C LYS E 416 -26.55 5.25 15.00
N ILE E 417 -25.91 4.37 15.75
CA ILE E 417 -24.67 4.72 16.48
C ILE E 417 -23.60 5.20 15.52
N ARG E 418 -23.56 4.56 14.35
CA ARG E 418 -22.61 4.85 13.30
C ARG E 418 -22.89 6.15 12.59
N GLY E 419 -24.08 6.70 12.78
CA GLY E 419 -24.41 7.95 12.14
C GLY E 419 -24.83 7.80 10.70
N TRP E 420 -25.38 6.64 10.37
CA TRP E 420 -25.82 6.42 9.00
C TRP E 420 -27.23 6.92 8.77
N ILE E 421 -28.05 6.90 9.83
CA ILE E 421 -29.45 7.35 9.78
C ILE E 421 -29.75 8.19 10.99
N THR F 4 27.15 -29.55 -2.73
CA THR F 4 26.11 -30.11 -3.58
C THR F 4 25.96 -31.60 -3.25
N GLY F 5 26.92 -32.12 -2.51
CA GLY F 5 26.90 -33.53 -2.12
C GLY F 5 25.81 -33.84 -1.11
N PHE F 6 25.52 -32.86 -0.24
CA PHE F 6 24.48 -33.01 0.78
C PHE F 6 23.11 -32.73 0.18
N LEU F 7 23.08 -31.85 -0.82
CA LEU F 7 21.83 -31.50 -1.48
C LEU F 7 21.43 -32.71 -2.30
N GLU F 8 22.44 -33.36 -2.88
CA GLU F 8 22.23 -34.54 -3.70
C GLU F 8 21.64 -35.63 -2.79
N TYR F 9 22.18 -35.72 -1.59
CA TYR F 9 21.74 -36.69 -0.59
C TYR F 9 20.28 -36.46 -0.17
N VAL F 10 19.96 -35.27 0.30
CA VAL F 10 18.61 -34.91 0.75
C VAL F 10 17.58 -35.13 -0.37
N LEU F 11 17.93 -34.72 -1.58
CA LEU F 11 17.02 -34.91 -2.70
C LEU F 11 16.72 -36.37 -2.94
N ASN F 12 17.70 -37.21 -2.67
CA ASN F 12 17.54 -38.64 -2.87
C ASN F 12 16.66 -39.17 -1.74
N TYR F 13 16.89 -38.66 -0.54
CA TYR F 13 16.09 -39.06 0.61
C TYR F 13 14.63 -38.74 0.33
N VAL F 14 14.40 -37.63 -0.37
CA VAL F 14 13.04 -37.19 -0.71
C VAL F 14 12.45 -38.04 -1.82
N LYS F 15 13.27 -38.36 -2.81
CA LYS F 15 12.83 -39.16 -3.94
C LYS F 15 12.38 -40.55 -3.46
N LYS F 16 13.13 -41.12 -2.53
CA LYS F 16 12.81 -42.43 -1.98
C LYS F 16 11.37 -42.45 -1.50
N GLY F 17 10.99 -41.47 -0.67
CA GLY F 17 9.64 -41.40 -0.17
C GLY F 17 8.61 -41.14 -1.25
N VAL F 18 9.00 -40.38 -2.26
CA VAL F 18 8.07 -40.08 -3.32
C VAL F 18 7.61 -41.38 -3.96
N GLU F 19 8.47 -42.37 -4.01
CA GLU F 19 8.09 -43.65 -4.61
C GLU F 19 7.20 -44.49 -3.72
N LEU F 20 7.55 -44.61 -2.44
CA LEU F 20 6.78 -45.39 -1.49
C LEU F 20 5.33 -44.92 -1.43
N GLY F 21 5.15 -43.61 -1.58
CA GLY F 21 3.82 -43.01 -1.52
C GLY F 21 3.09 -43.13 -2.85
N GLY F 22 3.85 -43.49 -3.88
CA GLY F 22 3.27 -43.67 -5.20
C GLY F 22 2.84 -42.38 -5.84
N PHE F 23 3.50 -41.30 -5.48
CA PHE F 23 3.18 -40.00 -6.04
C PHE F 23 3.79 -39.88 -7.43
N PRO F 24 3.20 -39.02 -8.28
CA PRO F 24 3.72 -38.82 -9.64
C PRO F 24 5.06 -38.12 -9.61
N GLU F 25 5.83 -38.24 -10.68
CA GLU F 25 7.14 -37.63 -10.71
C GLU F 25 7.04 -36.10 -10.76
N ASP F 26 5.95 -35.59 -11.33
CA ASP F 26 5.72 -34.16 -11.39
C ASP F 26 5.76 -33.55 -9.99
N PHE F 27 5.27 -34.30 -9.02
CA PHE F 27 5.29 -33.84 -7.64
C PHE F 27 6.72 -33.62 -7.17
N TYR F 28 7.62 -34.48 -7.65
CA TYR F 28 9.05 -34.42 -7.33
C TYR F 28 9.78 -33.26 -8.00
N LYS F 29 9.44 -33.04 -9.27
CA LYS F 29 10.00 -31.98 -10.09
C LYS F 29 9.81 -30.63 -9.42
N ILE F 30 8.58 -30.31 -9.06
CA ILE F 30 8.28 -29.03 -8.41
C ILE F 30 8.91 -28.96 -7.02
N LEU F 31 8.83 -30.07 -6.29
CA LEU F 31 9.34 -30.17 -4.93
C LEU F 31 10.86 -30.06 -4.80
N SER F 32 11.59 -30.66 -5.71
CA SER F 32 13.03 -30.63 -5.60
C SER F 32 13.68 -29.29 -5.87
N ARG F 33 12.89 -28.25 -6.09
CA ARG F 33 13.42 -26.92 -6.39
C ARG F 33 12.81 -25.77 -5.57
N PRO F 34 13.66 -24.85 -5.06
CA PRO F 34 13.16 -23.74 -4.26
C PRO F 34 12.39 -22.75 -5.12
N ARG F 35 11.14 -22.55 -4.73
CA ARG F 35 10.23 -21.67 -5.41
C ARG F 35 10.91 -20.31 -5.62
N ARG F 36 11.73 -19.89 -4.66
CA ARG F 36 12.35 -18.57 -4.72
C ARG F 36 13.61 -18.46 -3.85
N VAL F 37 14.59 -17.68 -4.31
CA VAL F 37 15.82 -17.52 -3.54
C VAL F 37 16.41 -16.13 -3.72
N LEU F 38 16.49 -15.40 -2.60
CA LEU F 38 17.06 -14.04 -2.58
C LEU F 38 18.48 -14.06 -2.06
N ILE F 39 19.40 -13.54 -2.87
CA ILE F 39 20.79 -13.45 -2.47
C ILE F 39 21.05 -11.97 -2.27
N VAL F 40 21.79 -11.59 -1.22
CA VAL F 40 22.04 -10.19 -0.94
C VAL F 40 23.43 -9.98 -0.37
N ASN F 41 24.02 -8.81 -0.63
CA ASN F 41 25.32 -8.48 -0.08
C ASN F 41 25.20 -7.33 0.90
N ILE F 42 25.48 -7.61 2.16
CA ILE F 42 25.39 -6.60 3.21
C ILE F 42 26.71 -5.91 3.52
N PRO F 43 26.83 -4.61 3.17
CA PRO F 43 28.04 -3.83 3.43
C PRO F 43 27.99 -3.29 4.85
N VAL F 44 29.09 -3.40 5.58
CA VAL F 44 29.14 -2.92 6.94
C VAL F 44 30.46 -2.23 7.22
N ARG F 45 30.38 -1.10 7.90
CA ARG F 45 31.60 -0.36 8.25
C ARG F 45 32.18 -0.90 9.56
N LEU F 46 33.28 -1.63 9.46
CA LEU F 46 33.90 -2.19 10.64
C LEU F 46 34.52 -1.08 11.49
N ASP F 47 35.04 -1.44 12.66
CA ASP F 47 35.67 -0.52 13.60
C ASP F 47 37.15 -0.39 13.22
N GLY F 48 37.78 -1.56 13.13
CA GLY F 48 39.20 -1.69 12.77
C GLY F 48 39.38 -1.63 11.26
N GLY F 49 39.13 -0.42 10.75
CA GLY F 49 39.23 -0.12 9.33
C GLY F 49 38.00 0.68 8.94
N GLY F 50 37.12 0.06 8.17
CA GLY F 50 35.95 0.78 7.79
C GLY F 50 35.08 0.17 6.71
N PHE F 51 35.28 -1.10 6.36
CA PHE F 51 34.44 -1.68 5.32
C PHE F 51 34.58 -3.14 4.93
N GLU F 52 33.44 -3.80 4.78
CA GLU F 52 33.41 -5.19 4.42
C GLU F 52 32.00 -5.52 3.95
N VAL F 53 31.89 -6.36 2.92
CA VAL F 53 30.59 -6.75 2.38
C VAL F 53 30.35 -8.22 2.63
N PHE F 54 29.36 -8.52 3.45
CA PHE F 54 29.08 -9.91 3.74
C PHE F 54 28.04 -10.47 2.78
N GLU F 55 28.22 -11.72 2.40
CA GLU F 55 27.29 -12.37 1.49
C GLU F 55 26.27 -13.12 2.31
N GLY F 56 25.01 -12.99 1.96
CA GLY F 56 24.00 -13.70 2.72
C GLY F 56 22.83 -13.99 1.82
N TYR F 57 21.89 -14.79 2.30
CA TYR F 57 20.72 -15.09 1.49
C TYR F 57 19.58 -15.71 2.23
N ARG F 58 18.47 -15.85 1.53
CA ARG F 58 17.31 -16.43 2.12
C ARG F 58 16.67 -17.34 1.11
N VAL F 59 16.67 -18.64 1.41
CA VAL F 59 16.06 -19.62 0.52
C VAL F 59 14.60 -19.78 0.91
N GLN F 60 13.71 -19.75 -0.08
CA GLN F 60 12.28 -19.94 0.19
C GLN F 60 11.87 -21.16 -0.60
N HIS F 61 11.72 -22.28 0.09
CA HIS F 61 11.39 -23.52 -0.58
C HIS F 61 9.99 -23.65 -1.11
N CYS F 62 9.03 -23.86 -0.22
CA CYS F 62 7.65 -24.07 -0.62
C CYS F 62 6.54 -23.53 0.31
N ASP F 63 5.49 -23.05 -0.35
CA ASP F 63 4.26 -22.51 0.22
C ASP F 63 3.16 -23.41 -0.24
N VAL F 64 2.14 -23.63 0.56
CA VAL F 64 1.04 -24.46 0.08
C VAL F 64 0.26 -24.58 1.31
N LEU F 65 0.99 -24.91 2.38
CA LEU F 65 0.39 -25.08 3.67
C LEU F 65 0.24 -23.76 4.42
N GLY F 66 1.08 -22.79 4.07
CA GLY F 66 1.02 -21.49 4.73
C GLY F 66 2.34 -20.77 4.53
N PRO F 67 2.62 -19.70 5.28
CA PRO F 67 3.88 -18.93 5.13
C PRO F 67 5.18 -19.70 5.39
N TYR F 68 6.24 -19.32 4.64
CA TYR F 68 7.59 -19.91 4.74
C TYR F 68 8.08 -19.73 6.19
N LYS F 69 8.87 -20.68 6.68
CA LYS F 69 9.38 -20.60 8.05
C LYS F 69 10.68 -21.41 8.16
N GLY F 70 11.73 -20.80 8.72
CA GLY F 70 12.99 -21.50 8.86
C GLY F 70 14.02 -20.65 9.57
N GLY F 71 15.14 -21.26 9.94
CA GLY F 71 16.19 -20.52 10.63
C GLY F 71 17.23 -19.76 9.82
N VAL F 72 17.97 -18.85 10.46
CA VAL F 72 19.00 -18.14 9.74
C VAL F 72 20.32 -18.49 10.39
N ARG F 73 21.27 -18.95 9.57
CA ARG F 73 22.59 -19.36 10.03
C ARG F 73 23.68 -18.32 9.86
N PHE F 74 24.56 -18.21 10.87
CA PHE F 74 25.68 -17.27 10.81
C PHE F 74 26.94 -18.11 10.94
N HIS F 75 27.44 -18.67 9.85
CA HIS F 75 28.63 -19.52 9.90
C HIS F 75 29.55 -19.25 8.70
N PRO F 76 30.88 -19.33 8.88
CA PRO F 76 31.86 -19.10 7.80
C PRO F 76 31.91 -20.14 6.71
N GLU F 77 31.41 -21.33 7.00
CA GLU F 77 31.43 -22.39 6.02
C GLU F 77 30.05 -22.62 5.44
N VAL F 78 29.31 -21.55 5.27
CA VAL F 78 27.96 -21.63 4.73
C VAL F 78 27.94 -21.64 3.22
N THR F 79 27.12 -22.52 2.63
CA THR F 79 26.99 -22.63 1.17
C THR F 79 25.53 -22.70 0.73
N LEU F 80 25.20 -22.12 -0.41
CA LEU F 80 23.81 -22.13 -0.84
C LEU F 80 23.27 -23.54 -0.98
N ALA F 81 23.89 -24.38 -1.81
CA ALA F 81 23.33 -25.71 -1.98
C ALA F 81 22.97 -26.34 -0.66
N ASP F 82 23.79 -26.15 0.38
CA ASP F 82 23.47 -26.75 1.67
C ASP F 82 22.17 -26.20 2.26
N ASP F 83 22.01 -24.89 2.31
CA ASP F 83 20.79 -24.34 2.87
C ASP F 83 19.56 -24.64 2.06
N VAL F 84 19.73 -24.79 0.75
CA VAL F 84 18.61 -25.14 -0.10
C VAL F 84 18.09 -26.49 0.40
N ALA F 85 18.97 -27.49 0.46
CA ALA F 85 18.59 -28.82 0.94
C ALA F 85 17.99 -28.74 2.35
N LEU F 86 18.54 -27.86 3.18
CA LEU F 86 18.04 -27.67 4.52
C LEU F 86 16.63 -27.09 4.48
N ALA F 87 16.33 -26.26 3.47
CA ALA F 87 14.99 -25.70 3.38
C ALA F 87 14.04 -26.80 2.92
N ILE F 88 14.49 -27.67 2.04
CA ILE F 88 13.62 -28.76 1.62
C ILE F 88 13.25 -29.65 2.82
N LEU F 89 14.15 -29.81 3.78
CA LEU F 89 13.86 -30.63 4.95
C LEU F 89 12.92 -29.88 5.90
N MET F 90 13.07 -28.57 5.97
CA MET F 90 12.21 -27.78 6.82
C MET F 90 10.77 -27.89 6.33
N THR F 91 10.60 -27.96 5.02
CA THR F 91 9.26 -28.07 4.48
C THR F 91 8.63 -29.34 4.95
N LEU F 92 9.37 -30.44 4.87
CA LEU F 92 8.81 -31.70 5.30
C LEU F 92 8.55 -31.69 6.80
N LYS F 93 9.53 -31.24 7.57
CA LYS F 93 9.40 -31.24 9.02
C LYS F 93 8.15 -30.52 9.43
N ASN F 94 7.95 -29.37 8.81
CA ASN F 94 6.81 -28.50 9.07
C ASN F 94 5.49 -29.17 8.70
N SER F 95 5.51 -29.97 7.64
CA SER F 95 4.35 -30.71 7.20
C SER F 95 3.94 -31.73 8.31
N LEU F 96 4.87 -32.59 8.75
CA LEU F 96 4.60 -33.56 9.83
C LEU F 96 4.06 -32.91 11.07
N ALA F 97 4.65 -31.77 11.45
CA ALA F 97 4.23 -31.09 12.65
C ALA F 97 2.77 -30.64 12.57
N GLY F 98 2.17 -30.74 11.39
CA GLY F 98 0.79 -30.33 11.22
C GLY F 98 0.60 -28.82 11.26
N LEU F 99 1.68 -28.06 11.10
CA LEU F 99 1.57 -26.60 11.12
C LEU F 99 1.20 -26.08 9.74
N PRO F 100 0.75 -24.82 9.64
CA PRO F 100 0.37 -24.20 8.38
C PRO F 100 1.59 -23.33 8.05
N TYR F 101 2.72 -24.01 7.93
CA TYR F 101 3.99 -23.35 7.64
C TYR F 101 4.60 -24.01 6.44
N GLY F 102 5.23 -23.17 5.63
CA GLY F 102 5.86 -23.65 4.42
C GLY F 102 7.17 -24.37 4.61
N GLY F 103 8.26 -23.62 4.70
CA GLY F 103 9.58 -24.21 4.83
C GLY F 103 10.65 -23.37 4.13
N ALA F 104 11.54 -22.75 4.90
CA ALA F 104 12.59 -21.93 4.33
C ALA F 104 13.87 -22.05 5.16
N LYS F 105 14.90 -21.31 4.76
CA LYS F 105 16.18 -21.34 5.46
C LYS F 105 17.08 -20.28 4.90
N GLY F 106 17.74 -19.54 5.79
CA GLY F 106 18.62 -18.48 5.35
C GLY F 106 19.95 -18.52 6.07
N ALA F 107 20.91 -17.77 5.55
CA ALA F 107 22.24 -17.73 6.13
C ALA F 107 23.04 -16.50 5.74
N VAL F 108 24.17 -16.33 6.42
CA VAL F 108 25.07 -15.23 6.19
C VAL F 108 26.45 -15.83 6.48
N ARG F 109 27.37 -15.71 5.52
CA ARG F 109 28.70 -16.25 5.67
C ARG F 109 29.52 -15.28 6.48
N VAL F 110 29.75 -15.63 7.74
CA VAL F 110 30.54 -14.80 8.62
C VAL F 110 30.75 -15.54 9.94
N ASP F 111 31.87 -15.26 10.59
CA ASP F 111 32.21 -15.85 11.88
C ASP F 111 31.91 -14.78 12.91
N PRO F 112 30.76 -14.90 13.58
CA PRO F 112 30.31 -13.94 14.58
C PRO F 112 31.35 -13.69 15.66
N LYS F 113 32.20 -14.69 15.90
CA LYS F 113 33.24 -14.57 16.89
C LYS F 113 34.42 -13.79 16.30
N LYS F 114 34.12 -12.77 15.52
CA LYS F 114 35.20 -12.04 14.90
C LYS F 114 34.72 -10.62 14.79
N LEU F 115 33.45 -10.41 15.15
CA LEU F 115 32.81 -9.11 15.08
C LEU F 115 32.45 -8.63 16.48
N SER F 116 32.64 -7.33 16.73
CA SER F 116 32.29 -6.77 18.02
C SER F 116 30.77 -6.71 18.12
N GLN F 117 30.23 -6.35 19.28
CA GLN F 117 28.78 -6.26 19.43
C GLN F 117 28.15 -5.36 18.39
N ARG F 118 28.72 -4.17 18.24
CA ARG F 118 28.26 -3.15 17.30
C ARG F 118 28.28 -3.64 15.88
N GLU F 119 29.38 -4.24 15.44
CA GLU F 119 29.46 -4.73 14.08
C GLU F 119 28.46 -5.89 13.90
N LEU F 120 28.37 -6.81 14.86
CA LEU F 120 27.45 -7.94 14.73
C LEU F 120 26.04 -7.39 14.56
N GLU F 121 25.71 -6.34 15.31
CA GLU F 121 24.38 -5.75 15.24
C GLU F 121 24.08 -5.03 13.95
N GLU F 122 25.11 -4.36 13.44
CA GLU F 122 25.03 -3.62 12.21
C GLU F 122 24.80 -4.63 11.09
N LEU F 123 25.40 -5.81 11.22
CA LEU F 123 25.26 -6.87 10.22
C LEU F 123 23.88 -7.50 10.32
N SER F 124 23.44 -7.70 11.55
CA SER F 124 22.15 -8.31 11.78
C SER F 124 21.05 -7.39 11.27
N ARG F 125 21.21 -6.09 11.38
CA ARG F 125 20.15 -5.23 10.87
C ARG F 125 20.21 -5.14 9.33
N GLY F 126 21.40 -5.19 8.74
CA GLY F 126 21.50 -5.13 7.28
C GLY F 126 20.82 -6.31 6.62
N TYR F 127 20.97 -7.49 7.22
CA TYR F 127 20.36 -8.67 6.67
C TYR F 127 18.85 -8.53 6.72
N ALA F 128 18.31 -8.17 7.89
CA ALA F 128 16.86 -8.04 8.05
C ALA F 128 16.31 -6.99 7.09
N ARG F 129 17.10 -5.94 6.89
CA ARG F 129 16.71 -4.87 5.99
C ARG F 129 16.87 -5.28 4.52
N ALA F 130 17.85 -6.10 4.22
CA ALA F 130 18.06 -6.49 2.84
C ALA F 130 17.00 -7.43 2.29
N ILE F 131 16.64 -8.45 3.06
CA ILE F 131 15.66 -9.43 2.62
C ILE F 131 14.28 -9.02 3.10
N ALA F 132 14.14 -7.78 3.55
CA ALA F 132 12.86 -7.31 4.06
C ALA F 132 11.72 -7.41 3.05
N PRO F 133 11.94 -6.92 1.82
CA PRO F 133 10.89 -6.96 0.79
C PRO F 133 10.27 -8.30 0.50
N LEU F 134 10.98 -9.35 0.90
CA LEU F 134 10.54 -10.72 0.65
C LEU F 134 10.18 -11.49 1.93
N ILE F 135 9.80 -10.79 2.99
CA ILE F 135 9.40 -11.46 4.22
C ILE F 135 8.30 -10.64 4.92
N GLY F 136 7.58 -11.30 5.81
CA GLY F 136 6.52 -10.64 6.54
C GLY F 136 5.98 -11.64 7.54
N ASP F 137 5.21 -11.16 8.53
CA ASP F 137 4.64 -12.00 9.57
C ASP F 137 3.62 -13.02 9.01
N VAL F 138 3.35 -12.90 7.72
CA VAL F 138 2.45 -13.84 7.03
C VAL F 138 3.04 -14.22 5.67
N VAL F 139 4.35 -14.05 5.50
CA VAL F 139 4.92 -14.45 4.24
C VAL F 139 6.15 -15.37 4.47
N ASP F 140 7.03 -15.02 5.41
CA ASP F 140 8.23 -15.79 5.77
C ASP F 140 8.81 -15.30 7.12
N ILE F 141 8.65 -16.10 8.17
CA ILE F 141 9.13 -15.77 9.54
C ILE F 141 10.47 -16.43 9.92
N PRO F 142 11.59 -15.69 9.76
CA PRO F 142 12.88 -16.29 10.12
C PRO F 142 13.00 -16.67 11.61
N ALA F 143 14.05 -17.40 11.95
CA ALA F 143 14.25 -17.84 13.31
C ALA F 143 15.75 -17.97 13.55
N PRO F 144 16.14 -18.23 14.80
CA PRO F 144 17.56 -18.37 15.07
C PRO F 144 18.05 -19.73 14.59
N ASP F 145 19.37 -19.89 14.48
CA ASP F 145 19.97 -21.14 14.06
C ASP F 145 21.40 -21.03 14.55
N VAL F 146 22.28 -21.86 14.00
CA VAL F 146 23.69 -21.88 14.39
C VAL F 146 24.38 -20.66 14.95
N GLY F 147 24.62 -19.64 14.16
CA GLY F 147 25.36 -18.55 14.76
C GLY F 147 24.47 -17.47 15.31
N THR F 148 23.15 -17.65 15.17
CA THR F 148 22.19 -16.67 15.62
C THR F 148 21.45 -17.07 16.91
N ASN F 149 20.79 -16.08 17.52
CA ASN F 149 20.10 -16.26 18.80
C ASN F 149 19.06 -15.15 19.05
N ALA F 150 18.32 -15.28 20.15
CA ALA F 150 17.29 -14.32 20.51
C ALA F 150 17.73 -12.85 20.47
N GLN F 151 18.97 -12.56 20.87
CA GLN F 151 19.41 -11.17 20.83
C GLN F 151 19.51 -10.69 19.40
N ILE F 152 19.86 -11.60 18.51
CA ILE F 152 19.99 -11.25 17.11
C ILE F 152 18.61 -11.17 16.51
N MET F 153 17.67 -11.95 17.03
CA MET F 153 16.32 -11.92 16.49
C MET F 153 15.73 -10.57 16.89
N ALA F 154 16.07 -10.11 18.08
CA ALA F 154 15.55 -8.84 18.59
C ALA F 154 15.93 -7.66 17.74
N TRP F 155 17.21 -7.58 17.38
CA TRP F 155 17.70 -6.51 16.54
C TRP F 155 16.98 -6.57 15.22
N MET F 156 16.82 -7.77 14.67
CA MET F 156 16.15 -7.89 13.36
C MET F 156 14.69 -7.43 13.40
N VAL F 157 14.00 -7.74 14.48
CA VAL F 157 12.60 -7.36 14.69
C VAL F 157 12.53 -5.85 14.77
N ASP F 158 13.46 -5.26 15.50
CA ASP F 158 13.49 -3.82 15.62
C ASP F 158 13.75 -3.13 14.28
N GLU F 159 14.66 -3.67 13.48
CA GLU F 159 14.97 -3.08 12.20
C GLU F 159 13.72 -3.15 11.28
N TYR F 160 13.00 -4.27 11.34
CA TYR F 160 11.80 -4.46 10.51
C TYR F 160 10.70 -3.49 10.92
N SER F 161 10.51 -3.35 12.23
CA SER F 161 9.50 -2.46 12.76
C SER F 161 9.69 -1.04 12.28
N LYS F 162 10.92 -0.53 12.33
CA LYS F 162 11.16 0.81 11.85
C LYS F 162 11.07 0.97 10.35
N ILE F 163 11.07 -0.12 9.59
CA ILE F 163 10.93 -0.03 8.14
C ILE F 163 9.43 0.16 7.87
N LYS F 164 8.62 -0.68 8.51
CA LYS F 164 7.18 -0.61 8.39
C LYS F 164 6.62 0.59 9.12
N GLY F 165 7.36 1.07 10.10
CA GLY F 165 6.93 2.22 10.88
C GLY F 165 6.16 1.89 12.14
N TYR F 166 5.96 0.61 12.41
CA TYR F 166 5.23 0.16 13.59
C TYR F 166 5.73 -1.23 14.05
N ASN F 167 5.35 -1.65 15.25
CA ASN F 167 5.79 -2.94 15.78
C ASN F 167 5.12 -4.13 15.09
N VAL F 168 5.95 -5.08 14.68
CA VAL F 168 5.54 -6.31 14.00
C VAL F 168 6.27 -7.41 14.76
N PRO F 169 5.65 -7.91 15.85
CA PRO F 169 6.30 -8.97 16.63
C PRO F 169 6.36 -10.32 15.98
N GLY F 170 5.41 -10.59 15.10
CA GLY F 170 5.36 -11.89 14.46
C GLY F 170 6.24 -12.18 13.24
N VAL F 171 7.20 -11.29 12.93
CA VAL F 171 8.08 -11.48 11.76
C VAL F 171 9.32 -12.36 12.01
N PHE F 172 9.69 -12.51 13.28
CA PHE F 172 10.81 -13.37 13.69
C PHE F 172 10.37 -13.99 15.00
N THR F 173 10.58 -15.31 15.15
CA THR F 173 10.22 -16.01 16.37
C THR F 173 11.48 -16.33 17.19
N SER F 174 11.26 -16.88 18.37
CA SER F 174 12.29 -17.23 19.34
C SER F 174 12.92 -15.95 19.86
N LYS F 175 12.12 -14.94 20.15
CA LYS F 175 12.72 -13.72 20.66
C LYS F 175 12.58 -13.66 22.17
N PRO F 176 13.37 -12.80 22.84
CA PRO F 176 13.34 -12.66 24.30
C PRO F 176 11.95 -12.60 24.94
N PRO F 177 11.80 -13.19 26.13
CA PRO F 177 10.46 -13.12 26.73
C PRO F 177 10.04 -11.69 27.03
N GLU F 178 11.01 -10.80 27.05
CA GLU F 178 10.77 -9.39 27.31
C GLU F 178 10.31 -8.66 26.07
N LEU F 179 10.45 -9.29 24.92
CA LEU F 179 10.08 -8.67 23.66
C LEU F 179 9.09 -9.52 22.84
N TRP F 180 7.97 -9.85 23.48
CA TRP F 180 6.88 -10.63 22.89
C TRP F 180 7.14 -12.11 22.65
N GLY F 181 8.07 -12.69 23.40
CA GLY F 181 8.38 -14.09 23.24
C GLY F 181 7.56 -14.93 24.19
N ASN F 182 8.01 -16.16 24.39
CA ASN F 182 7.33 -17.10 25.26
C ASN F 182 8.33 -17.99 26.00
N PRO F 183 8.28 -17.99 27.34
CA PRO F 183 9.16 -18.79 28.19
C PRO F 183 9.17 -20.30 27.98
N VAL F 184 8.10 -20.84 27.40
CA VAL F 184 8.03 -22.27 27.18
C VAL F 184 8.99 -22.73 26.07
N ARG F 185 9.62 -21.74 25.42
CA ARG F 185 10.56 -21.99 24.34
C ARG F 185 11.85 -22.60 24.88
N GLU F 186 12.17 -22.29 26.13
CA GLU F 186 13.37 -22.79 26.76
C GLU F 186 13.45 -24.32 26.80
N TYR F 187 12.30 -24.97 26.97
CA TYR F 187 12.28 -26.41 27.07
C TYR F 187 11.33 -27.07 26.08
N ALA F 188 10.96 -26.32 25.04
CA ALA F 188 10.03 -26.85 24.05
C ALA F 188 10.48 -28.16 23.39
N THR F 189 11.67 -28.19 22.83
CA THR F 189 12.14 -29.40 22.17
C THR F 189 12.23 -30.61 23.06
N GLY F 190 12.73 -30.41 24.28
CA GLY F 190 12.83 -31.51 25.22
C GLY F 190 11.47 -32.02 25.66
N PHE F 191 10.56 -31.10 25.99
CA PHE F 191 9.21 -31.46 26.42
C PHE F 191 8.52 -32.29 25.34
N GLY F 192 8.63 -31.82 24.10
CA GLY F 192 8.03 -32.50 22.97
C GLY F 192 8.55 -33.91 22.76
N VAL F 193 9.85 -34.09 22.98
CA VAL F 193 10.47 -35.40 22.81
C VAL F 193 9.88 -36.30 23.88
N ALA F 194 9.82 -35.81 25.12
CA ALA F 194 9.26 -36.57 26.23
C ALA F 194 7.85 -37.03 25.84
N VAL F 195 7.05 -36.07 25.37
CA VAL F 195 5.68 -36.34 24.96
C VAL F 195 5.64 -37.47 23.93
N ALA F 196 6.45 -37.34 22.89
CA ALA F 196 6.50 -38.35 21.83
C ALA F 196 6.78 -39.74 22.37
N THR F 197 7.86 -39.88 23.15
CA THR F 197 8.23 -41.17 23.71
C THR F 197 7.09 -41.73 24.57
N ARG F 198 6.49 -40.87 25.38
CA ARG F 198 5.36 -41.30 26.21
C ARG F 198 4.26 -41.90 25.34
N GLU F 199 3.85 -41.17 24.31
CA GLU F 199 2.77 -41.63 23.44
C GLU F 199 3.08 -42.95 22.78
N MET F 200 4.36 -43.21 22.55
CA MET F 200 4.76 -44.43 21.87
C MET F 200 4.75 -45.62 22.83
N ALA F 201 5.09 -45.34 24.08
CA ALA F 201 5.08 -46.37 25.11
C ALA F 201 3.63 -46.78 25.35
N LYS F 202 2.68 -45.85 25.24
CA LYS F 202 1.27 -46.16 25.46
C LYS F 202 0.72 -47.11 24.40
N LYS F 203 1.39 -47.15 23.24
CA LYS F 203 0.94 -48.00 22.17
C LYS F 203 1.84 -49.23 22.02
N LEU F 204 2.96 -49.23 22.74
CA LEU F 204 3.91 -50.35 22.69
C LEU F 204 3.92 -51.15 23.97
N TRP F 205 3.58 -50.50 25.08
CA TRP F 205 3.59 -51.16 26.37
C TRP F 205 2.32 -50.89 27.17
N GLY F 206 1.53 -49.92 26.75
CA GLY F 206 0.31 -49.62 27.47
C GLY F 206 0.49 -48.53 28.51
N GLY F 207 1.73 -48.10 28.72
CA GLY F 207 1.99 -47.07 29.69
C GLY F 207 3.47 -46.86 29.86
N ILE F 208 3.86 -45.61 30.07
CA ILE F 208 5.26 -45.26 30.25
C ILE F 208 5.69 -45.31 31.71
N GLU F 209 4.64 -45.25 32.57
CA GLU F 209 5.38 -45.15 33.84
C GLU F 209 5.75 -46.54 34.37
N GLY F 210 6.97 -46.24 34.98
CA GLY F 210 7.81 -47.35 35.37
C GLY F 210 8.64 -47.92 34.24
N LYS F 211 9.28 -47.04 33.48
CA LYS F 211 10.12 -47.45 32.37
C LYS F 211 11.45 -46.74 32.52
N THR F 212 12.54 -47.47 32.36
CA THR F 212 13.84 -46.83 32.50
C THR F 212 14.20 -46.05 31.24
N VAL F 213 15.00 -45.00 31.43
CA VAL F 213 15.39 -44.14 30.33
C VAL F 213 16.88 -43.80 30.31
N ALA F 214 17.49 -43.91 29.14
CA ALA F 214 18.90 -43.55 28.98
C ALA F 214 18.96 -42.37 28.00
N ILE F 215 19.47 -41.23 28.48
CA ILE F 215 19.59 -40.01 27.66
C ILE F 215 21.05 -39.57 27.49
N GLN F 216 21.49 -39.56 26.23
CA GLN F 216 22.83 -39.16 25.85
C GLN F 216 22.92 -37.67 25.55
N GLY F 217 23.60 -36.93 26.41
CA GLY F 217 23.74 -35.49 26.22
C GLY F 217 22.85 -34.67 27.14
N MET F 218 23.41 -33.61 27.72
CA MET F 218 22.63 -32.77 28.62
C MET F 218 22.55 -31.35 28.14
N GLY F 219 22.52 -31.20 26.82
CA GLY F 219 22.43 -29.86 26.26
C GLY F 219 21.04 -29.31 26.56
N ASN F 220 20.42 -28.77 25.52
CA ASN F 220 19.10 -28.18 25.64
C ASN F 220 17.97 -29.22 25.57
N VAL F 221 18.16 -30.24 24.75
CA VAL F 221 17.17 -31.30 24.60
C VAL F 221 17.27 -32.34 25.73
N GLY F 222 18.37 -33.07 25.79
CA GLY F 222 18.50 -34.07 26.82
C GLY F 222 18.13 -33.56 28.20
N ARG F 223 18.63 -32.39 28.53
CA ARG F 223 18.37 -31.79 29.82
C ARG F 223 16.89 -31.77 30.17
N TRP F 224 16.09 -31.24 29.26
CA TRP F 224 14.67 -31.17 29.53
C TRP F 224 13.93 -32.45 29.19
N THR F 225 14.51 -33.29 28.35
CA THR F 225 13.85 -34.54 28.02
C THR F 225 13.83 -35.38 29.29
N ALA F 226 14.96 -35.39 29.99
CA ALA F 226 15.09 -36.16 31.22
C ALA F 226 14.13 -35.67 32.28
N TYR F 227 13.95 -34.36 32.32
CA TYR F 227 13.10 -33.73 33.29
C TYR F 227 11.60 -34.02 33.12
N TRP F 228 11.09 -33.79 31.93
CA TRP F 228 9.68 -34.03 31.69
C TRP F 228 9.32 -35.48 31.63
N LEU F 229 10.24 -36.29 31.11
CA LEU F 229 9.98 -37.70 31.00
C LEU F 229 9.72 -38.24 32.41
N GLU F 230 10.46 -37.74 33.39
CA GLU F 230 10.25 -38.17 34.76
C GLU F 230 8.82 -37.82 35.20
N LYS F 231 8.49 -36.52 35.14
CA LYS F 231 7.17 -36.02 35.52
C LYS F 231 6.02 -36.72 34.82
N MET F 232 6.34 -37.49 33.79
CA MET F 232 5.31 -38.20 33.05
C MET F 232 5.10 -39.62 33.51
N GLY F 233 6.05 -40.13 34.29
CA GLY F 233 5.93 -41.48 34.80
C GLY F 233 7.19 -42.32 34.67
N ALA F 234 7.93 -42.10 33.59
CA ALA F 234 9.18 -42.84 33.33
C ALA F 234 10.19 -42.63 34.44
N LYS F 235 11.30 -43.34 34.35
CA LYS F 235 12.34 -43.25 35.36
C LYS F 235 13.72 -43.13 34.71
N VAL F 236 14.24 -41.91 34.65
CA VAL F 236 15.54 -41.69 34.04
C VAL F 236 16.65 -42.21 34.95
N ILE F 237 17.46 -43.15 34.45
CA ILE F 237 18.54 -43.70 35.26
C ILE F 237 19.94 -43.38 34.72
N ALA F 238 20.01 -42.97 33.47
CA ALA F 238 21.30 -42.67 32.87
C ALA F 238 21.30 -41.43 31.98
N VAL F 239 22.34 -40.62 32.12
CA VAL F 239 22.51 -39.39 31.36
C VAL F 239 24.01 -39.15 31.18
N SER F 240 24.45 -38.97 29.95
CA SER F 240 25.87 -38.76 29.69
C SER F 240 26.21 -37.41 29.06
N ASP F 241 27.50 -37.21 28.80
CA ASP F 241 27.99 -35.99 28.18
C ASP F 241 29.48 -36.20 27.96
N ILE F 242 30.11 -35.30 27.23
CA ILE F 242 31.54 -35.42 26.93
C ILE F 242 32.36 -35.94 28.10
N ASN F 243 32.14 -35.39 29.29
CA ASN F 243 32.88 -35.79 30.47
C ASN F 243 32.64 -37.26 30.88
N GLY F 244 31.42 -37.75 30.77
CA GLY F 244 31.18 -39.13 31.15
C GLY F 244 29.71 -39.41 31.33
N VAL F 245 29.39 -40.50 32.03
CA VAL F 245 28.01 -40.90 32.26
C VAL F 245 27.64 -40.96 33.74
N ALA F 246 26.43 -40.52 34.09
CA ALA F 246 25.95 -40.55 35.47
C ALA F 246 24.87 -41.65 35.57
N TYR F 247 25.11 -42.65 36.41
CA TYR F 247 24.16 -43.77 36.57
C TYR F 247 23.55 -43.85 37.96
N ARG F 248 22.37 -44.48 38.05
CA ARG F 248 21.70 -44.63 39.32
C ARG F 248 20.46 -45.49 39.11
N LYS F 249 20.54 -46.75 39.53
CA LYS F 249 19.45 -47.70 39.36
C LYS F 249 18.10 -47.24 39.95
N GLU F 250 18.11 -46.78 41.20
CA GLU F 250 16.90 -46.31 41.85
C GLU F 250 16.24 -45.25 40.99
N GLY F 251 17.10 -44.47 40.34
CA GLY F 251 16.64 -43.40 39.47
C GLY F 251 17.34 -42.09 39.77
N LEU F 252 17.55 -41.27 38.74
CA LEU F 252 18.18 -39.97 38.94
C LEU F 252 17.13 -38.93 39.27
N ASN F 253 17.40 -38.07 40.24
CA ASN F 253 16.45 -37.03 40.61
C ASN F 253 16.63 -35.85 39.65
N VAL F 254 15.79 -35.82 38.61
CA VAL F 254 15.85 -34.77 37.59
C VAL F 254 15.49 -33.37 38.07
N GLU F 255 14.74 -33.28 39.16
CA GLU F 255 14.36 -32.00 39.74
C GLU F 255 15.56 -31.07 39.93
N LEU F 256 16.77 -31.64 39.87
CA LEU F 256 18.00 -30.88 40.06
C LEU F 256 18.28 -29.99 38.87
N ILE F 257 17.53 -30.24 37.80
CA ILE F 257 17.67 -29.47 36.58
C ILE F 257 16.94 -28.15 36.67
N GLN F 258 15.64 -28.22 36.95
CA GLN F 258 14.82 -27.01 37.07
C GLN F 258 15.48 -26.05 38.04
N LYS F 259 16.28 -26.59 38.96
CA LYS F 259 16.97 -25.79 39.96
C LYS F 259 18.41 -25.49 39.52
N ASN F 260 18.86 -26.18 38.49
CA ASN F 260 20.21 -25.98 38.00
C ASN F 260 20.26 -25.95 36.49
N LYS F 261 19.49 -25.04 35.91
CA LYS F 261 19.43 -24.89 34.46
C LYS F 261 20.60 -24.03 33.99
N GLY F 262 20.83 -23.95 32.69
CA GLY F 262 21.94 -23.15 32.22
C GLY F 262 23.23 -23.41 33.00
N LEU F 263 23.39 -24.67 33.40
CA LEU F 263 24.56 -25.08 34.17
C LEU F 263 25.43 -25.97 33.31
N THR F 264 25.57 -25.63 31.96
CA THR F 264 26.26 -26.58 31.09
C THR F 264 25.49 -27.91 31.04
N GLY F 265 26.14 -28.84 30.17
CA GLY F 265 25.77 -30.26 30.17
C GLY F 265 26.65 -31.09 31.08
N PRO F 266 27.97 -31.15 30.81
CA PRO F 266 28.86 -31.94 31.65
C PRO F 266 28.81 -31.60 33.14
N ALA F 267 28.53 -30.34 33.47
CA ALA F 267 28.48 -29.98 34.89
C ALA F 267 27.30 -30.62 35.56
N LEU F 268 26.28 -30.96 34.77
CA LEU F 268 25.09 -31.56 35.32
C LEU F 268 25.34 -33.02 35.68
N VAL F 269 26.16 -33.69 34.88
CA VAL F 269 26.51 -35.07 35.10
C VAL F 269 27.19 -35.21 36.45
N GLU F 270 28.11 -34.28 36.72
CA GLU F 270 28.85 -34.27 37.97
C GLU F 270 27.89 -33.95 39.13
N LEU F 271 26.96 -33.03 38.87
CA LEU F 271 25.97 -32.62 39.88
C LEU F 271 25.22 -33.85 40.35
N PHE F 272 24.87 -34.72 39.41
CA PHE F 272 24.18 -35.93 39.76
C PHE F 272 25.03 -36.83 40.63
N THR F 273 26.32 -36.51 40.73
CA THR F 273 27.25 -37.31 41.52
C THR F 273 27.54 -36.61 42.84
N THR F 274 27.64 -35.28 42.78
CA THR F 274 27.91 -34.49 43.95
C THR F 274 26.64 -34.35 44.77
N LYS F 275 25.73 -33.49 44.31
CA LYS F 275 24.48 -33.29 45.02
C LYS F 275 23.66 -34.57 45.14
N ASP F 276 23.62 -35.35 44.07
CA ASP F 276 22.88 -36.61 44.07
C ASP F 276 23.93 -37.67 44.37
N ASN F 277 23.49 -38.91 44.60
CA ASN F 277 24.43 -39.99 44.87
C ASN F 277 24.40 -41.02 43.76
N ALA F 278 24.76 -40.57 42.57
CA ALA F 278 24.79 -41.44 41.40
C ALA F 278 26.23 -41.80 41.07
N GLU F 279 26.39 -42.97 40.45
CA GLU F 279 27.68 -43.50 40.02
C GLU F 279 28.17 -42.70 38.83
N PHE F 280 29.48 -42.62 38.64
CA PHE F 280 30.02 -41.84 37.54
C PHE F 280 31.08 -42.57 36.74
N VAL F 281 30.74 -43.04 35.55
CA VAL F 281 31.70 -43.74 34.71
C VAL F 281 32.46 -42.75 33.82
N LYS F 282 33.72 -43.07 33.55
CA LYS F 282 34.62 -42.24 32.75
C LYS F 282 34.29 -42.26 31.25
N ASN F 283 34.02 -43.46 30.74
CA ASN F 283 33.69 -43.64 29.34
C ASN F 283 32.27 -43.19 29.03
N PRO F 284 32.15 -42.19 28.15
CA PRO F 284 30.86 -41.62 27.74
C PRO F 284 30.11 -42.43 26.68
N ASP F 285 30.60 -43.62 26.37
CA ASP F 285 29.97 -44.48 25.37
C ASP F 285 29.37 -45.69 26.05
N ALA F 286 29.10 -45.56 27.34
CA ALA F 286 28.53 -46.66 28.09
C ALA F 286 27.02 -46.69 28.02
N ILE F 287 26.40 -45.52 27.81
CA ILE F 287 24.94 -45.44 27.73
C ILE F 287 24.36 -46.43 26.73
N PHE F 288 25.12 -46.75 25.68
CA PHE F 288 24.67 -47.68 24.64
C PHE F 288 24.44 -49.10 25.18
N LYS F 289 25.48 -49.66 25.78
CA LYS F 289 25.42 -51.02 26.32
C LYS F 289 24.55 -51.13 27.57
N LEU F 290 23.99 -50.00 27.99
CA LEU F 290 23.14 -49.97 29.17
C LEU F 290 21.89 -50.83 28.99
N ASP F 291 21.23 -51.18 30.09
CA ASP F 291 20.04 -52.02 30.01
C ASP F 291 18.83 -51.20 30.45
N VAL F 292 18.25 -50.48 29.49
CA VAL F 292 17.09 -49.65 29.75
C VAL F 292 15.97 -49.98 28.77
N ASP F 293 14.82 -49.35 28.97
CA ASP F 293 13.67 -49.58 28.11
C ASP F 293 13.70 -48.62 26.93
N ILE F 294 14.12 -47.40 27.21
CA ILE F 294 14.16 -46.35 26.20
C ILE F 294 15.50 -45.60 26.17
N PHE F 295 16.03 -45.44 24.96
CA PHE F 295 17.28 -44.73 24.77
C PHE F 295 17.04 -43.48 23.91
N VAL F 296 17.43 -42.32 24.45
CA VAL F 296 17.24 -41.02 23.79
C VAL F 296 18.54 -40.26 23.48
N PRO F 297 19.07 -40.44 22.26
CA PRO F 297 20.30 -39.74 21.89
C PRO F 297 19.94 -38.30 21.58
N ALA F 298 20.46 -37.38 22.37
CA ALA F 298 20.13 -36.00 22.13
C ALA F 298 21.38 -35.15 22.15
N ALA F 299 22.43 -35.66 21.49
CA ALA F 299 23.70 -34.98 21.45
C ALA F 299 24.13 -34.54 20.05
N ILE F 300 24.49 -35.51 19.20
CA ILE F 300 24.94 -35.25 17.82
C ILE F 300 24.51 -36.32 16.82
N GLU F 301 25.10 -36.29 15.64
CA GLU F 301 24.75 -37.26 14.61
C GLU F 301 25.72 -38.43 14.63
N ASN F 302 25.45 -39.41 13.78
CA ASN F 302 26.31 -40.56 13.64
C ASN F 302 26.63 -41.18 14.99
N VAL F 303 25.63 -41.25 15.86
CA VAL F 303 25.83 -41.78 17.19
C VAL F 303 25.58 -43.29 17.27
N ILE F 304 24.71 -43.77 16.40
CA ILE F 304 24.38 -45.18 16.34
C ILE F 304 24.63 -45.66 14.91
N ARG F 305 25.82 -46.23 14.71
CA ARG F 305 26.29 -46.74 13.43
C ARG F 305 26.28 -48.23 13.44
N GLY F 306 26.68 -48.85 12.33
CA GLY F 306 26.70 -50.29 12.25
C GLY F 306 27.75 -50.90 13.15
N ASP F 307 28.81 -50.15 13.44
CA ASP F 307 29.87 -50.67 14.28
C ASP F 307 29.55 -50.69 15.77
N ASN F 308 28.40 -50.15 16.17
CA ASN F 308 28.04 -50.16 17.59
C ASN F 308 26.54 -50.45 17.75
N ALA F 309 25.86 -50.73 16.66
CA ALA F 309 24.44 -51.00 16.72
C ALA F 309 24.15 -52.30 17.48
N GLY F 310 25.07 -53.26 17.38
CA GLY F 310 24.90 -54.54 18.08
C GLY F 310 24.82 -54.42 19.59
N LEU F 311 25.56 -53.47 20.17
CA LEU F 311 25.55 -53.27 21.62
C LEU F 311 24.48 -52.28 22.04
N VAL F 312 23.22 -52.63 21.76
CA VAL F 312 22.09 -51.77 22.11
C VAL F 312 20.96 -52.61 22.70
N LYS F 313 20.68 -52.37 23.97
CA LYS F 313 19.64 -53.11 24.71
C LYS F 313 18.26 -52.47 24.60
N ALA F 314 18.23 -51.14 24.58
CA ALA F 314 17.00 -50.37 24.49
C ALA F 314 16.04 -50.90 23.43
N ARG F 315 14.79 -51.16 23.79
CA ARG F 315 13.82 -51.66 22.82
C ARG F 315 13.00 -50.54 22.17
N LEU F 316 13.32 -49.31 22.56
CA LEU F 316 12.67 -48.13 22.00
C LEU F 316 13.69 -46.97 21.98
N VAL F 317 14.06 -46.53 20.77
CA VAL F 317 15.02 -45.43 20.60
C VAL F 317 14.37 -44.18 20.05
N VAL F 318 14.34 -43.14 20.86
CA VAL F 318 13.74 -41.88 20.45
C VAL F 318 14.84 -40.87 20.14
N GLU F 319 14.91 -40.50 18.86
CA GLU F 319 15.89 -39.56 18.37
C GLU F 319 15.62 -38.12 18.75
N GLY F 320 16.37 -37.62 19.72
CA GLY F 320 16.20 -36.25 20.15
C GLY F 320 17.16 -35.39 19.37
N ALA F 321 18.24 -35.98 18.87
CA ALA F 321 19.21 -35.20 18.11
C ALA F 321 18.92 -35.34 16.62
N ASN F 322 19.56 -34.52 15.79
CA ASN F 322 19.28 -34.64 14.36
C ASN F 322 20.09 -35.75 13.69
N GLY F 323 19.40 -36.73 13.14
CA GLY F 323 20.08 -37.83 12.47
C GLY F 323 21.15 -38.58 13.24
N PRO F 324 20.88 -39.04 14.49
CA PRO F 324 21.90 -39.76 15.24
C PRO F 324 22.00 -41.24 14.85
N THR F 325 20.99 -41.73 14.13
CA THR F 325 20.99 -43.13 13.69
C THR F 325 21.24 -43.17 12.20
N THR F 326 22.16 -44.02 11.80
CA THR F 326 22.54 -44.19 10.41
C THR F 326 21.61 -45.19 9.71
N PRO F 327 21.38 -45.02 8.40
CA PRO F 327 20.50 -45.92 7.65
C PRO F 327 20.88 -47.40 7.84
N GLU F 328 22.14 -47.61 8.15
CA GLU F 328 22.65 -48.95 8.40
C GLU F 328 22.20 -49.46 9.75
N ALA F 329 22.55 -48.71 10.80
CA ALA F 329 22.16 -49.09 12.15
C ALA F 329 20.64 -49.22 12.25
N GLU F 330 19.92 -48.36 11.50
CA GLU F 330 18.46 -48.43 11.47
C GLU F 330 17.98 -49.82 11.08
N ARG F 331 18.59 -50.33 9.99
CA ARG F 331 18.29 -51.66 9.45
C ARG F 331 18.53 -52.73 10.51
N ILE F 332 19.69 -52.64 11.16
CA ILE F 332 20.10 -53.58 12.20
C ILE F 332 19.12 -53.58 13.37
N LEU F 333 18.81 -52.38 13.86
CA LEU F 333 17.91 -52.23 15.00
C LEU F 333 16.51 -52.79 14.74
N TYR F 334 15.99 -52.58 13.55
CA TYR F 334 14.66 -53.08 13.27
C TYR F 334 14.61 -54.58 13.18
N GLU F 335 15.67 -55.19 12.63
CA GLU F 335 15.70 -56.64 12.50
C GLU F 335 16.16 -57.23 13.83
N ARG F 336 15.89 -56.52 14.92
CA ARG F 336 16.24 -56.98 16.26
C ARG F 336 15.06 -56.71 17.19
N GLY F 337 14.09 -55.97 16.66
CA GLY F 337 12.90 -55.63 17.43
C GLY F 337 13.01 -54.30 18.14
N VAL F 338 13.78 -53.40 17.57
CA VAL F 338 13.96 -52.09 18.17
C VAL F 338 13.43 -51.01 17.24
N VAL F 339 12.36 -50.33 17.66
CA VAL F 339 11.79 -49.26 16.84
C VAL F 339 12.37 -47.90 17.19
N VAL F 340 12.80 -47.17 16.17
CA VAL F 340 13.36 -45.84 16.40
C VAL F 340 12.40 -44.78 15.91
N VAL F 341 12.07 -43.85 16.81
CA VAL F 341 11.17 -42.76 16.50
C VAL F 341 11.96 -41.69 15.73
N PRO F 342 11.58 -41.43 14.48
CA PRO F 342 12.21 -40.45 13.59
C PRO F 342 12.44 -39.07 14.20
N ASP F 343 13.61 -38.51 13.99
CA ASP F 343 13.92 -37.18 14.46
C ASP F 343 12.95 -36.14 13.86
N ILE F 344 12.53 -36.31 12.60
CA ILE F 344 11.62 -35.35 11.95
C ILE F 344 10.30 -35.18 12.69
N LEU F 345 9.96 -36.22 13.43
CA LEU F 345 8.73 -36.22 14.19
C LEU F 345 9.00 -35.94 15.64
N ALA F 346 9.97 -36.62 16.22
CA ALA F 346 10.26 -36.44 17.63
C ALA F 346 10.71 -35.06 18.07
N ASN F 347 11.75 -34.52 17.46
CA ASN F 347 12.24 -33.19 17.87
C ASN F 347 11.51 -31.99 17.25
N ALA F 348 10.30 -32.21 16.75
CA ALA F 348 9.52 -31.12 16.15
C ALA F 348 8.89 -30.17 17.19
N GLY F 349 9.15 -30.42 18.48
CA GLY F 349 8.59 -29.57 19.52
C GLY F 349 9.10 -28.14 19.49
N GLY F 350 10.34 -27.96 19.08
CA GLY F 350 10.90 -26.62 18.99
C GLY F 350 10.22 -25.83 17.88
N VAL F 351 9.88 -26.51 16.78
CA VAL F 351 9.21 -25.85 15.66
C VAL F 351 7.78 -25.50 16.04
N ILE F 352 7.08 -26.44 16.67
CA ILE F 352 5.71 -26.17 17.09
C ILE F 352 5.69 -24.99 18.05
N MET F 353 6.69 -24.89 18.92
CA MET F 353 6.71 -23.76 19.84
C MET F 353 6.83 -22.47 19.06
N SER F 354 7.67 -22.44 18.03
CA SER F 354 7.84 -21.20 17.29
C SER F 354 6.55 -20.81 16.63
N TYR F 355 5.72 -21.82 16.36
CA TYR F 355 4.45 -21.58 15.72
C TYR F 355 3.47 -21.03 16.74
N LEU F 356 3.50 -21.59 17.93
CA LEU F 356 2.61 -21.13 19.00
C LEU F 356 2.95 -19.69 19.32
N GLU F 357 4.24 -19.35 19.20
CA GLU F 357 4.70 -17.98 19.48
C GLU F 357 4.09 -17.04 18.47
N TRP F 358 4.15 -17.44 17.21
CA TRP F 358 3.60 -16.68 16.10
C TRP F 358 2.10 -16.43 16.29
N VAL F 359 1.34 -17.47 16.61
CA VAL F 359 -0.12 -17.34 16.79
C VAL F 359 -0.46 -16.28 17.82
N GLU F 360 0.27 -16.30 18.94
CA GLU F 360 0.11 -15.34 20.02
C GLU F 360 0.42 -13.93 19.53
N ASN F 361 1.53 -13.78 18.81
CA ASN F 361 1.95 -12.49 18.28
C ASN F 361 0.91 -11.91 17.33
N LEU F 362 0.27 -12.75 16.54
CA LEU F 362 -0.75 -12.26 15.63
C LEU F 362 -1.98 -11.72 16.38
N GLN F 363 -2.24 -12.22 17.57
CA GLN F 363 -3.41 -11.73 18.27
C GLN F 363 -3.03 -10.84 19.45
N TRP F 364 -1.74 -10.52 19.54
CA TRP F 364 -1.18 -9.69 20.61
C TRP F 364 -1.58 -10.15 22.00
N TYR F 365 -1.78 -11.46 22.14
CA TYR F 365 -2.15 -12.07 23.40
C TYR F 365 -1.24 -13.26 23.71
N ILE F 366 -0.41 -13.12 24.74
CA ILE F 366 0.50 -14.19 25.13
C ILE F 366 -0.09 -15.08 26.22
N TRP F 367 -0.16 -16.38 25.94
CA TRP F 367 -0.71 -17.33 26.90
C TRP F 367 0.30 -17.68 27.99
N ASP F 368 -0.20 -18.34 29.04
CA ASP F 368 0.67 -18.70 30.13
C ASP F 368 1.35 -20.03 29.81
N GLU F 369 2.30 -20.43 30.65
CA GLU F 369 3.02 -21.67 30.41
C GLU F 369 2.12 -22.89 30.34
N GLU F 370 1.11 -22.93 31.20
CA GLU F 370 0.22 -24.08 31.21
C GLU F 370 -0.59 -24.18 29.91
N GLU F 371 -1.20 -23.08 29.49
CA GLU F 371 -1.98 -23.04 28.26
C GLU F 371 -1.06 -23.39 27.08
N THR F 372 0.11 -22.77 27.05
CA THR F 372 1.07 -22.99 25.97
C THR F 372 1.54 -24.43 25.94
N ARG F 373 1.91 -24.94 27.11
CA ARG F 373 2.41 -26.30 27.24
C ARG F 373 1.40 -27.34 26.77
N LYS F 374 0.12 -27.09 26.98
CA LYS F 374 -0.90 -28.02 26.53
C LYS F 374 -1.09 -27.98 25.02
N ARG F 375 -1.16 -26.79 24.44
CA ARG F 375 -1.35 -26.69 23.00
C ARG F 375 -0.23 -27.40 22.27
N LEU F 376 0.97 -27.31 22.85
CA LEU F 376 2.13 -27.96 22.27
C LEU F 376 1.96 -29.47 22.37
N GLU F 377 1.48 -29.96 23.52
CA GLU F 377 1.29 -31.39 23.74
C GLU F 377 0.25 -31.97 22.78
N ASN F 378 -0.94 -31.37 22.77
CA ASN F 378 -1.99 -31.87 21.89
C ASN F 378 -1.52 -32.04 20.47
N ILE F 379 -0.76 -31.09 19.95
CA ILE F 379 -0.25 -31.16 18.59
C ILE F 379 0.68 -32.35 18.41
N MET F 380 1.67 -32.43 19.29
CA MET F 380 2.66 -33.50 19.24
C MET F 380 1.99 -34.86 19.32
N VAL F 381 1.03 -34.97 20.23
CA VAL F 381 0.30 -36.21 20.44
C VAL F 381 -0.39 -36.61 19.16
N ASN F 382 -0.98 -35.63 18.49
CA ASN F 382 -1.69 -35.85 17.25
C ASN F 382 -0.75 -36.17 16.07
N ASN F 383 0.52 -35.73 16.12
CA ASN F 383 1.46 -36.02 15.03
C ASN F 383 1.82 -37.52 15.09
N VAL F 384 2.23 -37.99 16.27
CA VAL F 384 2.58 -39.39 16.45
C VAL F 384 1.47 -40.34 15.97
N GLU F 385 0.24 -40.09 16.42
CA GLU F 385 -0.89 -40.94 16.02
C GLU F 385 -1.06 -41.01 14.51
N ARG F 386 -0.76 -39.91 13.83
CA ARG F 386 -0.90 -39.86 12.40
C ARG F 386 0.17 -40.71 11.72
N VAL F 387 1.36 -40.73 12.30
CA VAL F 387 2.45 -41.52 11.76
C VAL F 387 2.29 -43.00 12.11
N TYR F 388 1.88 -43.27 13.35
CA TYR F 388 1.67 -44.64 13.84
C TYR F 388 0.67 -45.37 12.97
N LYS F 389 -0.53 -44.81 12.87
CA LYS F 389 -1.57 -45.43 12.07
C LYS F 389 -1.10 -45.83 10.66
N ARG F 390 -0.53 -44.87 9.94
CA ARG F 390 -0.03 -45.10 8.59
C ARG F 390 1.05 -46.18 8.60
N TRP F 391 1.88 -46.16 9.63
CA TRP F 391 2.95 -47.12 9.74
C TRP F 391 2.44 -48.53 9.88
N GLN F 392 1.31 -48.71 10.55
CA GLN F 392 0.76 -50.04 10.74
C GLN F 392 -0.02 -50.52 9.53
N ARG F 393 -0.45 -49.59 8.69
CA ARG F 393 -1.20 -49.92 7.48
C ARG F 393 -0.24 -50.53 6.45
N GLU F 394 1.06 -50.35 6.63
CA GLU F 394 2.02 -50.91 5.69
C GLU F 394 2.97 -51.89 6.37
N LYS F 395 3.28 -52.99 5.68
CA LYS F 395 4.19 -53.95 6.26
C LYS F 395 5.54 -53.83 5.53
N GLY F 396 6.61 -53.78 6.32
CA GLY F 396 7.96 -53.65 5.78
C GLY F 396 8.50 -52.24 5.87
N TRP F 397 7.66 -51.31 6.31
CA TRP F 397 8.06 -49.90 6.44
C TRP F 397 8.59 -49.67 7.84
N THR F 398 9.19 -48.51 8.06
CA THR F 398 9.70 -48.15 9.38
C THR F 398 9.05 -46.86 9.84
N MET F 399 9.24 -46.52 11.11
CA MET F 399 8.68 -45.27 11.59
C MET F 399 9.11 -44.14 10.62
N ARG F 400 10.41 -44.10 10.32
CA ARG F 400 10.96 -43.11 9.41
C ARG F 400 10.13 -43.02 8.14
N ASP F 401 10.05 -44.15 7.43
CA ASP F 401 9.30 -44.29 6.18
C ASP F 401 7.87 -43.73 6.24
N ALA F 402 7.19 -44.03 7.33
CA ALA F 402 5.81 -43.60 7.53
C ALA F 402 5.74 -42.09 7.66
N ALA F 403 6.70 -41.54 8.39
CA ALA F 403 6.78 -40.10 8.63
C ALA F 403 7.01 -39.31 7.36
N ILE F 404 7.97 -39.76 6.55
CA ILE F 404 8.31 -39.08 5.31
C ILE F 404 7.14 -39.09 4.34
N VAL F 405 6.48 -40.24 4.21
CA VAL F 405 5.33 -40.35 3.31
C VAL F 405 4.21 -39.52 3.87
N THR F 406 4.11 -39.48 5.19
CA THR F 406 3.04 -38.70 5.77
C THR F 406 3.23 -37.24 5.38
N ALA F 407 4.45 -36.75 5.52
CA ALA F 407 4.73 -35.36 5.15
C ALA F 407 4.42 -35.07 3.68
N LEU F 408 5.06 -35.81 2.77
CA LEU F 408 4.85 -35.59 1.34
C LEU F 408 3.36 -35.59 0.99
N GLU F 409 2.60 -36.44 1.65
CA GLU F 409 1.16 -36.57 1.42
C GLU F 409 0.35 -35.31 1.66
N ARG F 410 0.66 -34.65 2.78
CA ARG F 410 -0.01 -33.43 3.17
C ARG F 410 0.28 -32.35 2.15
N ILE F 411 1.50 -32.34 1.63
CA ILE F 411 1.92 -31.35 0.66
C ILE F 411 1.26 -31.63 -0.69
N TYR F 412 1.30 -32.89 -1.11
CA TYR F 412 0.71 -33.32 -2.37
C TYR F 412 -0.76 -32.92 -2.47
N ASN F 413 -1.51 -33.13 -1.39
CA ASN F 413 -2.92 -32.76 -1.41
C ASN F 413 -3.11 -31.29 -1.63
N ALA F 414 -2.37 -30.47 -0.88
CA ALA F 414 -2.48 -29.03 -1.00
C ALA F 414 -2.25 -28.59 -2.43
N MET F 415 -1.17 -29.06 -3.02
CA MET F 415 -0.83 -28.72 -4.38
C MET F 415 -1.87 -29.11 -5.43
N LYS F 416 -2.44 -30.30 -5.27
CA LYS F 416 -3.46 -30.82 -6.18
C LYS F 416 -4.73 -29.98 -6.14
N ILE F 417 -5.24 -29.78 -4.92
CA ILE F 417 -6.46 -29.00 -4.71
C ILE F 417 -6.28 -27.57 -5.19
N ARG F 418 -5.11 -27.02 -4.94
CA ARG F 418 -4.82 -25.66 -5.36
C ARG F 418 -4.62 -25.60 -6.87
N GLY F 419 -4.34 -26.74 -7.49
CA GLY F 419 -4.15 -26.72 -8.93
C GLY F 419 -2.70 -26.52 -9.32
N TRP F 420 -1.80 -26.90 -8.43
CA TRP F 420 -0.38 -26.74 -8.73
C TRP F 420 0.16 -27.93 -9.51
N ILE F 421 -0.50 -29.08 -9.41
CA ILE F 421 -0.04 -30.26 -10.09
C ILE F 421 -1.24 -31.14 -10.41
#